data_8D03
# 
_entry.id   8D03 
# 
_audit_conform.dict_name       mmcif_pdbx.dic 
_audit_conform.dict_version    5.389 
_audit_conform.dict_location   http://mmcif.pdb.org/dictionaries/ascii/mmcif_pdbx.dic 
# 
loop_
_database_2.database_id 
_database_2.database_code 
_database_2.pdbx_database_accession 
_database_2.pdbx_DOI 
PDB   8D03         pdb_00008d03 10.2210/pdb8d03/pdb 
WWPDB D_1000265633 ?            ?                   
# 
loop_
_pdbx_audit_revision_history.ordinal 
_pdbx_audit_revision_history.data_content_type 
_pdbx_audit_revision_history.major_revision 
_pdbx_audit_revision_history.minor_revision 
_pdbx_audit_revision_history.revision_date 
1 'Structure model' 1 0 2022-09-28 
2 'Structure model' 1 1 2022-10-19 
3 'Structure model' 1 2 2024-04-03 
# 
_pdbx_audit_revision_details.ordinal             1 
_pdbx_audit_revision_details.revision_ordinal    1 
_pdbx_audit_revision_details.data_content_type   'Structure model' 
_pdbx_audit_revision_details.provider            repository 
_pdbx_audit_revision_details.type                'Initial release' 
_pdbx_audit_revision_details.description         ? 
_pdbx_audit_revision_details.details             ? 
# 
loop_
_pdbx_audit_revision_group.ordinal 
_pdbx_audit_revision_group.revision_ordinal 
_pdbx_audit_revision_group.data_content_type 
_pdbx_audit_revision_group.group 
1 2 'Structure model' 'Database references'    
2 3 'Structure model' 'Data collection'        
3 3 'Structure model' 'Refinement description' 
# 
loop_
_pdbx_audit_revision_category.ordinal 
_pdbx_audit_revision_category.revision_ordinal 
_pdbx_audit_revision_category.data_content_type 
_pdbx_audit_revision_category.category 
1 2 'Structure model' citation                      
2 2 'Structure model' citation_author               
3 3 'Structure model' chem_comp_atom                
4 3 'Structure model' chem_comp_bond                
5 3 'Structure model' pdbx_initial_refinement_model 
# 
loop_
_pdbx_audit_revision_item.ordinal 
_pdbx_audit_revision_item.revision_ordinal 
_pdbx_audit_revision_item.data_content_type 
_pdbx_audit_revision_item.item 
1 2 'Structure model' '_citation.journal_volume'          
2 2 'Structure model' '_citation.page_first'              
3 2 'Structure model' '_citation.page_last'               
4 2 'Structure model' '_citation_author.identifier_ORCID' 
# 
_pdbx_database_status.status_code                     REL 
_pdbx_database_status.status_code_sf                  REL 
_pdbx_database_status.status_code_mr                  ? 
_pdbx_database_status.entry_id                        8D03 
_pdbx_database_status.recvd_initial_deposition_date   2022-05-25 
_pdbx_database_status.SG_entry                        N 
_pdbx_database_status.deposit_site                    RCSB 
_pdbx_database_status.process_site                    RCSB 
_pdbx_database_status.status_code_cs                  ? 
_pdbx_database_status.status_code_nmr_data            ? 
_pdbx_database_status.methods_development_category    ? 
_pdbx_database_status.pdb_format_compatible           Y 
# 
_pdbx_contact_author.id                 2 
_pdbx_contact_author.email              dabaker@uw.edu 
_pdbx_contact_author.name_first         David 
_pdbx_contact_author.name_last          Baker 
_pdbx_contact_author.name_mi            ? 
_pdbx_contact_author.role               'principal investigator/group leader' 
_pdbx_contact_author.identifier_ORCID   0000-0001-7896-6217 
# 
loop_
_audit_author.name 
_audit_author.pdbx_ordinal 
_audit_author.identifier_ORCID 
'Ragotte, R.J.' 1 0000-0002-6463-1595 
'Bera, A.K.'    2 0000-0001-9473-2912 
'Wicky, B.I.M.' 3 0000-0002-2501-7875 
'Milles, L.F.'  4 0000-0001-8417-3205 
'Baker, D.'     5 0000-0001-7896-6217 
# 
_citation.abstract                  ? 
_citation.abstract_id_CAS           ? 
_citation.book_id_ISBN              ? 
_citation.book_publisher            ? 
_citation.book_publisher_city       ? 
_citation.book_title                ? 
_citation.coordinate_linkage        ? 
_citation.country                   US 
_citation.database_id_Medline       ? 
_citation.details                   ? 
_citation.id                        primary 
_citation.journal_abbrev            Science 
_citation.journal_id_ASTM           SCIEAS 
_citation.journal_id_CSD            0038 
_citation.journal_id_ISSN           1095-9203 
_citation.journal_full              ? 
_citation.journal_issue             ? 
_citation.journal_volume            378 
_citation.language                  ? 
_citation.page_first                56 
_citation.page_last                 61 
_citation.title                     'Hallucinating symmetric protein assemblies.' 
_citation.year                      2022 
_citation.database_id_CSD           ? 
_citation.pdbx_database_id_DOI      10.1126/science.add1964 
_citation.pdbx_database_id_PubMed   36108048 
_citation.pdbx_database_id_patent   ? 
_citation.unpublished_flag          ? 
# 
loop_
_citation_author.citation_id 
_citation_author.name 
_citation_author.ordinal 
_citation_author.identifier_ORCID 
primary 'Wicky, B.I.M.' 1  ? 
primary 'Milles, L.F.'  2  ? 
primary 'Courbet, A.'   3  ? 
primary 'Ragotte, R.J.' 4  ? 
primary 'Dauparas, J.'  5  ? 
primary 'Kinfu, E.'     6  ? 
primary 'Tipps, S.'     7  ? 
primary 'Kibler, R.D.'  8  ? 
primary 'Baek, M.'      9  ? 
primary 'DiMaio, F.'    10 ? 
primary 'Li, X.'        11 ? 
primary 'Carter, L.'    12 ? 
primary 'Kang, A.'      13 ? 
primary 'Nguyen, H.'    14 ? 
primary 'Bera, A.K.'    15 ? 
primary 'Baker, D.'     16 ? 
# 
loop_
_entity.id 
_entity.type 
_entity.src_method 
_entity.pdbx_description 
_entity.formula_weight 
_entity.pdbx_number_of_molecules 
_entity.pdbx_ec 
_entity.pdbx_mutation 
_entity.pdbx_fragment 
_entity.details 
1 polymer man HALC2_068 8093.386 1  ? ? ? ? 
2 water   nat water     18.015   25 ? ? ? ? 
# 
_entity_poly.entity_id                      1 
_entity_poly.type                           'polypeptide(L)' 
_entity_poly.nstd_linkage                   no 
_entity_poly.nstd_monomer                   no 
_entity_poly.pdbx_seq_one_letter_code       MSGMIKVPEDLERIGRELRARGLDTKRLLEEGPKLYPELSIPDLMAIALYDHLNLDPEFLYRLLQQSRGS 
_entity_poly.pdbx_seq_one_letter_code_can   MSGMIKVPEDLERIGRELRARGLDTKRLLEEGPKLYPELSIPDLMAIALYDHLNLDPEFLYRLLQQSRGS 
_entity_poly.pdbx_strand_id                 A 
_entity_poly.pdbx_target_identifier         ? 
# 
_pdbx_entity_nonpoly.entity_id   2 
_pdbx_entity_nonpoly.name        water 
_pdbx_entity_nonpoly.comp_id     HOH 
# 
loop_
_entity_poly_seq.entity_id 
_entity_poly_seq.num 
_entity_poly_seq.mon_id 
_entity_poly_seq.hetero 
1 1  MET n 
1 2  SER n 
1 3  GLY n 
1 4  MET n 
1 5  ILE n 
1 6  LYS n 
1 7  VAL n 
1 8  PRO n 
1 9  GLU n 
1 10 ASP n 
1 11 LEU n 
1 12 GLU n 
1 13 ARG n 
1 14 ILE n 
1 15 GLY n 
1 16 ARG n 
1 17 GLU n 
1 18 LEU n 
1 19 ARG n 
1 20 ALA n 
1 21 ARG n 
1 22 GLY n 
1 23 LEU n 
1 24 ASP n 
1 25 THR n 
1 26 LYS n 
1 27 ARG n 
1 28 LEU n 
1 29 LEU n 
1 30 GLU n 
1 31 GLU n 
1 32 GLY n 
1 33 PRO n 
1 34 LYS n 
1 35 LEU n 
1 36 TYR n 
1 37 PRO n 
1 38 GLU n 
1 39 LEU n 
1 40 SER n 
1 41 ILE n 
1 42 PRO n 
1 43 ASP n 
1 44 LEU n 
1 45 MET n 
1 46 ALA n 
1 47 ILE n 
1 48 ALA n 
1 49 LEU n 
1 50 TYR n 
1 51 ASP n 
1 52 HIS n 
1 53 LEU n 
1 54 ASN n 
1 55 LEU n 
1 56 ASP n 
1 57 PRO n 
1 58 GLU n 
1 59 PHE n 
1 60 LEU n 
1 61 TYR n 
1 62 ARG n 
1 63 LEU n 
1 64 LEU n 
1 65 GLN n 
1 66 GLN n 
1 67 SER n 
1 68 ARG n 
1 69 GLY n 
1 70 SER n 
# 
_entity_src_gen.entity_id                          1 
_entity_src_gen.pdbx_src_id                        1 
_entity_src_gen.pdbx_alt_source_flag               sample 
_entity_src_gen.pdbx_seq_type                      'Biological sequence' 
_entity_src_gen.pdbx_beg_seq_num                   1 
_entity_src_gen.pdbx_end_seq_num                   70 
_entity_src_gen.gene_src_common_name               ? 
_entity_src_gen.gene_src_genus                     ? 
_entity_src_gen.pdbx_gene_src_gene                 ? 
_entity_src_gen.gene_src_species                   ? 
_entity_src_gen.gene_src_strain                    ? 
_entity_src_gen.gene_src_tissue                    ? 
_entity_src_gen.gene_src_tissue_fraction           ? 
_entity_src_gen.gene_src_details                   ? 
_entity_src_gen.pdbx_gene_src_fragment             ? 
_entity_src_gen.pdbx_gene_src_scientific_name      'synthetic construct' 
_entity_src_gen.pdbx_gene_src_ncbi_taxonomy_id     32630 
_entity_src_gen.pdbx_gene_src_variant              ? 
_entity_src_gen.pdbx_gene_src_cell_line            ? 
_entity_src_gen.pdbx_gene_src_atcc                 ? 
_entity_src_gen.pdbx_gene_src_organ                ? 
_entity_src_gen.pdbx_gene_src_organelle            ? 
_entity_src_gen.pdbx_gene_src_cell                 ? 
_entity_src_gen.pdbx_gene_src_cellular_location    ? 
_entity_src_gen.host_org_common_name               ? 
_entity_src_gen.pdbx_host_org_scientific_name      'Escherichia coli' 
_entity_src_gen.pdbx_host_org_ncbi_taxonomy_id     562 
_entity_src_gen.host_org_genus                     ? 
_entity_src_gen.pdbx_host_org_gene                 ? 
_entity_src_gen.pdbx_host_org_organ                ? 
_entity_src_gen.host_org_species                   ? 
_entity_src_gen.pdbx_host_org_tissue               ? 
_entity_src_gen.pdbx_host_org_tissue_fraction      ? 
_entity_src_gen.pdbx_host_org_strain               ? 
_entity_src_gen.pdbx_host_org_variant              ? 
_entity_src_gen.pdbx_host_org_cell_line            ? 
_entity_src_gen.pdbx_host_org_atcc                 ? 
_entity_src_gen.pdbx_host_org_culture_collection   ? 
_entity_src_gen.pdbx_host_org_cell                 ? 
_entity_src_gen.pdbx_host_org_organelle            ? 
_entity_src_gen.pdbx_host_org_cellular_location    ? 
_entity_src_gen.pdbx_host_org_vector_type          ? 
_entity_src_gen.pdbx_host_org_vector               ? 
_entity_src_gen.host_org_details                   ? 
_entity_src_gen.expression_system_id               ? 
_entity_src_gen.plasmid_name                       ? 
_entity_src_gen.plasmid_details                    ? 
_entity_src_gen.pdbx_description                   ? 
# 
loop_
_chem_comp.id 
_chem_comp.type 
_chem_comp.mon_nstd_flag 
_chem_comp.name 
_chem_comp.pdbx_synonyms 
_chem_comp.formula 
_chem_comp.formula_weight 
ALA 'L-peptide linking' y ALANINE         ? 'C3 H7 N O2'     89.093  
ARG 'L-peptide linking' y ARGININE        ? 'C6 H15 N4 O2 1' 175.209 
ASN 'L-peptide linking' y ASPARAGINE      ? 'C4 H8 N2 O3'    132.118 
ASP 'L-peptide linking' y 'ASPARTIC ACID' ? 'C4 H7 N O4'     133.103 
GLN 'L-peptide linking' y GLUTAMINE       ? 'C5 H10 N2 O3'   146.144 
GLU 'L-peptide linking' y 'GLUTAMIC ACID' ? 'C5 H9 N O4'     147.129 
GLY 'peptide linking'   y GLYCINE         ? 'C2 H5 N O2'     75.067  
HIS 'L-peptide linking' y HISTIDINE       ? 'C6 H10 N3 O2 1' 156.162 
HOH non-polymer         . WATER           ? 'H2 O'           18.015  
ILE 'L-peptide linking' y ISOLEUCINE      ? 'C6 H13 N O2'    131.173 
LEU 'L-peptide linking' y LEUCINE         ? 'C6 H13 N O2'    131.173 
LYS 'L-peptide linking' y LYSINE          ? 'C6 H15 N2 O2 1' 147.195 
MET 'L-peptide linking' y METHIONINE      ? 'C5 H11 N O2 S'  149.211 
PHE 'L-peptide linking' y PHENYLALANINE   ? 'C9 H11 N O2'    165.189 
PRO 'L-peptide linking' y PROLINE         ? 'C5 H9 N O2'     115.130 
SER 'L-peptide linking' y SERINE          ? 'C3 H7 N O3'     105.093 
THR 'L-peptide linking' y THREONINE       ? 'C4 H9 N O3'     119.119 
TYR 'L-peptide linking' y TYROSINE        ? 'C9 H11 N O3'    181.189 
VAL 'L-peptide linking' y VALINE          ? 'C5 H11 N O2'    117.146 
# 
loop_
_pdbx_poly_seq_scheme.asym_id 
_pdbx_poly_seq_scheme.entity_id 
_pdbx_poly_seq_scheme.seq_id 
_pdbx_poly_seq_scheme.mon_id 
_pdbx_poly_seq_scheme.ndb_seq_num 
_pdbx_poly_seq_scheme.pdb_seq_num 
_pdbx_poly_seq_scheme.auth_seq_num 
_pdbx_poly_seq_scheme.pdb_mon_id 
_pdbx_poly_seq_scheme.auth_mon_id 
_pdbx_poly_seq_scheme.pdb_strand_id 
_pdbx_poly_seq_scheme.pdb_ins_code 
_pdbx_poly_seq_scheme.hetero 
A 1 1  MET 1  -2 ?  ?   ?   A . n 
A 1 2  SER 2  -1 ?  ?   ?   A . n 
A 1 3  GLY 3  0  ?  ?   ?   A . n 
A 1 4  MET 4  1  1  MET MET A . n 
A 1 5  ILE 5  2  2  ILE ILE A . n 
A 1 6  LYS 6  3  3  LYS LYS A . n 
A 1 7  VAL 7  4  4  VAL VAL A . n 
A 1 8  PRO 8  5  5  PRO PRO A . n 
A 1 9  GLU 9  6  6  GLU GLU A . n 
A 1 10 ASP 10 7  7  ASP ASP A . n 
A 1 11 LEU 11 8  8  LEU LEU A . n 
A 1 12 GLU 12 9  9  GLU GLU A . n 
A 1 13 ARG 13 10 10 ARG ARG A . n 
A 1 14 ILE 14 11 11 ILE ILE A . n 
A 1 15 GLY 15 12 12 GLY GLY A . n 
A 1 16 ARG 16 13 13 ARG ARG A . n 
A 1 17 GLU 17 14 14 GLU GLU A . n 
A 1 18 LEU 18 15 15 LEU LEU A . n 
A 1 19 ARG 19 16 16 ARG ARG A . n 
A 1 20 ALA 20 17 17 ALA ALA A . n 
A 1 21 ARG 21 18 18 ARG ARG A . n 
A 1 22 GLY 22 19 19 GLY GLY A . n 
A 1 23 LEU 23 20 20 LEU LEU A . n 
A 1 24 ASP 24 21 21 ASP ASP A . n 
A 1 25 THR 25 22 22 THR THR A . n 
A 1 26 LYS 26 23 23 LYS LYS A . n 
A 1 27 ARG 27 24 24 ARG ARG A . n 
A 1 28 LEU 28 25 25 LEU LEU A . n 
A 1 29 LEU 29 26 26 LEU LEU A . n 
A 1 30 GLU 30 27 27 GLU GLU A . n 
A 1 31 GLU 31 28 28 GLU GLU A . n 
A 1 32 GLY 32 29 29 GLY GLY A . n 
A 1 33 PRO 33 30 30 PRO PRO A . n 
A 1 34 LYS 34 31 31 LYS LYS A . n 
A 1 35 LEU 35 32 32 LEU LEU A . n 
A 1 36 TYR 36 33 33 TYR TYR A . n 
A 1 37 PRO 37 34 34 PRO PRO A . n 
A 1 38 GLU 38 35 35 GLU GLU A . n 
A 1 39 LEU 39 36 36 LEU LEU A . n 
A 1 40 SER 40 37 37 SER SER A . n 
A 1 41 ILE 41 38 38 ILE ILE A . n 
A 1 42 PRO 42 39 39 PRO PRO A . n 
A 1 43 ASP 43 40 40 ASP ASP A . n 
A 1 44 LEU 44 41 41 LEU LEU A . n 
A 1 45 MET 45 42 42 MET MET A . n 
A 1 46 ALA 46 43 43 ALA ALA A . n 
A 1 47 ILE 47 44 44 ILE ILE A . n 
A 1 48 ALA 48 45 45 ALA ALA A . n 
A 1 49 LEU 49 46 46 LEU LEU A . n 
A 1 50 TYR 50 47 47 TYR TYR A . n 
A 1 51 ASP 51 48 48 ASP ASP A . n 
A 1 52 HIS 52 49 49 HIS HIS A . n 
A 1 53 LEU 53 50 50 LEU LEU A . n 
A 1 54 ASN 54 51 51 ASN ASN A . n 
A 1 55 LEU 55 52 52 LEU LEU A . n 
A 1 56 ASP 56 53 53 ASP ASP A . n 
A 1 57 PRO 57 54 54 PRO PRO A . n 
A 1 58 GLU 58 55 55 GLU GLU A . n 
A 1 59 PHE 59 56 56 PHE PHE A . n 
A 1 60 LEU 60 57 57 LEU LEU A . n 
A 1 61 TYR 61 58 58 TYR TYR A . n 
A 1 62 ARG 62 59 59 ARG ARG A . n 
A 1 63 LEU 63 60 60 LEU LEU A . n 
A 1 64 LEU 64 61 61 LEU LEU A . n 
A 1 65 GLN 65 62 62 GLN GLN A . n 
A 1 66 GLN 66 63 63 GLN GLN A . n 
A 1 67 SER 67 64 64 SER SER A . n 
A 1 68 ARG 68 65 65 ARG ARG A . n 
A 1 69 GLY 69 66 ?  ?   ?   A . n 
A 1 70 SER 70 67 ?  ?   ?   A . n 
# 
loop_
_pdbx_nonpoly_scheme.asym_id 
_pdbx_nonpoly_scheme.entity_id 
_pdbx_nonpoly_scheme.mon_id 
_pdbx_nonpoly_scheme.ndb_seq_num 
_pdbx_nonpoly_scheme.pdb_seq_num 
_pdbx_nonpoly_scheme.auth_seq_num 
_pdbx_nonpoly_scheme.pdb_mon_id 
_pdbx_nonpoly_scheme.auth_mon_id 
_pdbx_nonpoly_scheme.pdb_strand_id 
_pdbx_nonpoly_scheme.pdb_ins_code 
B 2 HOH 1  101 21 HOH HOH A . 
B 2 HOH 2  102 6  HOH HOH A . 
B 2 HOH 3  103 16 HOH HOH A . 
B 2 HOH 4  104 25 HOH HOH A . 
B 2 HOH 5  105 4  HOH HOH A . 
B 2 HOH 6  106 2  HOH HOH A . 
B 2 HOH 7  107 7  HOH HOH A . 
B 2 HOH 8  108 8  HOH HOH A . 
B 2 HOH 9  109 1  HOH HOH A . 
B 2 HOH 10 110 5  HOH HOH A . 
B 2 HOH 11 111 10 HOH HOH A . 
B 2 HOH 12 112 3  HOH HOH A . 
B 2 HOH 13 113 17 HOH HOH A . 
B 2 HOH 14 114 12 HOH HOH A . 
B 2 HOH 15 115 11 HOH HOH A . 
B 2 HOH 16 116 14 HOH HOH A . 
B 2 HOH 17 117 13 HOH HOH A . 
B 2 HOH 18 118 15 HOH HOH A . 
B 2 HOH 19 119 9  HOH HOH A . 
B 2 HOH 20 120 18 HOH HOH A . 
B 2 HOH 21 121 24 HOH HOH A . 
B 2 HOH 22 122 19 HOH HOH A . 
B 2 HOH 23 123 20 HOH HOH A . 
B 2 HOH 24 124 22 HOH HOH A . 
B 2 HOH 25 125 23 HOH HOH A . 
# 
loop_
_software.citation_id 
_software.classification 
_software.compiler_name 
_software.compiler_version 
_software.contact_author 
_software.contact_author_email 
_software.date 
_software.description 
_software.dependencies 
_software.hardware 
_software.language 
_software.location 
_software.mods 
_software.name 
_software.os 
_software.os_version 
_software.type 
_software.version 
_software.pdbx_ordinal 
? refinement       ? ? ? ? ? ? ? ? ? ? ? PHENIX ? ? ? 1.20.1_4487 1 
? 'data reduction' ? ? ? ? ? ? ? ? ? ? ? XDS    ? ? ? .           2 
? 'data scaling'   ? ? ? ? ? ? ? ? ? ? ? XSCALE ? ? ? .           3 
? phasing          ? ? ? ? ? ? ? ? ? ? ? PHASER ? ? ? .           4 
# 
_cell.angle_alpha                  90.000 
_cell.angle_alpha_esd              ? 
_cell.angle_beta                   90.000 
_cell.angle_beta_esd               ? 
_cell.angle_gamma                  120.000 
_cell.angle_gamma_esd              ? 
_cell.entry_id                     8D03 
_cell.details                      ? 
_cell.formula_units_Z              ? 
_cell.length_a                     70.635 
_cell.length_a_esd                 ? 
_cell.length_b                     70.635 
_cell.length_b_esd                 ? 
_cell.length_c                     31.382 
_cell.length_c_esd                 ? 
_cell.volume                       135596.565 
_cell.volume_esd                   ? 
_cell.Z_PDB                        6 
_cell.reciprocal_angle_alpha       ? 
_cell.reciprocal_angle_beta        ? 
_cell.reciprocal_angle_gamma       ? 
_cell.reciprocal_angle_alpha_esd   ? 
_cell.reciprocal_angle_beta_esd    ? 
_cell.reciprocal_angle_gamma_esd   ? 
_cell.reciprocal_length_a          ? 
_cell.reciprocal_length_b          ? 
_cell.reciprocal_length_c          ? 
_cell.reciprocal_length_a_esd      ? 
_cell.reciprocal_length_b_esd      ? 
_cell.reciprocal_length_c_esd      ? 
_cell.pdbx_unique_axis             ? 
_cell.pdbx_esd_method              ? 
# 
_symmetry.entry_id                         8D03 
_symmetry.cell_setting                     ? 
_symmetry.Int_Tables_number                154 
_symmetry.space_group_name_Hall            
;P 32 2"
;
_symmetry.space_group_name_H-M             'P 32 2 1' 
_symmetry.pdbx_full_space_group_name_H-M   ? 
# 
_exptl.absorpt_coefficient_mu     ? 
_exptl.absorpt_correction_T_max   ? 
_exptl.absorpt_correction_T_min   ? 
_exptl.absorpt_correction_type    ? 
_exptl.absorpt_process_details    ? 
_exptl.entry_id                   8D03 
_exptl.crystals_number            1 
_exptl.details                    ? 
_exptl.method                     'X-RAY DIFFRACTION' 
_exptl.method_details             ? 
# 
_exptl_crystal.colour                       ? 
_exptl_crystal.density_diffrn               ? 
_exptl_crystal.density_Matthews             2.79 
_exptl_crystal.density_method               ? 
_exptl_crystal.density_percent_sol          55.95 
_exptl_crystal.description                  ? 
_exptl_crystal.F_000                        ? 
_exptl_crystal.id                           1 
_exptl_crystal.preparation                  ? 
_exptl_crystal.size_max                     ? 
_exptl_crystal.size_mid                     ? 
_exptl_crystal.size_min                     ? 
_exptl_crystal.size_rad                     ? 
_exptl_crystal.colour_lustre                ? 
_exptl_crystal.colour_modifier              ? 
_exptl_crystal.colour_primary               ? 
_exptl_crystal.density_meas                 ? 
_exptl_crystal.density_meas_esd             ? 
_exptl_crystal.density_meas_gt              ? 
_exptl_crystal.density_meas_lt              ? 
_exptl_crystal.density_meas_temp            ? 
_exptl_crystal.density_meas_temp_esd        ? 
_exptl_crystal.density_meas_temp_gt         ? 
_exptl_crystal.density_meas_temp_lt         ? 
_exptl_crystal.pdbx_crystal_image_url       ? 
_exptl_crystal.pdbx_crystal_image_format    ? 
_exptl_crystal.pdbx_mosaicity               ? 
_exptl_crystal.pdbx_mosaicity_esd           ? 
_exptl_crystal.pdbx_mosaic_method           ? 
_exptl_crystal.pdbx_mosaic_block_size       ? 
_exptl_crystal.pdbx_mosaic_block_size_esd   ? 
# 
_exptl_crystal_grow.apparatus       ? 
_exptl_crystal_grow.atmosphere      ? 
_exptl_crystal_grow.crystal_id      1 
_exptl_crystal_grow.details         ? 
_exptl_crystal_grow.method          'VAPOR DIFFUSION, SITTING DROP' 
_exptl_crystal_grow.method_ref      ? 
_exptl_crystal_grow.pH              ? 
_exptl_crystal_grow.pressure        ? 
_exptl_crystal_grow.pressure_esd    ? 
_exptl_crystal_grow.seeding         ? 
_exptl_crystal_grow.seeding_ref     ? 
_exptl_crystal_grow.temp            293 
_exptl_crystal_grow.temp_details    ? 
_exptl_crystal_grow.temp_esd        ? 
_exptl_crystal_grow.time            ? 
_exptl_crystal_grow.pdbx_details    
;0.04 M Potassium phosphate
16% PEG 8000
;
_exptl_crystal_grow.pdbx_pH_range   ? 
# 
_diffrn.ambient_environment              ? 
_diffrn.ambient_temp                     100 
_diffrn.ambient_temp_details             ? 
_diffrn.ambient_temp_esd                 ? 
_diffrn.crystal_id                       1 
_diffrn.crystal_support                  ? 
_diffrn.crystal_treatment                ? 
_diffrn.details                          ? 
_diffrn.id                               1 
_diffrn.ambient_pressure                 ? 
_diffrn.ambient_pressure_esd             ? 
_diffrn.ambient_pressure_gt              ? 
_diffrn.ambient_pressure_lt              ? 
_diffrn.ambient_temp_gt                  ? 
_diffrn.ambient_temp_lt                  ? 
_diffrn.pdbx_serial_crystal_experiment   N 
# 
_diffrn_detector.details                      ? 
_diffrn_detector.detector                     PIXEL 
_diffrn_detector.diffrn_id                    1 
_diffrn_detector.type                         'DECTRIS EIGER2 X 16M' 
_diffrn_detector.area_resol_mean              ? 
_diffrn_detector.dtime                        ? 
_diffrn_detector.pdbx_frames_total            ? 
_diffrn_detector.pdbx_collection_time_total   ? 
_diffrn_detector.pdbx_collection_date         2022-02-19 
_diffrn_detector.pdbx_frequency               ? 
# 
_diffrn_radiation.collimation                      ? 
_diffrn_radiation.diffrn_id                        1 
_diffrn_radiation.filter_edge                      ? 
_diffrn_radiation.inhomogeneity                    ? 
_diffrn_radiation.monochromator                    ? 
_diffrn_radiation.polarisn_norm                    ? 
_diffrn_radiation.polarisn_ratio                   ? 
_diffrn_radiation.probe                            ? 
_diffrn_radiation.type                             ? 
_diffrn_radiation.xray_symbol                      ? 
_diffrn_radiation.wavelength_id                    1 
_diffrn_radiation.pdbx_monochromatic_or_laue_m_l   M 
_diffrn_radiation.pdbx_wavelength_list             ? 
_diffrn_radiation.pdbx_wavelength                  ? 
_diffrn_radiation.pdbx_diffrn_protocol             'SINGLE WAVELENGTH' 
_diffrn_radiation.pdbx_analyzer                    ? 
_diffrn_radiation.pdbx_scattering_type             x-ray 
# 
_diffrn_radiation_wavelength.id           1 
_diffrn_radiation_wavelength.wavelength   0.97918 
_diffrn_radiation_wavelength.wt           1.0 
# 
_diffrn_source.current                     ? 
_diffrn_source.details                     ? 
_diffrn_source.diffrn_id                   1 
_diffrn_source.power                       ? 
_diffrn_source.size                        ? 
_diffrn_source.source                      SYNCHROTRON 
_diffrn_source.target                      ? 
_diffrn_source.type                        'APS BEAMLINE 24-ID-C' 
_diffrn_source.voltage                     ? 
_diffrn_source.take-off_angle              ? 
_diffrn_source.pdbx_wavelength_list        0.97918 
_diffrn_source.pdbx_wavelength             ? 
_diffrn_source.pdbx_synchrotron_beamline   24-ID-C 
_diffrn_source.pdbx_synchrotron_site       APS 
# 
_reflns.B_iso_Wilson_estimate                          28.29 
_reflns.entry_id                                       8D03 
_reflns.data_reduction_details                         ? 
_reflns.data_reduction_method                          ? 
_reflns.d_resolution_high                              1.75 
_reflns.d_resolution_low                               21.9 
_reflns.details                                        ? 
_reflns.limit_h_max                                    ? 
_reflns.limit_h_min                                    ? 
_reflns.limit_k_max                                    ? 
_reflns.limit_k_min                                    ? 
_reflns.limit_l_max                                    ? 
_reflns.limit_l_min                                    ? 
_reflns.number_all                                     ? 
_reflns.number_obs                                     9287 
_reflns.observed_criterion                             ? 
_reflns.observed_criterion_F_max                       ? 
_reflns.observed_criterion_F_min                       ? 
_reflns.observed_criterion_I_max                       ? 
_reflns.observed_criterion_I_min                       ? 
_reflns.observed_criterion_sigma_F                     ? 
_reflns.observed_criterion_sigma_I                     ? 
_reflns.percent_possible_obs                           98.89 
_reflns.R_free_details                                 ? 
_reflns.Rmerge_F_all                                   ? 
_reflns.Rmerge_F_obs                                   ? 
_reflns.Friedel_coverage                               ? 
_reflns.number_gt                                      ? 
_reflns.threshold_expression                           ? 
_reflns.pdbx_redundancy                                9.8 
_reflns.pdbx_Rmerge_I_obs                              ? 
_reflns.pdbx_Rmerge_I_all                              ? 
_reflns.pdbx_Rsym_value                                ? 
_reflns.pdbx_netI_over_av_sigmaI                       ? 
_reflns.pdbx_netI_over_sigmaI                          8.85 
_reflns.pdbx_res_netI_over_av_sigmaI_2                 ? 
_reflns.pdbx_res_netI_over_sigmaI_2                    ? 
_reflns.pdbx_chi_squared                               ? 
_reflns.pdbx_scaling_rejects                           ? 
_reflns.pdbx_d_res_high_opt                            ? 
_reflns.pdbx_d_res_low_opt                             ? 
_reflns.pdbx_d_res_opt_method                          ? 
_reflns.phase_calculation_details                      ? 
_reflns.pdbx_Rrim_I_all                                ? 
_reflns.pdbx_Rpim_I_all                                ? 
_reflns.pdbx_d_opt                                     ? 
_reflns.pdbx_number_measured_all                       ? 
_reflns.pdbx_diffrn_id                                 1 
_reflns.pdbx_ordinal                                   1 
_reflns.pdbx_CC_half                                   0.950 
_reflns.pdbx_CC_star                                   0.987 
_reflns.pdbx_R_split                                   ? 
_reflns.pdbx_aniso_diffraction_limit_axis_1_ortho[1]   ? 
_reflns.pdbx_aniso_diffraction_limit_axis_1_ortho[2]   ? 
_reflns.pdbx_aniso_diffraction_limit_axis_1_ortho[3]   ? 
_reflns.pdbx_aniso_diffraction_limit_axis_2_ortho[1]   ? 
_reflns.pdbx_aniso_diffraction_limit_axis_2_ortho[2]   ? 
_reflns.pdbx_aniso_diffraction_limit_axis_2_ortho[3]   ? 
_reflns.pdbx_aniso_diffraction_limit_axis_3_ortho[1]   ? 
_reflns.pdbx_aniso_diffraction_limit_axis_3_ortho[2]   ? 
_reflns.pdbx_aniso_diffraction_limit_axis_3_ortho[3]   ? 
_reflns.pdbx_aniso_diffraction_limit_1                 ? 
_reflns.pdbx_aniso_diffraction_limit_2                 ? 
_reflns.pdbx_aniso_diffraction_limit_3                 ? 
_reflns.pdbx_aniso_B_tensor_eigenvector_1_ortho[1]     ? 
_reflns.pdbx_aniso_B_tensor_eigenvector_1_ortho[2]     ? 
_reflns.pdbx_aniso_B_tensor_eigenvector_1_ortho[3]     ? 
_reflns.pdbx_aniso_B_tensor_eigenvector_2_ortho[1]     ? 
_reflns.pdbx_aniso_B_tensor_eigenvector_2_ortho[2]     ? 
_reflns.pdbx_aniso_B_tensor_eigenvector_2_ortho[3]     ? 
_reflns.pdbx_aniso_B_tensor_eigenvector_3_ortho[1]     ? 
_reflns.pdbx_aniso_B_tensor_eigenvector_3_ortho[2]     ? 
_reflns.pdbx_aniso_B_tensor_eigenvector_3_ortho[3]     ? 
_reflns.pdbx_aniso_B_tensor_eigenvalue_1               ? 
_reflns.pdbx_aniso_B_tensor_eigenvalue_2               ? 
_reflns.pdbx_aniso_B_tensor_eigenvalue_3               ? 
_reflns.pdbx_orthogonalization_convention              ? 
_reflns.pdbx_percent_possible_ellipsoidal              ? 
_reflns.pdbx_percent_possible_spherical                ? 
_reflns.pdbx_percent_possible_ellipsoidal_anomalous    ? 
_reflns.pdbx_percent_possible_spherical_anomalous      ? 
_reflns.pdbx_redundancy_anomalous                      ? 
_reflns.pdbx_CC_half_anomalous                         ? 
_reflns.pdbx_absDiff_over_sigma_anomalous              ? 
_reflns.pdbx_percent_possible_anomalous                ? 
_reflns.pdbx_observed_signal_threshold                 ? 
_reflns.pdbx_signal_type                               ? 
_reflns.pdbx_signal_details                            ? 
_reflns.pdbx_signal_software_id                        ? 
_reflns.pdbx_CC_split_method                           ? 
# 
_reflns_shell.d_res_high                                    1.751 
_reflns_shell.d_res_low                                     1.813 
_reflns_shell.meanI_over_sigI_all                           ? 
_reflns_shell.meanI_over_sigI_obs                           1.33 
_reflns_shell.number_measured_all                           ? 
_reflns_shell.number_measured_obs                           ? 
_reflns_shell.number_possible                               ? 
_reflns_shell.number_unique_all                             ? 
_reflns_shell.number_unique_obs                             819 
_reflns_shell.percent_possible_all                          89.99 
_reflns_shell.percent_possible_obs                          ? 
_reflns_shell.Rmerge_F_all                                  ? 
_reflns_shell.Rmerge_F_obs                                  ? 
_reflns_shell.Rmerge_I_all                                  ? 
_reflns_shell.Rmerge_I_obs                                  ? 
_reflns_shell.meanI_over_sigI_gt                            ? 
_reflns_shell.meanI_over_uI_all                             ? 
_reflns_shell.meanI_over_uI_gt                              ? 
_reflns_shell.number_measured_gt                            ? 
_reflns_shell.number_unique_gt                              ? 
_reflns_shell.percent_possible_gt                           ? 
_reflns_shell.Rmerge_F_gt                                   ? 
_reflns_shell.Rmerge_I_gt                                   ? 
_reflns_shell.pdbx_redundancy                               ? 
_reflns_shell.pdbx_Rsym_value                               ? 
_reflns_shell.pdbx_chi_squared                              ? 
_reflns_shell.pdbx_netI_over_sigmaI_all                     ? 
_reflns_shell.pdbx_netI_over_sigmaI_obs                     ? 
_reflns_shell.pdbx_Rrim_I_all                               ? 
_reflns_shell.pdbx_Rpim_I_all                               ? 
_reflns_shell.pdbx_rejects                                  ? 
_reflns_shell.pdbx_ordinal                                  1 
_reflns_shell.pdbx_diffrn_id                                1 
_reflns_shell.pdbx_CC_half                                  0.566 
_reflns_shell.pdbx_CC_star                                  ? 
_reflns_shell.pdbx_R_split                                  ? 
_reflns_shell.pdbx_percent_possible_ellipsoidal             ? 
_reflns_shell.pdbx_percent_possible_spherical               ? 
_reflns_shell.pdbx_percent_possible_ellipsoidal_anomalous   ? 
_reflns_shell.pdbx_percent_possible_spherical_anomalous     ? 
_reflns_shell.pdbx_redundancy_anomalous                     ? 
_reflns_shell.pdbx_CC_half_anomalous                        ? 
_reflns_shell.pdbx_absDiff_over_sigma_anomalous             ? 
_reflns_shell.pdbx_percent_possible_anomalous               ? 
# 
_refine.aniso_B[1][1]                            ? 
_refine.aniso_B[1][2]                            ? 
_refine.aniso_B[1][3]                            ? 
_refine.aniso_B[2][2]                            ? 
_refine.aniso_B[2][3]                            ? 
_refine.aniso_B[3][3]                            ? 
_refine.B_iso_max                                ? 
_refine.B_iso_mean                               35.68 
_refine.B_iso_min                                ? 
_refine.correlation_coeff_Fo_to_Fc               ? 
_refine.correlation_coeff_Fo_to_Fc_free          ? 
_refine.details                                  ? 
_refine.diff_density_max                         ? 
_refine.diff_density_max_esd                     ? 
_refine.diff_density_min                         ? 
_refine.diff_density_min_esd                     ? 
_refine.diff_density_rms                         ? 
_refine.diff_density_rms_esd                     ? 
_refine.entry_id                                 8D03 
_refine.pdbx_refine_id                           'X-RAY DIFFRACTION' 
_refine.ls_abs_structure_details                 ? 
_refine.ls_abs_structure_Flack                   ? 
_refine.ls_abs_structure_Flack_esd               ? 
_refine.ls_abs_structure_Rogers                  ? 
_refine.ls_abs_structure_Rogers_esd              ? 
_refine.ls_d_res_high                            1.75 
_refine.ls_d_res_low                             21.90 
_refine.ls_extinction_coef                       ? 
_refine.ls_extinction_coef_esd                   ? 
_refine.ls_extinction_expression                 ? 
_refine.ls_extinction_method                     ? 
_refine.ls_goodness_of_fit_all                   ? 
_refine.ls_goodness_of_fit_all_esd               ? 
_refine.ls_goodness_of_fit_obs                   ? 
_refine.ls_goodness_of_fit_obs_esd               ? 
_refine.ls_hydrogen_treatment                    ? 
_refine.ls_matrix_type                           ? 
_refine.ls_number_constraints                    ? 
_refine.ls_number_parameters                     ? 
_refine.ls_number_reflns_all                     ? 
_refine.ls_number_reflns_obs                     9215 
_refine.ls_number_reflns_R_free                  419 
_refine.ls_number_reflns_R_work                  8796 
_refine.ls_number_restraints                     ? 
_refine.ls_percent_reflns_obs                    99.00 
_refine.ls_percent_reflns_R_free                 4.55 
_refine.ls_R_factor_all                          ? 
_refine.ls_R_factor_obs                          0.1910 
_refine.ls_R_factor_R_free                       0.2054 
_refine.ls_R_factor_R_free_error                 ? 
_refine.ls_R_factor_R_free_error_details         ? 
_refine.ls_R_factor_R_work                       0.1904 
_refine.ls_R_Fsqd_factor_obs                     ? 
_refine.ls_R_I_factor_obs                        ? 
_refine.ls_redundancy_reflns_all                 ? 
_refine.ls_redundancy_reflns_obs                 ? 
_refine.ls_restrained_S_all                      ? 
_refine.ls_restrained_S_obs                      ? 
_refine.ls_shift_over_esd_max                    ? 
_refine.ls_shift_over_esd_mean                   ? 
_refine.ls_structure_factor_coef                 ? 
_refine.ls_weighting_details                     ? 
_refine.ls_weighting_scheme                      ? 
_refine.ls_wR_factor_all                         ? 
_refine.ls_wR_factor_obs                         ? 
_refine.ls_wR_factor_R_free                      ? 
_refine.ls_wR_factor_R_work                      ? 
_refine.occupancy_max                            ? 
_refine.occupancy_min                            ? 
_refine.solvent_model_details                    'FLAT BULK SOLVENT MODEL' 
_refine.solvent_model_param_bsol                 ? 
_refine.solvent_model_param_ksol                 ? 
_refine.pdbx_R_complete                          ? 
_refine.ls_R_factor_gt                           ? 
_refine.ls_goodness_of_fit_gt                    ? 
_refine.ls_goodness_of_fit_ref                   ? 
_refine.ls_shift_over_su_max                     ? 
_refine.ls_shift_over_su_max_lt                  ? 
_refine.ls_shift_over_su_mean                    ? 
_refine.ls_shift_over_su_mean_lt                 ? 
_refine.pdbx_ls_sigma_I                          ? 
_refine.pdbx_ls_sigma_F                          1.35 
_refine.pdbx_ls_sigma_Fsqd                       ? 
_refine.pdbx_data_cutoff_high_absF               ? 
_refine.pdbx_data_cutoff_high_rms_absF           ? 
_refine.pdbx_data_cutoff_low_absF                ? 
_refine.pdbx_isotropic_thermal_model             ? 
_refine.pdbx_ls_cross_valid_method               'FREE R-VALUE' 
_refine.pdbx_method_to_determine_struct          'MOLECULAR REPLACEMENT' 
_refine.pdbx_starting_model                      'Design model' 
_refine.pdbx_stereochemistry_target_values       'GeoStd + Monomer Library + CDL v1.2' 
_refine.pdbx_R_Free_selection_details            ? 
_refine.pdbx_stereochem_target_val_spec_case     ? 
_refine.pdbx_overall_ESU_R                       ? 
_refine.pdbx_overall_ESU_R_Free                  ? 
_refine.pdbx_solvent_vdw_probe_radii             1.1000 
_refine.pdbx_solvent_ion_probe_radii             ? 
_refine.pdbx_solvent_shrinkage_radii             0.9000 
_refine.pdbx_real_space_R                        ? 
_refine.pdbx_density_correlation                 ? 
_refine.pdbx_pd_number_of_powder_patterns        ? 
_refine.pdbx_pd_number_of_points                 ? 
_refine.pdbx_pd_meas_number_of_points            ? 
_refine.pdbx_pd_proc_ls_prof_R_factor            ? 
_refine.pdbx_pd_proc_ls_prof_wR_factor           ? 
_refine.pdbx_pd_Marquardt_correlation_coeff      ? 
_refine.pdbx_pd_Fsqrd_R_factor                   ? 
_refine.pdbx_pd_ls_matrix_band_width             ? 
_refine.pdbx_overall_phase_error                 20.6297 
_refine.pdbx_overall_SU_R_free_Cruickshank_DPI   ? 
_refine.pdbx_overall_SU_R_free_Blow_DPI          ? 
_refine.pdbx_overall_SU_R_Blow_DPI               ? 
_refine.pdbx_TLS_residual_ADP_flag               ? 
_refine.pdbx_diffrn_id                           1 
_refine.overall_SU_B                             ? 
_refine.overall_SU_ML                            0.0698 
_refine.overall_SU_R_Cruickshank_DPI             ? 
_refine.overall_SU_R_free                        ? 
_refine.overall_FOM_free_R_set                   ? 
_refine.overall_FOM_work_R_set                   ? 
_refine.pdbx_average_fsc_overall                 ? 
_refine.pdbx_average_fsc_work                    ? 
_refine.pdbx_average_fsc_free                    ? 
# 
_refine_hist.pdbx_refine_id                   'X-RAY DIFFRACTION' 
_refine_hist.cycle_id                         LAST 
_refine_hist.details                          ? 
_refine_hist.d_res_high                       1.75 
_refine_hist.d_res_low                        21.90 
_refine_hist.number_atoms_solvent             25 
_refine_hist.number_atoms_total               563 
_refine_hist.number_reflns_all                ? 
_refine_hist.number_reflns_obs                ? 
_refine_hist.number_reflns_R_free             ? 
_refine_hist.number_reflns_R_work             ? 
_refine_hist.R_factor_all                     ? 
_refine_hist.R_factor_obs                     ? 
_refine_hist.R_factor_R_free                  ? 
_refine_hist.R_factor_R_work                  ? 
_refine_hist.pdbx_number_residues_total       ? 
_refine_hist.pdbx_B_iso_mean_ligand           ? 
_refine_hist.pdbx_B_iso_mean_solvent          ? 
_refine_hist.pdbx_number_atoms_protein        538 
_refine_hist.pdbx_number_atoms_nucleic_acid   0 
_refine_hist.pdbx_number_atoms_ligand         0 
_refine_hist.pdbx_number_atoms_lipid          ? 
_refine_hist.pdbx_number_atoms_carb           ? 
_refine_hist.pdbx_pseudo_atom_details         ? 
# 
loop_
_refine_ls_restr.pdbx_refine_id 
_refine_ls_restr.criterion 
_refine_ls_restr.dev_ideal 
_refine_ls_restr.dev_ideal_target 
_refine_ls_restr.number 
_refine_ls_restr.rejects 
_refine_ls_restr.type 
_refine_ls_restr.weight 
_refine_ls_restr.pdbx_restraint_function 
'X-RAY DIFFRACTION' ? 0.0061  ? 547 ? f_bond_d           ? ? 
'X-RAY DIFFRACTION' ? 0.7670  ? 737 ? f_angle_d          ? ? 
'X-RAY DIFFRACTION' ? 0.0409  ? 82  ? f_chiral_restr     ? ? 
'X-RAY DIFFRACTION' ? 0.0071  ? 96  ? f_plane_restr      ? ? 
'X-RAY DIFFRACTION' ? 14.8227 ? 224 ? f_dihedral_angle_d ? ? 
# 
loop_
_refine_ls_shell.pdbx_refine_id 
_refine_ls_shell.d_res_high 
_refine_ls_shell.d_res_low 
_refine_ls_shell.number_reflns_all 
_refine_ls_shell.number_reflns_obs 
_refine_ls_shell.number_reflns_R_free 
_refine_ls_shell.number_reflns_R_work 
_refine_ls_shell.percent_reflns_obs 
_refine_ls_shell.percent_reflns_R_free 
_refine_ls_shell.R_factor_all 
_refine_ls_shell.R_factor_obs 
_refine_ls_shell.R_factor_R_free 
_refine_ls_shell.R_factor_R_free_error 
_refine_ls_shell.R_factor_R_work 
_refine_ls_shell.redundancy_reflns_all 
_refine_ls_shell.redundancy_reflns_obs 
_refine_ls_shell.wR_factor_all 
_refine_ls_shell.wR_factor_obs 
_refine_ls_shell.wR_factor_R_free 
_refine_ls_shell.wR_factor_R_work 
_refine_ls_shell.pdbx_R_complete 
_refine_ls_shell.pdbx_total_number_of_bins_used 
_refine_ls_shell.pdbx_phase_error 
_refine_ls_shell.pdbx_fsc_work 
_refine_ls_shell.pdbx_fsc_free 
'X-RAY DIFFRACTION' 1.75 2.00  . . 137 2821 97.02  . . . 0.2438 . 0.2336 . . . . . . . . . . . 
'X-RAY DIFFRACTION' 2.00 2.52  . . 130 2944 99.93  . . . 0.2000 . 0.1832 . . . . . . . . . . . 
'X-RAY DIFFRACTION' 2.52 21.90 . . 152 3031 100.00 . . . 0.2013 . 0.1865 . . . . . . . . . . . 
# 
_struct.entry_id                     8D03 
_struct.title                        'Hallucinated C2 protein assembly HALC2_068' 
_struct.pdbx_model_details           ? 
_struct.pdbx_formula_weight          ? 
_struct.pdbx_formula_weight_method   ? 
_struct.pdbx_model_type_details      ? 
_struct.pdbx_CASP_flag               N 
# 
_struct_keywords.entry_id        8D03 
_struct_keywords.text            'De novo design Hallucination Cyclic Oligomer ProteinMPNN, DE NOVO PROTEIN' 
_struct_keywords.pdbx_keywords   'DE NOVO PROTEIN' 
# 
loop_
_struct_asym.id 
_struct_asym.pdbx_blank_PDB_chainid_flag 
_struct_asym.pdbx_modified 
_struct_asym.entity_id 
_struct_asym.details 
A N N 1 ? 
B N N 2 ? 
# 
_struct_ref.id                         1 
_struct_ref.db_name                    PDB 
_struct_ref.db_code                    8D03 
_struct_ref.pdbx_db_accession          8D03 
_struct_ref.pdbx_db_isoform            ? 
_struct_ref.entity_id                  1 
_struct_ref.pdbx_seq_one_letter_code   ? 
_struct_ref.pdbx_align_begin           1 
# 
_struct_ref_seq.align_id                      1 
_struct_ref_seq.ref_id                        1 
_struct_ref_seq.pdbx_PDB_id_code              8D03 
_struct_ref_seq.pdbx_strand_id                A 
_struct_ref_seq.seq_align_beg                 1 
_struct_ref_seq.pdbx_seq_align_beg_ins_code   ? 
_struct_ref_seq.seq_align_end                 70 
_struct_ref_seq.pdbx_seq_align_end_ins_code   ? 
_struct_ref_seq.pdbx_db_accession             8D03 
_struct_ref_seq.db_align_beg                  -2 
_struct_ref_seq.pdbx_db_align_beg_ins_code    ? 
_struct_ref_seq.db_align_end                  67 
_struct_ref_seq.pdbx_db_align_end_ins_code    ? 
_struct_ref_seq.pdbx_auth_seq_align_beg       -2 
_struct_ref_seq.pdbx_auth_seq_align_end       67 
# 
_pdbx_struct_assembly.id                   1 
_pdbx_struct_assembly.details              author_and_software_defined_assembly 
_pdbx_struct_assembly.method_details       PISA 
_pdbx_struct_assembly.oligomeric_details   dimeric 
_pdbx_struct_assembly.oligomeric_count     2 
# 
loop_
_pdbx_struct_assembly_prop.biol_id 
_pdbx_struct_assembly_prop.type 
_pdbx_struct_assembly_prop.value 
_pdbx_struct_assembly_prop.details 
1 'ABSA (A^2)' 1680 ? 
1 MORE         -26  ? 
1 'SSA (A^2)'  6740 ? 
# 
_pdbx_struct_assembly_gen.assembly_id       1 
_pdbx_struct_assembly_gen.oper_expression   1,2 
_pdbx_struct_assembly_gen.asym_id_list      A,B 
# 
_pdbx_struct_assembly_auth_evidence.id                     1 
_pdbx_struct_assembly_auth_evidence.assembly_id            1 
_pdbx_struct_assembly_auth_evidence.experimental_support   'light scattering' 
_pdbx_struct_assembly_auth_evidence.details                ? 
# 
loop_
_pdbx_struct_oper_list.id 
_pdbx_struct_oper_list.type 
_pdbx_struct_oper_list.name 
_pdbx_struct_oper_list.symmetry_operation 
_pdbx_struct_oper_list.matrix[1][1] 
_pdbx_struct_oper_list.matrix[1][2] 
_pdbx_struct_oper_list.matrix[1][3] 
_pdbx_struct_oper_list.vector[1] 
_pdbx_struct_oper_list.matrix[2][1] 
_pdbx_struct_oper_list.matrix[2][2] 
_pdbx_struct_oper_list.matrix[2][3] 
_pdbx_struct_oper_list.vector[2] 
_pdbx_struct_oper_list.matrix[3][1] 
_pdbx_struct_oper_list.matrix[3][2] 
_pdbx_struct_oper_list.matrix[3][3] 
_pdbx_struct_oper_list.vector[3] 
1 'identity operation'         1_555 x,y,z         1.0000000000 0.0000000000  0.0000000000 0.0000000000  0.0000000000  1.0000000000  0.0000000000  0.0000000000 0.0000000000 0.0000000000  1.0000000000  0.0000000000  
2 'crystal symmetry operation' 5_554 x-y,-y,-z-2/3 0.0893756757 -0.5196615502 0.8496845661 -9.1799187740 -0.5196615502 -0.7521074384 -0.4053224325 3.3149753171 0.8496845661 -0.4053224325 -0.3372682373 13.7969381786 
# 
loop_
_struct_conf.conf_type_id 
_struct_conf.id 
_struct_conf.pdbx_PDB_helix_id 
_struct_conf.beg_label_comp_id 
_struct_conf.beg_label_asym_id 
_struct_conf.beg_label_seq_id 
_struct_conf.pdbx_beg_PDB_ins_code 
_struct_conf.end_label_comp_id 
_struct_conf.end_label_asym_id 
_struct_conf.end_label_seq_id 
_struct_conf.pdbx_end_PDB_ins_code 
_struct_conf.beg_auth_comp_id 
_struct_conf.beg_auth_asym_id 
_struct_conf.beg_auth_seq_id 
_struct_conf.end_auth_comp_id 
_struct_conf.end_auth_asym_id 
_struct_conf.end_auth_seq_id 
_struct_conf.pdbx_PDB_helix_class 
_struct_conf.details 
_struct_conf.pdbx_PDB_helix_length 
HELX_P HELX_P1 AA1 VAL A 7  ? ARG A 21 ? VAL A 4  ARG A 18 1 ? 15 
HELX_P HELX_P2 AA2 ASP A 24 ? TYR A 36 ? ASP A 21 TYR A 33 1 ? 13 
HELX_P HELX_P3 AA3 SER A 40 ? ASN A 54 ? SER A 37 ASN A 51 1 ? 15 
HELX_P HELX_P4 AA4 ASP A 56 ? ARG A 68 ? ASP A 53 ARG A 65 1 ? 13 
# 
_struct_conf_type.id          HELX_P 
_struct_conf_type.criteria    ? 
_struct_conf_type.reference   ? 
# 
loop_
_space_group_symop.id 
_space_group_symop.operation_xyz 
1 x,y,z          
2 -y,x-y,z+2/3   
3 -x+y,-x,z+1/3  
4 x-y,-y,-z+1/3  
5 -x,-x+y,-z+2/3 
6 y,x,-z         
# 
loop_
_pdbx_unobs_or_zero_occ_residues.id 
_pdbx_unobs_or_zero_occ_residues.PDB_model_num 
_pdbx_unobs_or_zero_occ_residues.polymer_flag 
_pdbx_unobs_or_zero_occ_residues.occupancy_flag 
_pdbx_unobs_or_zero_occ_residues.auth_asym_id 
_pdbx_unobs_or_zero_occ_residues.auth_comp_id 
_pdbx_unobs_or_zero_occ_residues.auth_seq_id 
_pdbx_unobs_or_zero_occ_residues.PDB_ins_code 
_pdbx_unobs_or_zero_occ_residues.label_asym_id 
_pdbx_unobs_or_zero_occ_residues.label_comp_id 
_pdbx_unobs_or_zero_occ_residues.label_seq_id 
1 1 Y 1 A MET -2 ? A MET 1  
2 1 Y 1 A SER -1 ? A SER 2  
3 1 Y 1 A GLY 0  ? A GLY 3  
4 1 Y 1 A GLY 66 ? A GLY 69 
5 1 Y 1 A SER 67 ? A SER 70 
# 
loop_
_chem_comp_atom.comp_id 
_chem_comp_atom.atom_id 
_chem_comp_atom.type_symbol 
_chem_comp_atom.pdbx_aromatic_flag 
_chem_comp_atom.pdbx_stereo_config 
_chem_comp_atom.pdbx_ordinal 
ALA N    N N N 1   
ALA CA   C N S 2   
ALA C    C N N 3   
ALA O    O N N 4   
ALA CB   C N N 5   
ALA OXT  O N N 6   
ALA H    H N N 7   
ALA H2   H N N 8   
ALA HA   H N N 9   
ALA HB1  H N N 10  
ALA HB2  H N N 11  
ALA HB3  H N N 12  
ALA HXT  H N N 13  
ARG N    N N N 14  
ARG CA   C N S 15  
ARG C    C N N 16  
ARG O    O N N 17  
ARG CB   C N N 18  
ARG CG   C N N 19  
ARG CD   C N N 20  
ARG NE   N N N 21  
ARG CZ   C N N 22  
ARG NH1  N N N 23  
ARG NH2  N N N 24  
ARG OXT  O N N 25  
ARG H    H N N 26  
ARG H2   H N N 27  
ARG HA   H N N 28  
ARG HB2  H N N 29  
ARG HB3  H N N 30  
ARG HG2  H N N 31  
ARG HG3  H N N 32  
ARG HD2  H N N 33  
ARG HD3  H N N 34  
ARG HE   H N N 35  
ARG HH11 H N N 36  
ARG HH12 H N N 37  
ARG HH21 H N N 38  
ARG HH22 H N N 39  
ARG HXT  H N N 40  
ASN N    N N N 41  
ASN CA   C N S 42  
ASN C    C N N 43  
ASN O    O N N 44  
ASN CB   C N N 45  
ASN CG   C N N 46  
ASN OD1  O N N 47  
ASN ND2  N N N 48  
ASN OXT  O N N 49  
ASN H    H N N 50  
ASN H2   H N N 51  
ASN HA   H N N 52  
ASN HB2  H N N 53  
ASN HB3  H N N 54  
ASN HD21 H N N 55  
ASN HD22 H N N 56  
ASN HXT  H N N 57  
ASP N    N N N 58  
ASP CA   C N S 59  
ASP C    C N N 60  
ASP O    O N N 61  
ASP CB   C N N 62  
ASP CG   C N N 63  
ASP OD1  O N N 64  
ASP OD2  O N N 65  
ASP OXT  O N N 66  
ASP H    H N N 67  
ASP H2   H N N 68  
ASP HA   H N N 69  
ASP HB2  H N N 70  
ASP HB3  H N N 71  
ASP HD2  H N N 72  
ASP HXT  H N N 73  
GLN N    N N N 74  
GLN CA   C N S 75  
GLN C    C N N 76  
GLN O    O N N 77  
GLN CB   C N N 78  
GLN CG   C N N 79  
GLN CD   C N N 80  
GLN OE1  O N N 81  
GLN NE2  N N N 82  
GLN OXT  O N N 83  
GLN H    H N N 84  
GLN H2   H N N 85  
GLN HA   H N N 86  
GLN HB2  H N N 87  
GLN HB3  H N N 88  
GLN HG2  H N N 89  
GLN HG3  H N N 90  
GLN HE21 H N N 91  
GLN HE22 H N N 92  
GLN HXT  H N N 93  
GLU N    N N N 94  
GLU CA   C N S 95  
GLU C    C N N 96  
GLU O    O N N 97  
GLU CB   C N N 98  
GLU CG   C N N 99  
GLU CD   C N N 100 
GLU OE1  O N N 101 
GLU OE2  O N N 102 
GLU OXT  O N N 103 
GLU H    H N N 104 
GLU H2   H N N 105 
GLU HA   H N N 106 
GLU HB2  H N N 107 
GLU HB3  H N N 108 
GLU HG2  H N N 109 
GLU HG3  H N N 110 
GLU HE2  H N N 111 
GLU HXT  H N N 112 
GLY N    N N N 113 
GLY CA   C N N 114 
GLY C    C N N 115 
GLY O    O N N 116 
GLY OXT  O N N 117 
GLY H    H N N 118 
GLY H2   H N N 119 
GLY HA2  H N N 120 
GLY HA3  H N N 121 
GLY HXT  H N N 122 
HIS N    N N N 123 
HIS CA   C N S 124 
HIS C    C N N 125 
HIS O    O N N 126 
HIS CB   C N N 127 
HIS CG   C Y N 128 
HIS ND1  N Y N 129 
HIS CD2  C Y N 130 
HIS CE1  C Y N 131 
HIS NE2  N Y N 132 
HIS OXT  O N N 133 
HIS H    H N N 134 
HIS H2   H N N 135 
HIS HA   H N N 136 
HIS HB2  H N N 137 
HIS HB3  H N N 138 
HIS HD1  H N N 139 
HIS HD2  H N N 140 
HIS HE1  H N N 141 
HIS HE2  H N N 142 
HIS HXT  H N N 143 
HOH O    O N N 144 
HOH H1   H N N 145 
HOH H2   H N N 146 
ILE N    N N N 147 
ILE CA   C N S 148 
ILE C    C N N 149 
ILE O    O N N 150 
ILE CB   C N S 151 
ILE CG1  C N N 152 
ILE CG2  C N N 153 
ILE CD1  C N N 154 
ILE OXT  O N N 155 
ILE H    H N N 156 
ILE H2   H N N 157 
ILE HA   H N N 158 
ILE HB   H N N 159 
ILE HG12 H N N 160 
ILE HG13 H N N 161 
ILE HG21 H N N 162 
ILE HG22 H N N 163 
ILE HG23 H N N 164 
ILE HD11 H N N 165 
ILE HD12 H N N 166 
ILE HD13 H N N 167 
ILE HXT  H N N 168 
LEU N    N N N 169 
LEU CA   C N S 170 
LEU C    C N N 171 
LEU O    O N N 172 
LEU CB   C N N 173 
LEU CG   C N N 174 
LEU CD1  C N N 175 
LEU CD2  C N N 176 
LEU OXT  O N N 177 
LEU H    H N N 178 
LEU H2   H N N 179 
LEU HA   H N N 180 
LEU HB2  H N N 181 
LEU HB3  H N N 182 
LEU HG   H N N 183 
LEU HD11 H N N 184 
LEU HD12 H N N 185 
LEU HD13 H N N 186 
LEU HD21 H N N 187 
LEU HD22 H N N 188 
LEU HD23 H N N 189 
LEU HXT  H N N 190 
LYS N    N N N 191 
LYS CA   C N S 192 
LYS C    C N N 193 
LYS O    O N N 194 
LYS CB   C N N 195 
LYS CG   C N N 196 
LYS CD   C N N 197 
LYS CE   C N N 198 
LYS NZ   N N N 199 
LYS OXT  O N N 200 
LYS H    H N N 201 
LYS H2   H N N 202 
LYS HA   H N N 203 
LYS HB2  H N N 204 
LYS HB3  H N N 205 
LYS HG2  H N N 206 
LYS HG3  H N N 207 
LYS HD2  H N N 208 
LYS HD3  H N N 209 
LYS HE2  H N N 210 
LYS HE3  H N N 211 
LYS HZ1  H N N 212 
LYS HZ2  H N N 213 
LYS HZ3  H N N 214 
LYS HXT  H N N 215 
MET N    N N N 216 
MET CA   C N S 217 
MET C    C N N 218 
MET O    O N N 219 
MET CB   C N N 220 
MET CG   C N N 221 
MET SD   S N N 222 
MET CE   C N N 223 
MET OXT  O N N 224 
MET H    H N N 225 
MET H2   H N N 226 
MET HA   H N N 227 
MET HB2  H N N 228 
MET HB3  H N N 229 
MET HG2  H N N 230 
MET HG3  H N N 231 
MET HE1  H N N 232 
MET HE2  H N N 233 
MET HE3  H N N 234 
MET HXT  H N N 235 
PHE N    N N N 236 
PHE CA   C N S 237 
PHE C    C N N 238 
PHE O    O N N 239 
PHE CB   C N N 240 
PHE CG   C Y N 241 
PHE CD1  C Y N 242 
PHE CD2  C Y N 243 
PHE CE1  C Y N 244 
PHE CE2  C Y N 245 
PHE CZ   C Y N 246 
PHE OXT  O N N 247 
PHE H    H N N 248 
PHE H2   H N N 249 
PHE HA   H N N 250 
PHE HB2  H N N 251 
PHE HB3  H N N 252 
PHE HD1  H N N 253 
PHE HD2  H N N 254 
PHE HE1  H N N 255 
PHE HE2  H N N 256 
PHE HZ   H N N 257 
PHE HXT  H N N 258 
PRO N    N N N 259 
PRO CA   C N S 260 
PRO C    C N N 261 
PRO O    O N N 262 
PRO CB   C N N 263 
PRO CG   C N N 264 
PRO CD   C N N 265 
PRO OXT  O N N 266 
PRO H    H N N 267 
PRO HA   H N N 268 
PRO HB2  H N N 269 
PRO HB3  H N N 270 
PRO HG2  H N N 271 
PRO HG3  H N N 272 
PRO HD2  H N N 273 
PRO HD3  H N N 274 
PRO HXT  H N N 275 
SER N    N N N 276 
SER CA   C N S 277 
SER C    C N N 278 
SER O    O N N 279 
SER CB   C N N 280 
SER OG   O N N 281 
SER OXT  O N N 282 
SER H    H N N 283 
SER H2   H N N 284 
SER HA   H N N 285 
SER HB2  H N N 286 
SER HB3  H N N 287 
SER HG   H N N 288 
SER HXT  H N N 289 
THR N    N N N 290 
THR CA   C N S 291 
THR C    C N N 292 
THR O    O N N 293 
THR CB   C N R 294 
THR OG1  O N N 295 
THR CG2  C N N 296 
THR OXT  O N N 297 
THR H    H N N 298 
THR H2   H N N 299 
THR HA   H N N 300 
THR HB   H N N 301 
THR HG1  H N N 302 
THR HG21 H N N 303 
THR HG22 H N N 304 
THR HG23 H N N 305 
THR HXT  H N N 306 
TYR N    N N N 307 
TYR CA   C N S 308 
TYR C    C N N 309 
TYR O    O N N 310 
TYR CB   C N N 311 
TYR CG   C Y N 312 
TYR CD1  C Y N 313 
TYR CD2  C Y N 314 
TYR CE1  C Y N 315 
TYR CE2  C Y N 316 
TYR CZ   C Y N 317 
TYR OH   O N N 318 
TYR OXT  O N N 319 
TYR H    H N N 320 
TYR H2   H N N 321 
TYR HA   H N N 322 
TYR HB2  H N N 323 
TYR HB3  H N N 324 
TYR HD1  H N N 325 
TYR HD2  H N N 326 
TYR HE1  H N N 327 
TYR HE2  H N N 328 
TYR HH   H N N 329 
TYR HXT  H N N 330 
VAL N    N N N 331 
VAL CA   C N S 332 
VAL C    C N N 333 
VAL O    O N N 334 
VAL CB   C N N 335 
VAL CG1  C N N 336 
VAL CG2  C N N 337 
VAL OXT  O N N 338 
VAL H    H N N 339 
VAL H2   H N N 340 
VAL HA   H N N 341 
VAL HB   H N N 342 
VAL HG11 H N N 343 
VAL HG12 H N N 344 
VAL HG13 H N N 345 
VAL HG21 H N N 346 
VAL HG22 H N N 347 
VAL HG23 H N N 348 
VAL HXT  H N N 349 
# 
loop_
_chem_comp_bond.comp_id 
_chem_comp_bond.atom_id_1 
_chem_comp_bond.atom_id_2 
_chem_comp_bond.value_order 
_chem_comp_bond.pdbx_aromatic_flag 
_chem_comp_bond.pdbx_stereo_config 
_chem_comp_bond.pdbx_ordinal 
ALA N   CA   sing N N 1   
ALA N   H    sing N N 2   
ALA N   H2   sing N N 3   
ALA CA  C    sing N N 4   
ALA CA  CB   sing N N 5   
ALA CA  HA   sing N N 6   
ALA C   O    doub N N 7   
ALA C   OXT  sing N N 8   
ALA CB  HB1  sing N N 9   
ALA CB  HB2  sing N N 10  
ALA CB  HB3  sing N N 11  
ALA OXT HXT  sing N N 12  
ARG N   CA   sing N N 13  
ARG N   H    sing N N 14  
ARG N   H2   sing N N 15  
ARG CA  C    sing N N 16  
ARG CA  CB   sing N N 17  
ARG CA  HA   sing N N 18  
ARG C   O    doub N N 19  
ARG C   OXT  sing N N 20  
ARG CB  CG   sing N N 21  
ARG CB  HB2  sing N N 22  
ARG CB  HB3  sing N N 23  
ARG CG  CD   sing N N 24  
ARG CG  HG2  sing N N 25  
ARG CG  HG3  sing N N 26  
ARG CD  NE   sing N N 27  
ARG CD  HD2  sing N N 28  
ARG CD  HD3  sing N N 29  
ARG NE  CZ   sing N N 30  
ARG NE  HE   sing N N 31  
ARG CZ  NH1  sing N N 32  
ARG CZ  NH2  doub N N 33  
ARG NH1 HH11 sing N N 34  
ARG NH1 HH12 sing N N 35  
ARG NH2 HH21 sing N N 36  
ARG NH2 HH22 sing N N 37  
ARG OXT HXT  sing N N 38  
ASN N   CA   sing N N 39  
ASN N   H    sing N N 40  
ASN N   H2   sing N N 41  
ASN CA  C    sing N N 42  
ASN CA  CB   sing N N 43  
ASN CA  HA   sing N N 44  
ASN C   O    doub N N 45  
ASN C   OXT  sing N N 46  
ASN CB  CG   sing N N 47  
ASN CB  HB2  sing N N 48  
ASN CB  HB3  sing N N 49  
ASN CG  OD1  doub N N 50  
ASN CG  ND2  sing N N 51  
ASN ND2 HD21 sing N N 52  
ASN ND2 HD22 sing N N 53  
ASN OXT HXT  sing N N 54  
ASP N   CA   sing N N 55  
ASP N   H    sing N N 56  
ASP N   H2   sing N N 57  
ASP CA  C    sing N N 58  
ASP CA  CB   sing N N 59  
ASP CA  HA   sing N N 60  
ASP C   O    doub N N 61  
ASP C   OXT  sing N N 62  
ASP CB  CG   sing N N 63  
ASP CB  HB2  sing N N 64  
ASP CB  HB3  sing N N 65  
ASP CG  OD1  doub N N 66  
ASP CG  OD2  sing N N 67  
ASP OD2 HD2  sing N N 68  
ASP OXT HXT  sing N N 69  
GLN N   CA   sing N N 70  
GLN N   H    sing N N 71  
GLN N   H2   sing N N 72  
GLN CA  C    sing N N 73  
GLN CA  CB   sing N N 74  
GLN CA  HA   sing N N 75  
GLN C   O    doub N N 76  
GLN C   OXT  sing N N 77  
GLN CB  CG   sing N N 78  
GLN CB  HB2  sing N N 79  
GLN CB  HB3  sing N N 80  
GLN CG  CD   sing N N 81  
GLN CG  HG2  sing N N 82  
GLN CG  HG3  sing N N 83  
GLN CD  OE1  doub N N 84  
GLN CD  NE2  sing N N 85  
GLN NE2 HE21 sing N N 86  
GLN NE2 HE22 sing N N 87  
GLN OXT HXT  sing N N 88  
GLU N   CA   sing N N 89  
GLU N   H    sing N N 90  
GLU N   H2   sing N N 91  
GLU CA  C    sing N N 92  
GLU CA  CB   sing N N 93  
GLU CA  HA   sing N N 94  
GLU C   O    doub N N 95  
GLU C   OXT  sing N N 96  
GLU CB  CG   sing N N 97  
GLU CB  HB2  sing N N 98  
GLU CB  HB3  sing N N 99  
GLU CG  CD   sing N N 100 
GLU CG  HG2  sing N N 101 
GLU CG  HG3  sing N N 102 
GLU CD  OE1  doub N N 103 
GLU CD  OE2  sing N N 104 
GLU OE2 HE2  sing N N 105 
GLU OXT HXT  sing N N 106 
GLY N   CA   sing N N 107 
GLY N   H    sing N N 108 
GLY N   H2   sing N N 109 
GLY CA  C    sing N N 110 
GLY CA  HA2  sing N N 111 
GLY CA  HA3  sing N N 112 
GLY C   O    doub N N 113 
GLY C   OXT  sing N N 114 
GLY OXT HXT  sing N N 115 
HIS N   CA   sing N N 116 
HIS N   H    sing N N 117 
HIS N   H2   sing N N 118 
HIS CA  C    sing N N 119 
HIS CA  CB   sing N N 120 
HIS CA  HA   sing N N 121 
HIS C   O    doub N N 122 
HIS C   OXT  sing N N 123 
HIS CB  CG   sing N N 124 
HIS CB  HB2  sing N N 125 
HIS CB  HB3  sing N N 126 
HIS CG  ND1  sing Y N 127 
HIS CG  CD2  doub Y N 128 
HIS ND1 CE1  doub Y N 129 
HIS ND1 HD1  sing N N 130 
HIS CD2 NE2  sing Y N 131 
HIS CD2 HD2  sing N N 132 
HIS CE1 NE2  sing Y N 133 
HIS CE1 HE1  sing N N 134 
HIS NE2 HE2  sing N N 135 
HIS OXT HXT  sing N N 136 
HOH O   H1   sing N N 137 
HOH O   H2   sing N N 138 
ILE N   CA   sing N N 139 
ILE N   H    sing N N 140 
ILE N   H2   sing N N 141 
ILE CA  C    sing N N 142 
ILE CA  CB   sing N N 143 
ILE CA  HA   sing N N 144 
ILE C   O    doub N N 145 
ILE C   OXT  sing N N 146 
ILE CB  CG1  sing N N 147 
ILE CB  CG2  sing N N 148 
ILE CB  HB   sing N N 149 
ILE CG1 CD1  sing N N 150 
ILE CG1 HG12 sing N N 151 
ILE CG1 HG13 sing N N 152 
ILE CG2 HG21 sing N N 153 
ILE CG2 HG22 sing N N 154 
ILE CG2 HG23 sing N N 155 
ILE CD1 HD11 sing N N 156 
ILE CD1 HD12 sing N N 157 
ILE CD1 HD13 sing N N 158 
ILE OXT HXT  sing N N 159 
LEU N   CA   sing N N 160 
LEU N   H    sing N N 161 
LEU N   H2   sing N N 162 
LEU CA  C    sing N N 163 
LEU CA  CB   sing N N 164 
LEU CA  HA   sing N N 165 
LEU C   O    doub N N 166 
LEU C   OXT  sing N N 167 
LEU CB  CG   sing N N 168 
LEU CB  HB2  sing N N 169 
LEU CB  HB3  sing N N 170 
LEU CG  CD1  sing N N 171 
LEU CG  CD2  sing N N 172 
LEU CG  HG   sing N N 173 
LEU CD1 HD11 sing N N 174 
LEU CD1 HD12 sing N N 175 
LEU CD1 HD13 sing N N 176 
LEU CD2 HD21 sing N N 177 
LEU CD2 HD22 sing N N 178 
LEU CD2 HD23 sing N N 179 
LEU OXT HXT  sing N N 180 
LYS N   CA   sing N N 181 
LYS N   H    sing N N 182 
LYS N   H2   sing N N 183 
LYS CA  C    sing N N 184 
LYS CA  CB   sing N N 185 
LYS CA  HA   sing N N 186 
LYS C   O    doub N N 187 
LYS C   OXT  sing N N 188 
LYS CB  CG   sing N N 189 
LYS CB  HB2  sing N N 190 
LYS CB  HB3  sing N N 191 
LYS CG  CD   sing N N 192 
LYS CG  HG2  sing N N 193 
LYS CG  HG3  sing N N 194 
LYS CD  CE   sing N N 195 
LYS CD  HD2  sing N N 196 
LYS CD  HD3  sing N N 197 
LYS CE  NZ   sing N N 198 
LYS CE  HE2  sing N N 199 
LYS CE  HE3  sing N N 200 
LYS NZ  HZ1  sing N N 201 
LYS NZ  HZ2  sing N N 202 
LYS NZ  HZ3  sing N N 203 
LYS OXT HXT  sing N N 204 
MET N   CA   sing N N 205 
MET N   H    sing N N 206 
MET N   H2   sing N N 207 
MET CA  C    sing N N 208 
MET CA  CB   sing N N 209 
MET CA  HA   sing N N 210 
MET C   O    doub N N 211 
MET C   OXT  sing N N 212 
MET CB  CG   sing N N 213 
MET CB  HB2  sing N N 214 
MET CB  HB3  sing N N 215 
MET CG  SD   sing N N 216 
MET CG  HG2  sing N N 217 
MET CG  HG3  sing N N 218 
MET SD  CE   sing N N 219 
MET CE  HE1  sing N N 220 
MET CE  HE2  sing N N 221 
MET CE  HE3  sing N N 222 
MET OXT HXT  sing N N 223 
PHE N   CA   sing N N 224 
PHE N   H    sing N N 225 
PHE N   H2   sing N N 226 
PHE CA  C    sing N N 227 
PHE CA  CB   sing N N 228 
PHE CA  HA   sing N N 229 
PHE C   O    doub N N 230 
PHE C   OXT  sing N N 231 
PHE CB  CG   sing N N 232 
PHE CB  HB2  sing N N 233 
PHE CB  HB3  sing N N 234 
PHE CG  CD1  doub Y N 235 
PHE CG  CD2  sing Y N 236 
PHE CD1 CE1  sing Y N 237 
PHE CD1 HD1  sing N N 238 
PHE CD2 CE2  doub Y N 239 
PHE CD2 HD2  sing N N 240 
PHE CE1 CZ   doub Y N 241 
PHE CE1 HE1  sing N N 242 
PHE CE2 CZ   sing Y N 243 
PHE CE2 HE2  sing N N 244 
PHE CZ  HZ   sing N N 245 
PHE OXT HXT  sing N N 246 
PRO N   CA   sing N N 247 
PRO N   CD   sing N N 248 
PRO N   H    sing N N 249 
PRO CA  C    sing N N 250 
PRO CA  CB   sing N N 251 
PRO CA  HA   sing N N 252 
PRO C   O    doub N N 253 
PRO C   OXT  sing N N 254 
PRO CB  CG   sing N N 255 
PRO CB  HB2  sing N N 256 
PRO CB  HB3  sing N N 257 
PRO CG  CD   sing N N 258 
PRO CG  HG2  sing N N 259 
PRO CG  HG3  sing N N 260 
PRO CD  HD2  sing N N 261 
PRO CD  HD3  sing N N 262 
PRO OXT HXT  sing N N 263 
SER N   CA   sing N N 264 
SER N   H    sing N N 265 
SER N   H2   sing N N 266 
SER CA  C    sing N N 267 
SER CA  CB   sing N N 268 
SER CA  HA   sing N N 269 
SER C   O    doub N N 270 
SER C   OXT  sing N N 271 
SER CB  OG   sing N N 272 
SER CB  HB2  sing N N 273 
SER CB  HB3  sing N N 274 
SER OG  HG   sing N N 275 
SER OXT HXT  sing N N 276 
THR N   CA   sing N N 277 
THR N   H    sing N N 278 
THR N   H2   sing N N 279 
THR CA  C    sing N N 280 
THR CA  CB   sing N N 281 
THR CA  HA   sing N N 282 
THR C   O    doub N N 283 
THR C   OXT  sing N N 284 
THR CB  OG1  sing N N 285 
THR CB  CG2  sing N N 286 
THR CB  HB   sing N N 287 
THR OG1 HG1  sing N N 288 
THR CG2 HG21 sing N N 289 
THR CG2 HG22 sing N N 290 
THR CG2 HG23 sing N N 291 
THR OXT HXT  sing N N 292 
TYR N   CA   sing N N 293 
TYR N   H    sing N N 294 
TYR N   H2   sing N N 295 
TYR CA  C    sing N N 296 
TYR CA  CB   sing N N 297 
TYR CA  HA   sing N N 298 
TYR C   O    doub N N 299 
TYR C   OXT  sing N N 300 
TYR CB  CG   sing N N 301 
TYR CB  HB2  sing N N 302 
TYR CB  HB3  sing N N 303 
TYR CG  CD1  doub Y N 304 
TYR CG  CD2  sing Y N 305 
TYR CD1 CE1  sing Y N 306 
TYR CD1 HD1  sing N N 307 
TYR CD2 CE2  doub Y N 308 
TYR CD2 HD2  sing N N 309 
TYR CE1 CZ   doub Y N 310 
TYR CE1 HE1  sing N N 311 
TYR CE2 CZ   sing Y N 312 
TYR CE2 HE2  sing N N 313 
TYR CZ  OH   sing N N 314 
TYR OH  HH   sing N N 315 
TYR OXT HXT  sing N N 316 
VAL N   CA   sing N N 317 
VAL N   H    sing N N 318 
VAL N   H2   sing N N 319 
VAL CA  C    sing N N 320 
VAL CA  CB   sing N N 321 
VAL CA  HA   sing N N 322 
VAL C   O    doub N N 323 
VAL C   OXT  sing N N 324 
VAL CB  CG1  sing N N 325 
VAL CB  CG2  sing N N 326 
VAL CB  HB   sing N N 327 
VAL CG1 HG11 sing N N 328 
VAL CG1 HG12 sing N N 329 
VAL CG1 HG13 sing N N 330 
VAL CG2 HG21 sing N N 331 
VAL CG2 HG22 sing N N 332 
VAL CG2 HG23 sing N N 333 
VAL OXT HXT  sing N N 334 
# 
_pdbx_audit_support.funding_organization   'Howard Hughes Medical Institute (HHMI)' 
_pdbx_audit_support.country                'United States' 
_pdbx_audit_support.grant_number           ? 
_pdbx_audit_support.ordinal                1 
# 
_pdbx_initial_refinement_model.accession_code   ? 
_pdbx_initial_refinement_model.id               1 
_pdbx_initial_refinement_model.entity_id_list   ? 
_pdbx_initial_refinement_model.type             'in silico model' 
_pdbx_initial_refinement_model.source_name      Other 
_pdbx_initial_refinement_model.details          'Design model' 
# 
_space_group.name_H-M_alt     'P 32 2 1' 
_space_group.name_Hall        
;P 32 2"
;
_space_group.IT_number        154 
_space_group.crystal_system   trigonal 
_space_group.id               1 
# 
_atom_sites.entry_id                    8D03 
_atom_sites.Cartn_transf_matrix[1][1]   ? 
_atom_sites.Cartn_transf_matrix[1][2]   ? 
_atom_sites.Cartn_transf_matrix[1][3]   ? 
_atom_sites.Cartn_transf_matrix[2][1]   ? 
_atom_sites.Cartn_transf_matrix[2][2]   ? 
_atom_sites.Cartn_transf_matrix[2][3]   ? 
_atom_sites.Cartn_transf_matrix[3][1]   ? 
_atom_sites.Cartn_transf_matrix[3][2]   ? 
_atom_sites.Cartn_transf_matrix[3][3]   ? 
_atom_sites.Cartn_transf_vector[1]      ? 
_atom_sites.Cartn_transf_vector[2]      ? 
_atom_sites.Cartn_transf_vector[3]      ? 
_atom_sites.fract_transf_matrix[1][1]   -0.01424874 
_atom_sites.fract_transf_matrix[1][2]   0.00786897 
_atom_sites.fract_transf_matrix[1][3]   -0.00151249 
_atom_sites.fract_transf_matrix[2][1]   -0.00760045 
_atom_sites.fract_transf_matrix[2][2]   0.00576935 
_atom_sites.fract_transf_matrix[2][3]   0.01327299 
_atom_sites.fract_transf_matrix[3][1]   0.01558257 
_atom_sites.fract_transf_matrix[3][2]   0.02762337 
_atom_sites.fract_transf_matrix[3][3]   -0.00308404 
_atom_sites.fract_transf_vector[1]      0.382823 
_atom_sites.fract_transf_vector[2]      -0.136012 
_atom_sites.fract_transf_vector[3]      -0.286316 
_atom_sites.solution_primary            ? 
_atom_sites.solution_secondary          ? 
_atom_sites.solution_hydrogens          ? 
_atom_sites.special_details             ? 
# 
loop_
_atom_type.symbol 
_atom_type.scat_dispersion_real 
_atom_type.scat_dispersion_imag 
_atom_type.scat_Cromer_Mann_a1 
_atom_type.scat_Cromer_Mann_a2 
_atom_type.scat_Cromer_Mann_a3 
_atom_type.scat_Cromer_Mann_a4 
_atom_type.scat_Cromer_Mann_b1 
_atom_type.scat_Cromer_Mann_b2 
_atom_type.scat_Cromer_Mann_b3 
_atom_type.scat_Cromer_Mann_b4 
_atom_type.scat_Cromer_Mann_c 
_atom_type.scat_source 
_atom_type.scat_dispersion_source 
C ? ? 3.54356 2.42580 ? ? 25.62398 1.50364  ? ? 0.0 
;2-Gaussian fit: Grosse-Kunstleve RW, Sauter NK, Adams PD: Newsletter of the IUCr Commission on Crystallographic Computing 2004, 3, 22-31.
;
? 
H ? ? 0.51345 0.48472 ? ? 24.73122 6.32584  ? ? 0.0 
;2-Gaussian fit: Grosse-Kunstleve RW, Sauter NK, Adams PD: Newsletter of the IUCr Commission on Crystallographic Computing 2004, 3, 22-31.
;
? 
N ? ? 4.01032 2.96436 ? ? 19.97189 1.75589  ? ? 0.0 
;2-Gaussian fit: Grosse-Kunstleve RW, Sauter NK, Adams PD: Newsletter of the IUCr Commission on Crystallographic Computing 2004, 3, 22-31.
;
? 
O ? ? 4.49882 3.47563 ? ? 15.80542 1.70748  ? ? 0.0 
;2-Gaussian fit: Grosse-Kunstleve RW, Sauter NK, Adams PD: Newsletter of the IUCr Commission on Crystallographic Computing 2004, 3, 22-31.
;
? 
S ? ? 9.55732 6.39887 ? ? 1.23737  29.19336 ? ? 0.0 
;2-Gaussian fit: Grosse-Kunstleve RW, Sauter NK, Adams PD: Newsletter of the IUCr Commission on Crystallographic Computing 2004, 3, 22-31.
;
? 
# 
loop_
_atom_site.group_PDB 
_atom_site.id 
_atom_site.type_symbol 
_atom_site.label_atom_id 
_atom_site.label_alt_id 
_atom_site.label_comp_id 
_atom_site.label_asym_id 
_atom_site.label_entity_id 
_atom_site.label_seq_id 
_atom_site.pdbx_PDB_ins_code 
_atom_site.Cartn_x 
_atom_site.Cartn_y 
_atom_site.Cartn_z 
_atom_site.occupancy 
_atom_site.B_iso_or_equiv 
_atom_site.pdbx_formal_charge 
_atom_site.auth_seq_id 
_atom_site.auth_comp_id 
_atom_site.auth_asym_id 
_atom_site.auth_atom_id 
_atom_site.pdbx_PDB_model_num 
ATOM   1    N N    . MET A 1 4  ? 10.52551  -3.35833  1.10854   0.980 73.56935  ? 1   MET A N    1 
ATOM   2    C CA   . MET A 1 4  ? 10.18873  -3.09778  -0.31898  0.980 69.16092  ? 1   MET A CA   1 
ATOM   3    C C    . MET A 1 4  ? 9.73377   -1.65737  -0.52228  0.980 56.46203  ? 1   MET A C    1 
ATOM   4    O O    . MET A 1 4  ? 9.82202   -1.12297  -1.62496  0.980 52.77738  ? 1   MET A O    1 
ATOM   5    C CB   . MET A 1 4  ? 9.09542   -4.05255  -0.80366  0.980 69.05828  ? 1   MET A CB   1 
ATOM   6    C CG   . MET A 1 4  ? 8.90932   -4.04977  -2.31222  0.980 70.88218  ? 1   MET A CG   1 
ATOM   7    S SD   . MET A 1 4  ? 7.73721   -5.29803  -2.87796  0.980 65.13413  ? 1   MET A SD   1 
ATOM   8    C CE   . MET A 1 4  ? 7.78474   -4.99083  -4.65031  0.980 62.71015  ? 1   MET A CE   1 
ATOM   9    H H    . MET A 1 4  ? 10.99181  -4.11429  1.17034   0.980 88.68000  ? 1   MET A H    1 
ATOM   10   H HA   . MET A 1 4  ? 10.98312  -3.25841  -0.85238  0.980 83.39000  ? 1   MET A HA   1 
ATOM   11   H HB2  . MET A 1 4  ? 9.32775   -4.95542  -0.53461  0.980 83.27000  ? 1   MET A HB2  1 
ATOM   12   H HB3  . MET A 1 4  ? 8.25284   -3.79304  -0.40008  0.980 83.27000  ? 1   MET A HB3  1 
ATOM   13   H HG2  . MET A 1 4  ? 8.57790   -3.18063  -2.58758  0.980 85.45000  ? 1   MET A HG2  1 
ATOM   14   H HG3  . MET A 1 4  ? 9.76382   -4.22830  -2.73564  0.980 85.45000  ? 1   MET A HG3  1 
ATOM   15   H HE1  . MET A 1 4  ? 7.19934   -5.62172  -5.09619  0.980 75.65000  ? 1   MET A HE1  1 
ATOM   16   H HE2  . MET A 1 4  ? 7.48499   -4.08391  -4.82173  0.980 75.65000  ? 1   MET A HE2  1 
ATOM   17   H HE3  . MET A 1 4  ? 8.69495   -5.10316  -4.96595  0.980 75.65000  ? 1   MET A HE3  1 
ATOM   18   N N    . ILE A 1 5  ? 9.22942   -1.03945  0.54094   1.000 52.54051  ? 2   ILE A N    1 
ATOM   19   C CA   . ILE A 1 5  ? 8.83882   0.36932   0.51025   1.000 41.76553  ? 2   ILE A CA   1 
ATOM   20   C C    . ILE A 1 5  ? 9.99774   1.14264   1.13375   1.000 42.96831  ? 2   ILE A C    1 
ATOM   21   O O    . ILE A 1 5  ? 10.04121  1.38440   2.34196   1.000 46.67928  ? 2   ILE A O    1 
ATOM   22   C CB   . ILE A 1 5  ? 7.51955   0.61710   1.22995   1.000 41.15757  ? 2   ILE A CB   1 
ATOM   23   C CG1  . ILE A 1 5  ? 6.39379   -0.13824  0.52274   1.000 38.16773  ? 2   ILE A CG1  1 
ATOM   24   C CG2  . ILE A 1 5  ? 7.20984   2.09452   1.25016   1.000 33.84090  ? 2   ILE A CG2  1 
ATOM   25   C CD1  . ILE A 1 5  ? 5.08099   -0.05367  1.22857   1.000 43.23413  ? 2   ILE A CD1  1 
ATOM   26   H H    . ILE A 1 5  ? 9.10238   -1.41780  1.30207   1.000 63.45000  ? 2   ILE A H    1 
ATOM   27   H HA   . ILE A 1 5  ? 8.73798   0.65358   -0.41182  1.000 50.51000  ? 2   ILE A HA   1 
ATOM   28   H HB   . ILE A 1 5  ? 7.59714   0.29639   2.14228   1.000 49.79000  ? 2   ILE A HB   1 
ATOM   29   H HG12 . ILE A 1 5  ? 6.27797   0.23431   -0.36631  1.000 46.20000  ? 2   ILE A HG12 1 
ATOM   30   H HG13 . ILE A 1 5  ? 6.63664   -1.07541  0.46041   1.000 46.20000  ? 2   ILE A HG13 1 
ATOM   31   H HG21 . ILE A 1 5  ? 6.31744   2.22587   1.60837   1.000 41.00000  ? 2   ILE A HG21 1 
ATOM   32   H HG22 . ILE A 1 5  ? 7.86008   2.54629   1.81123   1.000 41.00000  ? 2   ILE A HG22 1 
ATOM   33   H HG23 . ILE A 1 5  ? 7.25727   2.44028   0.34554   1.000 41.00000  ? 2   ILE A HG23 1 
ATOM   34   H HD11 . ILE A 1 5  ? 5.22307   -0.19550  2.17748   1.000 52.28000  ? 2   ILE A HD11 1 
ATOM   35   H HD12 . ILE A 1 5  ? 4.69838   0.82632   1.07933   1.000 52.28000  ? 2   ILE A HD12 1 
ATOM   36   H HD13 . ILE A 1 5  ? 4.48770   -0.73519  0.87663   1.000 52.28000  ? 2   ILE A HD13 1 
ATOM   37   N N    . LYS A 1 6  ? 10.95070  1.52646   0.30109   0.870 38.71780  ? 3   LYS A N    1 
ATOM   38   C CA   . LYS A 1 6  ? 12.07023  2.36004   0.72178   0.870 39.84425  ? 3   LYS A CA   1 
ATOM   39   C C    . LYS A 1 6  ? 11.83590  3.83664   0.43808   0.870 37.11498  ? 3   LYS A C    1 
ATOM   40   O O    . LYS A 1 6  ? 12.49621  4.68179   1.05030   0.870 43.53943  ? 3   LYS A O    1 
ATOM   41   C CB   . LYS A 1 6  ? 13.35850  1.90765   0.02669   0.870 49.25327  ? 3   LYS A CB   1 
ATOM   42   C CG   . LYS A 1 6  ? 13.63823  0.40619   0.10326   0.870 54.08543  ? 3   LYS A CG   1 
ATOM   43   C CD   . LYS A 1 6  ? 13.78945  -0.08336  1.53913   0.870 57.77798  ? 3   LYS A CD   1 
ATOM   44   C CE   . LYS A 1 6  ? 14.79762  -1.22919  1.64622   0.870 72.98507  ? 3   LYS A CE   1 
ATOM   45   N NZ   . LYS A 1 6  ? 14.39577  -2.45065  0.89017   0.870 80.26489  ? 3   LYS A NZ   1 
ATOM   46   H H    . LYS A 1 6  ? 10.97432  1.31485   -0.53195  0.870 46.86000  ? 3   LYS A H    1 
ATOM   47   H HA   . LYS A 1 6  ? 12.20634  2.25448   1.67610   0.870 48.21000  ? 3   LYS A HA   1 
ATOM   48   H HB2  . LYS A 1 6  ? 13.30068  2.14615   -0.91241  0.870 59.50000  ? 3   LYS A HB2  1 
ATOM   49   H HB3  . LYS A 1 6  ? 14.10783  2.36528   0.43988   0.870 59.50000  ? 3   LYS A HB3  1 
ATOM   50   H HG2  . LYS A 1 6  ? 12.90079  -0.07586  -0.30357  0.870 65.30000  ? 3   LYS A HG2  1 
ATOM   51   H HG3  . LYS A 1 6  ? 14.46239  0.21252   -0.37035  0.870 65.30000  ? 3   LYS A HG3  1 
ATOM   52   H HD2  . LYS A 1 6  ? 14.10090  0.64858   2.09579   0.870 69.73000  ? 3   LYS A HD2  1 
ATOM   53   H HD3  . LYS A 1 6  ? 12.93211  -0.40253  1.86121   0.870 69.73000  ? 3   LYS A HD3  1 
ATOM   54   H HE2  . LYS A 1 6  ? 15.65102  -0.92961  1.29470   0.870 87.98000  ? 3   LYS A HE2  1 
ATOM   55   H HE3  . LYS A 1 6  ? 14.89238  -1.47646  2.57949   0.870 87.98000  ? 3   LYS A HE3  1 
ATOM   56   H HZ1  . LYS A 1 6  ? 13.62043  -2.75868  1.19891   0.870 96.71000  ? 3   LYS A HZ1  1 
ATOM   57   H HZ2  . LYS A 1 6  ? 14.30684  -2.25765  0.02579   0.870 96.71000  ? 3   LYS A HZ2  1 
ATOM   58   H HZ3  . LYS A 1 6  ? 15.01584  -3.08330  0.98258   0.870 96.71000  ? 3   LYS A HZ3  1 
ATOM   59   N N    . VAL A 1 7  ? 10.90909  4.15756   -0.45795  1.000 38.73886  ? 4   VAL A N    1 
ATOM   60   C CA   . VAL A 1 7  ? 10.55453  5.53758   -0.78688  1.000 36.95180  ? 4   VAL A CA   1 
ATOM   61   C C    . VAL A 1 7  ? 9.05748   5.61120   -1.03064  1.000 32.47758  ? 4   VAL A C    1 
ATOM   62   O O    . VAL A 1 7  ? 8.39356   4.59007   -1.25036  1.000 37.24131  ? 4   VAL A O    1 
ATOM   63   C CB   . VAL A 1 7  ? 11.30471  6.04686   -2.02811  1.000 39.12311  ? 4   VAL A CB   1 
ATOM   64   C CG1  . VAL A 1 7  ? 12.79077  6.21680   -1.74526  1.000 42.32613  ? 4   VAL A CG1  1 
ATOM   65   C CG2  . VAL A 1 7  ? 11.09000  5.08972   -3.19507  1.000 40.06007  ? 4   VAL A CG2  1 
ATOM   66   H H    . VAL A 1 7  ? 10.45718  3.57724   -0.90363  1.000 46.88000  ? 4   VAL A H    1 
ATOM   67   H HA   . VAL A 1 7  ? 10.77814  6.11352   -0.03882  1.000 44.74000  ? 4   VAL A HA   1 
ATOM   68   H HB   . VAL A 1 7  ? 10.95180  6.91834   -2.26751  1.000 47.34000  ? 4   VAL A HB   1 
ATOM   69   H HG11 . VAL A 1 7  ? 13.22690  6.56378   -2.53995  1.000 51.19000  ? 4   VAL A HG11 1 
ATOM   70   H HG12 . VAL A 1 7  ? 12.90376  6.83757   -1.00862  1.000 51.19000  ? 4   VAL A HG12 1 
ATOM   71   H HG13 . VAL A 1 7  ? 13.16884  5.35472   -1.51157  1.000 51.19000  ? 4   VAL A HG13 1 
ATOM   72   H HG21 . VAL A 1 7  ? 11.55508  5.43258   -3.97385  1.000 48.47000  ? 4   VAL A HG21 1 
ATOM   73   H HG22 . VAL A 1 7  ? 11.44264  4.21823   -2.95705  1.000 48.47000  ? 4   VAL A HG22 1 
ATOM   74   H HG23 . VAL A 1 7  ? 10.14078  5.02436   -3.37872  1.000 48.47000  ? 4   VAL A HG23 1 
ATOM   75   N N    . PRO A 1 8  ? 8.49239   6.82292   -1.01129  1.000 32.41178  ? 5   PRO A N    1 
ATOM   76   C CA   . PRO A 1 8  ? 7.04873   6.94217   -1.30966  1.000 34.17778  ? 5   PRO A CA   1 
ATOM   77   C C    . PRO A 1 8  ? 6.67211   6.38152   -2.67191  1.000 35.94378  ? 5   PRO A C    1 
ATOM   78   O O    . PRO A 1 8  ? 5.54693   5.90431   -2.84581  1.000 30.79053  ? 5   PRO A O    1 
ATOM   79   C CB   . PRO A 1 8  ? 6.79493   8.45599   -1.24003  1.000 37.13340  ? 5   PRO A CB   1 
ATOM   80   C CG   . PRO A 1 8  ? 7.87939   8.98822   -0.33602  1.000 38.69411  ? 5   PRO A CG   1 
ATOM   81   C CD   . PRO A 1 8  ? 9.09054   8.10209   -0.59179  1.000 36.92811  ? 5   PRO A CD   1 
ATOM   82   H HA   . PRO A 1 8  ? 6.53152   6.49746   -0.61982  1.000 41.41000  ? 5   PRO A HA   1 
ATOM   83   H HB2  . PRO A 1 8  ? 6.86024   8.84331   -2.12666  1.000 44.96000  ? 5   PRO A HB2  1 
ATOM   84   H HB3  . PRO A 1 8  ? 5.91522   8.62683   -0.86712  1.000 44.96000  ? 5   PRO A HB3  1 
ATOM   85   H HG2  . PRO A 1 8  ? 8.07270   9.91118   -0.56230  1.000 46.83000  ? 5   PRO A HG2  1 
ATOM   86   H HG3  . PRO A 1 8  ? 7.59615   8.92524   0.58999   1.000 46.83000  ? 5   PRO A HG3  1 
ATOM   87   H HD2  . PRO A 1 8  ? 9.64501   8.47096   -1.29745  1.000 44.71000  ? 5   PRO A HD2  1 
ATOM   88   H HD3  . PRO A 1 8  ? 9.61296   7.98972   0.21709   1.000 44.71000  ? 5   PRO A HD3  1 
ATOM   89   N N    . GLU A 1 9  ? 7.59036   6.43918   -3.64471  1.000 36.33594  ? 6   GLU A N    1 
ATOM   90   C CA   . GLU A 1 9  ? 7.31571   5.93196   -4.98540  1.000 35.91220  ? 6   GLU A CA   1 
ATOM   91   C C    . GLU A 1 9  ? 6.94021   4.46043   -4.97920  1.000 34.11198  ? 6   GLU A C    1 
ATOM   92   O O    . GLU A 1 9  ? 6.14332   4.02160   -5.81838  1.000 34.16199  ? 6   GLU A O    1 
ATOM   93   C CB   . GLU A 1 9  ? 8.54194   6.14947   -5.87739  1.000 38.57041  ? 6   GLU A CB   1 
ATOM   94   C CG   . GLU A 1 9  ? 8.75937   7.58089   -6.32007  1.000 43.57365  ? 6   GLU A CG   1 
ATOM   95   C CD   . GLU A 1 9  ? 9.56075   8.42689   -5.32560  1.000 50.09548  ? 6   GLU A CD   1 
ATOM   96   O OE1  . GLU A 1 9  ? 9.62394   8.09075   -4.12282  1.000 40.33115  ? 6   GLU A OE1  1 
ATOM   97   O OE2  . GLU A 1 9  ? 10.13346  9.44801   -5.76178  1.000 53.19059  ? 6   GLU A OE2  1 
ATOM   98   H H    . GLU A 1 9  ? 8.38000   6.76872   -3.55054  1.000 44.00000  ? 6   GLU A H    1 
ATOM   99   H HA   . GLU A 1 9  ? 6.56611   6.42655   -5.35176  1.000 43.49000  ? 6   GLU A HA   1 
ATOM   100  H HB2  . GLU A 1 9  ? 9.33105   5.87268   -5.38744  1.000 46.68000  ? 6   GLU A HB2  1 
ATOM   101  H HB3  . GLU A 1 9  ? 8.43967   5.60901   -6.67616  1.000 46.68000  ? 6   GLU A HB3  1 
ATOM   102  H HG2  . GLU A 1 9  ? 9.24330   7.57630   -7.16085  1.000 52.68000  ? 6   GLU A HG2  1 
ATOM   103  H HG3  . GLU A 1 9  ? 7.89485   8.00460   -6.43797  1.000 52.68000  ? 6   GLU A HG3  1 
ATOM   104  N N    . ASP A 1 10 ? 7.52165   3.67648   -4.06435  1.000 32.72234  ? 7   ASP A N    1 
ATOM   105  C CA   . ASP A 1 10 ? 7.21822   2.25223   -4.00545  1.000 34.26727  ? 7   ASP A CA   1 
ATOM   106  C C    . ASP A 1 10 ? 5.78704   2.01670   -3.53713  1.000 29.48248  ? 7   ASP A C    1 
ATOM   107  O O    . ASP A 1 10 ? 5.08449   1.14236   -4.05733  1.000 28.69555  ? 7   ASP A O    1 
ATOM   108  C CB   . ASP A 1 10 ? 8.20863   1.54475   -3.08070  1.000 35.31476  ? 7   ASP A CB   1 
ATOM   109  C CG   . ASP A 1 10 ? 9.65632   1.75247   -3.50897  1.000 48.24789  ? 7   ASP A CG   1 
ATOM   110  O OD1  . ASP A 1 10 ? 9.90836   1.96800   -4.71892  1.000 46.72402  ? 7   ASP A OD1  1 
ATOM   111  O OD2  . ASP A 1 10 ? 10.54575  1.70749   -2.62277  1.000 45.84497  ? 7   ASP A OD2  1 
ATOM   112  H H    . ASP A 1 10 ? 8.08868   3.94415   -3.47562  1.000 39.66000  ? 7   ASP A H    1 
ATOM   113  H HA   . ASP A 1 10 ? 7.31117   1.87203   -4.89287  1.000 41.52000  ? 7   ASP A HA   1 
ATOM   114  H HB2  . ASP A 1 10 ? 8.10799   1.89371   -2.18161  1.000 42.77000  ? 7   ASP A HB2  1 
ATOM   115  H HB3  . ASP A 1 10 ? 8.02658   0.59218   -3.09011  1.000 42.77000  ? 7   ASP A HB3  1 
ATOM   116  N N    . LEU A 1 11 ? 5.34182   2.78649   -2.54937  1.000 28.67186  ? 8   LEU A N    1 
ATOM   117  C CA   . LEU A 1 11 ? 3.95355   2.71998   -2.11659  1.000 25.35567  ? 8   LEU A CA   1 
ATOM   118  C C    . LEU A 1 11 ? 3.00267   2.96470   -3.28519  1.000 24.27396  ? 8   LEU A C    1 
ATOM   119  O O    . LEU A 1 11 ? 2.07060   2.17728   -3.52748  1.000 24.17132  ? 8   LEU A O    1 
ATOM   120  C CB   . LEU A 1 11 ? 3.75680   3.73163   -0.98600  1.000 26.31105  ? 8   LEU A CB   1 
ATOM   121  C CG   . LEU A 1 11 ? 2.64815   3.56324   0.00734   1.000 30.93792  ? 8   LEU A CG   1 
ATOM   122  C CD1  . LEU A 1 11 ? 3.10778   4.18486   1.32279   1.000 35.70954  ? 8   LEU A CD1  1 
ATOM   123  C CD2  . LEU A 1 11 ? 1.39282   4.23441   -0.49888  1.000 34.19357  ? 8   LEU A CD2  1 
ATOM   124  H H    . LEU A 1 11 ? 5.82223   3.35285   -2.11578  1.000 34.80000  ? 8   LEU A H    1 
ATOM   125  H HA   . LEU A 1 11 ? 3.74517   1.83720   -1.77356  1.000 30.83000  ? 8   LEU A HA   1 
ATOM   126  H HB2  . LEU A 1 11 ? 4.57711   3.74357   -0.46974  1.000 31.97000  ? 8   LEU A HB2  1 
ATOM   127  H HB3  . LEU A 1 11 ? 3.61339   4.59673   -1.40082  1.000 31.97000  ? 8   LEU A HB3  1 
ATOM   128  H HG   . LEU A 1 11 ? 2.43533   2.62634   0.14596   1.000 37.52000  ? 8   LEU A HG   1 
ATOM   129  H HD11 . LEU A 1 11 ? 2.35565   4.22104   1.93463   1.000 43.25000  ? 8   LEU A HD11 1 
ATOM   130  H HD12 . LEU A 1 11 ? 3.81484   3.63817   1.69982   1.000 43.25000  ? 8   LEU A HD12 1 
ATOM   131  H HD13 . LEU A 1 11 ? 3.43800   5.08074   1.15100   1.000 43.25000  ? 8   LEU A HD13 1 
ATOM   132  H HD21 . LEU A 1 11 ? 0.67050   4.06242   0.12342   1.000 41.43000  ? 8   LEU A HD21 1 
ATOM   133  H HD22 . LEU A 1 11 ? 1.55179   5.18893   -0.56637  1.000 41.43000  ? 8   LEU A HD22 1 
ATOM   134  H HD23 . LEU A 1 11 ? 1.17182   3.87352   -1.37121  1.000 41.43000  ? 8   LEU A HD23 1 
ATOM   135  N N    . GLU A 1 12 ? 3.24725   4.02943   -4.05023  1.000 25.68729  ? 9   GLU A N    1 
ATOM   136  C CA   . GLU A 1 12 ? 2.39670   4.32987   -5.19551  1.000 27.77965  ? 9   GLU A CA   1 
ATOM   137  C C    . GLU A 1 12 ? 2.46804   3.24605   -6.26297  1.000 27.08483  ? 9   GLU A C    1 
ATOM   138  O O    . GLU A 1 12 ? 1.43861   2.86612   -6.83223  1.000 29.91674  ? 9   GLU A O    1 
ATOM   139  C CB   . GLU A 1 12 ? 2.78202   5.69887   -5.78219  1.000 28.26918  ? 9   GLU A CB   1 
ATOM   140  C CG   . GLU A 1 12 ? 2.06459   6.02724   -7.07780  1.000 34.55151  ? 9   GLU A CG   1 
ATOM   141  C CD   . GLU A 1 12 ? 2.20028   7.48566   -7.50513  1.000 41.78922  ? 9   GLU A CD   1 
ATOM   142  O OE1  . GLU A 1 12 ? 2.52701   8.35903   -6.65270  1.000 40.59960  ? 9   GLU A OE1  1 
ATOM   143  O OE2  . GLU A 1 12 ? 1.96383   7.76403   -8.69447  1.000 39.29418  ? 9   GLU A OE2  1 
ATOM   144  H H    . GLU A 1 12 ? 3.89282   4.58501   -3.92887  1.000 31.22000  ? 9   GLU A H    1 
ATOM   145  H HA   . GLU A 1 12 ? 1.47632   4.37380   -4.89283  1.000 33.73000  ? 9   GLU A HA   1 
ATOM   146  H HB2  . GLU A 1 12 ? 2.56004   6.38833   -5.13671  1.000 34.32000  ? 9   GLU A HB2  1 
ATOM   147  H HB3  . GLU A 1 12 ? 3.73536   5.70479   -5.95959  1.000 34.32000  ? 9   GLU A HB3  1 
ATOM   148  H HG2  . GLU A 1 12 ? 2.43274   5.47666   -7.78634  1.000 41.86000  ? 9   GLU A HG2  1 
ATOM   149  H HG3  . GLU A 1 12 ? 1.12028   5.83911   -6.96734  1.000 41.86000  ? 9   GLU A HG3  1 
ATOM   150  N N    . ARG A 1 13 ? 3.67444   2.74952   -6.57421  1.000 27.62436  ? 10  ARG A N    1 
ATOM   151  C CA   . ARG A 1 13 ? 3.80752   1.74361   -7.61439  1.000 30.34574  ? 10  ARG A CA   1 
ATOM   152  C C    . ARG A 1 13 ? 3.02955   0.47098   -7.26252  1.000 29.62724  ? 10  ARG A C    1 
ATOM   153  O O    . ARG A 1 13 ? 2.24865   -0.04599  -8.07080  1.000 29.21929  ? 10  ARG A O    1 
ATOM   154  C CB   . ARG A 1 13 ? 5.28070   1.39826   -7.85108  1.000 32.70392  ? 10  ARG A CB   1 
ATOM   155  C CG   . ARG A 1 13 ? 5.48751   0.45197   -9.03642  1.000 42.77092  ? 10  ARG A CG   1 
ATOM   156  C CD   . ARG A 1 13 ? 6.90502   -0.11607  -9.13401  1.000 50.77451  ? 10  ARG A CD   1 
ATOM   157  N NE   . ARG A 1 13 ? 7.21781   -1.01789  -8.02963  1.000 47.55570  ? 10  ARG A NE   1 
ATOM   158  C CZ   . ARG A 1 13 ? 8.00236   -0.70002  -7.00682  1.000 50.55343  ? 10  ARG A CZ   1 
ATOM   159  N NH1  . ARG A 1 13 ? 8.58753   0.48943   -6.92403  1.000 46.48978  ? 10  ARG A NH1  1 
ATOM   160  N NH2  . ARG A 1 13 ? 8.21364   -1.60036  -6.04747  1.000 52.63263  ? 10  ARG A NH2  1 
ATOM   161  H H    . ARG A 1 13 ? 4.41350   2.98008   -6.20099  1.000 33.55000  ? 10  ARG A H    1 
ATOM   162  H HA   . ARG A 1 13 ? 3.44653   2.11558   -8.43414  1.000 36.81000  ? 10  ARG A HA   1 
ATOM   163  H HB2  . ARG A 1 13 ? 5.77111   2.21570   -8.03124  1.000 39.64000  ? 10  ARG A HB2  1 
ATOM   164  H HB3  . ARG A 1 13 ? 5.63394   0.96653   -7.05778  1.000 39.64000  ? 10  ARG A HB3  1 
ATOM   165  H HG2  . ARG A 1 13 ? 4.87558   -0.29614  -8.94991  1.000 51.72000  ? 10  ARG A HG2  1 
ATOM   166  H HG3  . ARG A 1 13 ? 5.30646   0.93586   -9.85734  1.000 51.72000  ? 10  ARG A HG3  1 
ATOM   167  H HD2  . ARG A 1 13 ? 6.99179   -0.61301  -9.96300  1.000 61.33000  ? 10  ARG A HD2  1 
ATOM   168  H HD3  . ARG A 1 13 ? 7.54199   0.61467   -9.11731  1.000 61.33000  ? 10  ARG A HD3  1 
ATOM   169  H HE   . ARG A 1 13 ? 6.87242   -1.80518  -8.04322  1.000 57.46000  ? 10  ARG A HE   1 
ATOM   170  H HH11 . ARG A 1 13 ? 8.46237   1.07449   -7.54144  1.000 56.18000  ? 10  ARG A HH11 1 
ATOM   171  H HH12 . ARG A 1 13 ? 9.09216   0.67490   -6.25144  1.000 56.18000  ? 10  ARG A HH12 1 
ATOM   172  H HH21 . ARG A 1 13 ? 7.84473   -2.37492  -6.09607  1.000 63.56000  ? 10  ARG A HH21 1 
ATOM   173  H HH22 . ARG A 1 13 ? 8.71944   -1.40569  -5.37944  1.000 63.56000  ? 10  ARG A HH22 1 
ATOM   174  N N    . ILE A 1 14 ? 3.25587   -0.06390  -6.06698  1.000 29.61671  ? 11  ILE A N    1 
ATOM   175  C CA   . ILE A 1 14 ? 2.56858   -1.29198  -5.66535  1.000 27.57962  ? 11  ILE A CA   1 
ATOM   176  C C    . ILE A 1 14 ? 1.07115   -1.05175  -5.56058  1.000 25.59517  ? 11  ILE A C    1 
ATOM   177  O O    . ILE A 1 14 ? 0.26182   -1.88409  -5.99638  1.000 25.61886  ? 11  ILE A O    1 
ATOM   178  C CB   . ILE A 1 14 ? 3.16779   -1.82274  -4.35170  1.000 29.54302  ? 11  ILE A CB   1 
ATOM   179  C CG1  . ILE A 1 14 ? 4.63382   -2.20607  -4.56237  1.000 34.31727  ? 11  ILE A CG1  1 
ATOM   180  C CG2  . ILE A 1 14 ? 2.36379   -2.99750  -3.83563  1.000 30.20099  ? 11  ILE A CG2  1 
ATOM   181  C CD1  . ILE A 1 14 ? 5.45125   -2.24265  -3.28864  1.000 38.65727  ? 11  ILE A CD1  1 
ATOM   182  H H    . ILE A 1 14 ? 3.79269   0.25669   -5.47672  1.000 35.94000  ? 11  ILE A H    1 
ATOM   183  H HA   . ILE A 1 14 ? 2.70588   -1.96783  -6.34677  1.000 33.49000  ? 11  ILE A HA   1 
ATOM   184  H HB   . ILE A 1 14 ? 3.12905   -1.11985  -3.68476  1.000 35.85000  ? 11  ILE A HB   1 
ATOM   185  H HG12 . ILE A 1 14 ? 4.67024   -3.08941  -4.96104  1.000 41.58000  ? 11  ILE A HG12 1 
ATOM   186  H HG13 . ILE A 1 14 ? 5.04208   -1.55655  -5.15622  1.000 41.58000  ? 11  ILE A HG13 1 
ATOM   187  H HG21 . ILE A 1 14 ? 2.89222   -3.47757  -3.17843  1.000 36.64000  ? 11  ILE A HG21 1 
ATOM   188  H HG22 . ILE A 1 14 ? 1.54919   -2.66658  -3.42620  1.000 36.64000  ? 11  ILE A HG22 1 
ATOM   189  H HG23 . ILE A 1 14 ? 2.14704   -3.58356  -4.57781  1.000 36.64000  ? 11  ILE A HG23 1 
ATOM   190  H HD11 . ILE A 1 14 ? 6.37271   -2.45099  -3.51042  1.000 46.79000  ? 11  ILE A HD11 1 
ATOM   191  H HD12 . ILE A 1 14 ? 5.40333   -1.37568  -2.85740  1.000 46.79000  ? 11  ILE A HD12 1 
ATOM   192  H HD13 . ILE A 1 14 ? 5.09117   -2.92574  -2.70062  1.000 46.79000  ? 11  ILE A HD13 1 
ATOM   193  N N    . GLY A 1 15 ? 0.67392   0.09917   -5.02068  1.000 24.76350  ? 12  GLY A N    1 
ATOM   194  C CA   . GLY A 1 15 ? -0.74244  0.42949   -4.94942  1.000 21.75261  ? 12  GLY A CA   1 
ATOM   195  C C    . GLY A 1 15 ? -1.41344  0.42416   -6.31323  1.000 25.06880  ? 12  GLY A C    1 
ATOM   196  O O    . GLY A 1 15 ? -2.47790  -0.16903  -6.49668  1.000 24.83719  ? 12  GLY A O    1 
ATOM   197  H H    . GLY A 1 15 ? 1.19821   0.69675   -4.69384  1.000 30.11000  ? 12  GLY A H    1 
ATOM   198  H HA2  . GLY A 1 15 ? -1.19408  -0.21867  -4.38594  1.000 26.50000  ? 12  GLY A HA2  1 
ATOM   199  H HA3  . GLY A 1 15 ? -0.84608  1.31250   -4.56200  1.000 26.50000  ? 12  GLY A HA3  1 
ATOM   200  N N    . ARG A 1 16 ? -0.80979  1.10497   -7.28809  1.000 23.60809  ? 13  ARG A N    1 
ATOM   201  C CA   . ARG A 1 16 ? -1.36826  1.12426   -8.63886  1.000 25.20829  ? 13  ARG A CA   1 
ATOM   202  C C    . ARG A 1 16 ? -1.46791  -0.27969  -9.19900  1.000 25.91890  ? 13  ARG A C    1 
ATOM   203  O O    . ARG A 1 16 ? -2.45665  -0.62779  -9.85493  1.000 28.61659  ? 13  ARG A O    1 
ATOM   204  C CB   . ARG A 1 16 ? -0.52284  1.99775   -9.56170  1.000 27.49803  ? 13  ARG A CB   1 
ATOM   205  C CG   . ARG A 1 16 ? -0.60726  3.49680   -9.24943  1.000 27.65595  ? 13  ARG A CG   1 
ATOM   206  C CD   . ARG A 1 16 ? 0.07409   4.32331   -10.29257 1.000 30.60893  ? 13  ARG A CD   1 
ATOM   207  N NE   . ARG A 1 16 ? 0.03204   5.74731   -9.96398  1.000 32.30124  ? 13  ARG A NE   1 
ATOM   208  C CZ   . ARG A 1 16 ? -0.98944  6.55199   -10.22693 1.000 33.15134  ? 13  ARG A CZ   1 
ATOM   209  N NH1  . ARG A 1 16 ? -2.08200  6.11088   -10.82539 1.000 34.43044  ? 13  ARG A NH1  1 
ATOM   210  N NH2  . ARG A 1 16 ? -0.90755  7.83968   -9.88501  1.000 33.62245  ? 13  ARG A NH2  1 
ATOM   211  H H    . ARG A 1 16 ? -0.08491  1.55972   -7.19440  1.000 28.72000  ? 13  ARG A H    1 
ATOM   212  H HA   . ARG A 1 16 ? -2.25634  1.51124   -8.59778  1.000 28.27000  ? 13  ARG A HA   1 
ATOM   213  H HB2  . ARG A 1 16 ? 0.40613   1.73108   -9.47779  1.000 33.24000  ? 13  ARG A HB2  1 
ATOM   214  H HB3  . ARG A 1 16 ? -0.82392  1.86873   -10.47498 1.000 33.24000  ? 13  ARG A HB3  1 
ATOM   215  H HG2  . ARG A 1 16 ? -1.53958  3.76286   -9.21302  1.000 31.58000  ? 13  ARG A HG2  1 
ATOM   216  H HG3  . ARG A 1 16 ? -0.17896  3.67063   -8.39740  1.000 31.58000  ? 13  ARG A HG3  1 
ATOM   217  H HD2  . ARG A 1 16 ? 1.00281   4.05247   -10.35852 1.000 37.13000  ? 13  ARG A HD2  1 
ATOM   218  H HD3  . ARG A 1 16 ? -0.37092  4.19466   -11.14428 1.000 37.13000  ? 13  ARG A HD3  1 
ATOM   219  H HE   . ARG A 1 16 ? 0.71855   6.08791   -9.57270  1.000 39.16000  ? 13  ARG A HE   1 
ATOM   220  H HH11 . ARG A 1 16 ? -2.14330  5.28338   -11.05425 1.000 41.71000  ? 13  ARG A HH11 1 
ATOM   221  H HH12 . ARG A 1 16 ? -2.73182  6.64998   -10.98522 1.000 41.71000  ? 13  ARG A HH12 1 
ATOM   222  H HH21 . ARG A 1 16 ? -0.19982  8.13888   -9.49926  1.000 40.74000  ? 13  ARG A HH21 1 
ATOM   223  H HH22 . ARG A 1 16 ? -1.56408  8.37046   -10.04998 1.000 40.74000  ? 13  ARG A HH22 1 
ATOM   224  N N    . GLU A 1 17 ? -0.45819  -1.10762  -8.93511  1.000 25.91363  ? 14  GLU A N    1 
ATOM   225  C CA   . GLU A 1 17 ? -0.44767  -2.46837  -9.45224  1.000 27.26116  ? 14  GLU A CA   1 
ATOM   226  C C    . GLU A 1 17 ? -1.59600  -3.29330  -8.89279  1.000 27.27169  ? 14  GLU A C    1 
ATOM   227  O O    . GLU A 1 17 ? -2.26162  -4.03757  -9.63825  1.000 28.35340  ? 14  GLU A O    1 
ATOM   228  C CB   . GLU A 1 17 ? 0.88531   -3.13817  -9.11775  1.000 32.61180  ? 14  GLU A CB   1 
ATOM   229  C CG   . GLU A 1 17 ? 1.98743   -2.73362  -10.04404 1.000 43.78683  ? 14  GLU A CG   1 
ATOM   230  C CD   . GLU A 1 17 ? 3.38218   -3.01259  -9.50573  1.000 59.20973  ? 14  GLU A CD   1 
ATOM   231  O OE1  . GLU A 1 17 ? 3.50378   -3.57883  -8.39466  1.000 53.87225  ? 14  GLU A OE1  1 
ATOM   232  O OE2  . GLU A 1 17 ? 4.36312   -2.64846  -10.20043 1.000 59.87297  ? 14  GLU A OE2  1 
ATOM   233  H H    . GLU A 1 17 ? 0.23010   -0.90392  -8.46098  1.000 31.49000  ? 14  GLU A H    1 
ATOM   234  H HA   . GLU A 1 17 ? -0.54922  -2.42833  -10.41611 1.000 33.11000  ? 14  GLU A HA   1 
ATOM   235  H HB2  . GLU A 1 17 ? 1.14536   -2.88935  -8.21611  1.000 39.53000  ? 14  GLU A HB2  1 
ATOM   236  H HB3  . GLU A 1 17 ? 0.77893   -4.10008  -9.17955  1.000 39.53000  ? 14  GLU A HB3  1 
ATOM   237  H HG2  . GLU A 1 17 ? 1.88910   -3.22233  -10.87543 1.000 52.94000  ? 14  GLU A HG2  1 
ATOM   238  H HG3  . GLU A 1 17 ? 1.92027   -1.78053  -10.20959 1.000 52.94000  ? 14  GLU A HG3  1 
ATOM   239  N N    . LEU A 1 18 ? -1.81506  -3.21242  -7.58985  1.000 26.92165  ? 15  LEU A N    1 
ATOM   240  C CA   . LEU A 1 18 ? -2.85060  -4.02923  -6.95827  1.000 25.52674  ? 15  LEU A CA   1 
ATOM   241  C C    . LEU A 1 18 ? -4.23389  -3.56839  -7.39188  1.000 28.02704  ? 15  LEU A C    1 
ATOM   242  O O    . LEU A 1 18 ? -5.09530  -4.38802  -7.72013  1.000 30.06676  ? 15  LEU A O    1 
ATOM   243  C CB   . LEU A 1 18 ? -2.69840  -3.97050  -5.44171  1.000 25.85573  ? 15  LEU A CB   1 
ATOM   244  C CG   . LEU A 1 18 ? -1.49676  -4.73669  -4.87061  1.000 26.75584  ? 15  LEU A CG   1 
ATOM   245  C CD1  . LEU A 1 18 ? -1.22597  -4.36680  -3.42792  1.000 27.28222  ? 15  LEU A CD1  1 
ATOM   246  C CD2  . LEU A 1 18 ? -1.73389  -6.24522  -5.00191  1.000 27.58489  ? 15  LEU A CD2  1 
ATOM   247  H H    . LEU A 1 18 ? -1.38566  -2.69969  -7.04876  1.000 32.70000  ? 15  LEU A H    1 
ATOM   248  H HA   . LEU A 1 18 ? -2.74506  -4.95535  -7.22849  1.000 31.03000  ? 15  LEU A HA   1 
ATOM   249  H HB2  . LEU A 1 18 ? -2.60034  -3.04127  -5.18070  1.000 31.42000  ? 15  LEU A HB2  1 
ATOM   250  H HB3  . LEU A 1 18 ? -3.49874  -4.34509  -5.04067  1.000 31.42000  ? 15  LEU A HB3  1 
ATOM   251  H HG   . LEU A 1 18 ? -0.70590  -4.49334  -5.37759  1.000 32.50000  ? 15  LEU A HG   1 
ATOM   252  H HD11 . LEU A 1 18 ? -0.45741  -4.86742  -3.11215  1.000 33.14000  ? 15  LEU A HD11 1 
ATOM   253  H HD12 . LEU A 1 18 ? -1.04537  -3.41424  -3.37498  1.000 33.14000  ? 15  LEU A HD12 1 
ATOM   254  H HD13 . LEU A 1 18 ? -2.00565  -4.58575  -2.89438  1.000 33.14000  ? 15  LEU A HD13 1 
ATOM   255  H HD21 . LEU A 1 18 ? -1.03404  -6.71752  -4.52344  1.000 33.50000  ? 15  LEU A HD21 1 
ATOM   256  H HD22 . LEU A 1 18 ? -2.59901  -6.46228  -4.62160  1.000 33.50000  ? 15  LEU A HD22 1 
ATOM   257  H HD23 . LEU A 1 18 ? -1.71452  -6.48710  -5.93999  1.000 33.50000  ? 15  LEU A HD23 1 
ATOM   258  N N    . ARG A 1 19 ? -4.46637  -2.25085  -7.41177  1.000 24.25291  ? 16  ARG A N    1 
ATOM   259  C CA   . ARG A 1 19 ? -5.76865  -1.75254  -7.84490  1.000 26.28999  ? 16  ARG A CA   1 
ATOM   260  C C    . ARG A 1 19 ? -6.04057  -2.08454  -9.30474  1.000 28.79819  ? 16  ARG A C    1 
ATOM   261  O O    . ARG A 1 19 ? -7.19604  -2.30865  -9.68516  1.000 30.55366  ? 16  ARG A O    1 
ATOM   262  C CB   . ARG A 1 19 ? -5.84434  -0.24521  -7.58913  1.000 30.39838  ? 16  ARG A CB   1 
ATOM   263  C CG   . ARG A 1 19 ? -7.16279  0.41052   -7.98555  1.000 29.66935  ? 16  ARG A CG   1 
ATOM   264  C CD   . ARG A 1 19 ? -7.11566  1.90842   -7.68122  1.000 35.20948  ? 16  ARG A CD   1 
ATOM   265  N NE   . ARG A 1 19 ? -6.04097  2.57129   -8.40811  1.000 28.89820  ? 16  ARG A NE   1 
ATOM   266  C CZ   . ARG A 1 19 ? -5.52925  3.75003   -8.08303  1.000 32.71445  ? 16  ARG A CZ   1 
ATOM   267  N NH1  . ARG A 1 19 ? -5.97951  4.43453   -7.04867  1.000 27.78754  ? 16  ARG A NH1  1 
ATOM   268  N NH2  . ARG A 1 19 ? -4.54067  4.25375   -8.82066  1.000 30.65631  ? 16  ARG A NH2  1 
ATOM   269  H H    . ARG A 1 19 ? -3.89992  -1.64361  -7.18698  1.000 29.50000  ? 16  ARG A H    1 
ATOM   270  H HA   . ARG A 1 19 ? -6.46908  -2.17794  -7.32507  1.000 31.94000  ? 16  ARG A HA   1 
ATOM   271  H HB2  . ARG A 1 19 ? -5.71454  -0.08842  -6.64067  1.000 36.87000  ? 16  ARG A HB2  1 
ATOM   272  H HB3  . ARG A 1 19 ? -5.13968  0.18736   -8.09612  1.000 36.87000  ? 16  ARG A HB3  1 
ATOM   273  H HG2  . ARG A 1 19 ? -7.31497  0.29146   -8.93618  1.000 36.00000  ? 16  ARG A HG2  1 
ATOM   274  H HG3  . ARG A 1 19 ? -7.89034  0.01359   -7.48134  1.000 36.00000  ? 16  ARG A HG3  1 
ATOM   275  H HD2  . ARG A 1 19 ? -7.95609  2.31494   -7.94295  1.000 42.65000  ? 16  ARG A HD2  1 
ATOM   276  H HD3  . ARG A 1 19 ? -6.96635  2.03707   -6.73150  1.000 42.65000  ? 16  ARG A HD3  1 
ATOM   277  H HE   . ARG A 1 19 ? -5.71487  2.16900   -9.09572  1.000 35.07000  ? 16  ARG A HE   1 
ATOM   278  H HH11 . ARG A 1 19 ? -6.61908  4.11673   -6.56922  1.000 33.74000  ? 16  ARG A HH11 1 
ATOM   279  H HH12 . ARG A 1 19 ? -5.63456  5.19757   -6.85476  1.000 33.74000  ? 16  ARG A HH12 1 
ATOM   280  H HH21 . ARG A 1 19 ? -4.24197  3.81388   -9.49773  1.000 37.18000  ? 16  ARG A HH21 1 
ATOM   281  H HH22 . ARG A 1 19 ? -4.19995  5.01752   -8.62086  1.000 37.18000  ? 16  ARG A HH22 1 
ATOM   282  N N    . ALA A 1 20 ? -4.99950  -2.11665  -10.15454 1.000 29.14560  ? 17  ALA A N    1 
ATOM   283  C CA   . ALA A 1 20 ? -5.20303  -2.43874  -11.55369 1.000 31.71696  ? 17  ALA A CA   1 
ATOM   284  C C    . ALA A 1 20 ? -5.70613  -3.86407  -11.74294 1.000 32.48811  ? 17  ALA A C    1 
ATOM   285  O O    . ALA A 1 20 ? -6.35123  -4.15190  -12.75443 1.000 36.39384  ? 17  ALA A O    1 
ATOM   286  C CB   . ALA A 1 20 ? -3.91074  -2.24181  -12.33974 1.000 33.10923  ? 17  ALA A CB   1 
ATOM   287  H H    . ALA A 1 20 ? -4.18239  -1.95586  -9.93783  1.000 35.37000  ? 17  ALA A H    1 
ATOM   288  H HA   . ALA A 1 20 ? -5.86573  -1.83116  -11.91583 1.000 36.08000  ? 17  ALA A HA   1 
ATOM   289  H HB1  . ALA A 1 20 ? -4.07059  -2.46155  -13.27059 1.000 38.44000  ? 17  ALA A HB1  1 
ATOM   290  H HB2  . ALA A 1 20 ? -3.63147  -1.31654  -12.26152 1.000 38.44000  ? 17  ALA A HB2  1 
ATOM   291  H HB3  . ALA A 1 20 ? -3.22671  -2.82531  -11.97464 1.000 38.44000  ? 17  ALA A HB3  1 
ATOM   292  N N    . ARG A 1 21 ? -5.42262  -4.75266  -10.78922 1.000 34.43044  ? 18  ARG A N    1 
ATOM   293  C CA   . ARG A 1 21 ? -5.94031  -6.11769  -10.83447 1.000 36.83600  ? 18  ARG A CA   1 
ATOM   294  C C    . ARG A 1 21 ? -7.42834  -6.19815  -10.57224 1.000 33.17503  ? 18  ARG A C    1 
ATOM   295  O O    . ARG A 1 21 ? -7.99122  -7.29789  -10.64811 1.000 38.07299  ? 18  ARG A O    1 
ATOM   296  C CB   . ARG A 1 21 ? -5.21989  -6.98491  -9.80128  1.000 34.57783  ? 18  ARG A CB   1 
ATOM   297  C CG   . ARG A 1 21 ? -3.73821  -7.10960  -10.04303 1.000 40.20745  ? 18  ARG A CG   1 
ATOM   298  C CD   . ARG A 1 21 ? -3.07579  -7.79631  -8.86547  1.000 43.13675  ? 18  ARG A CD   1 
ATOM   299  N NE   . ARG A 1 21 ? -2.13362  -8.79631  -9.33527  1.000 54.25124  ? 18  ARG A NE   1 
ATOM   300  C CZ   . ARG A 1 21 ? -2.47948  -10.01286 -9.73985  1.000 67.36860  ? 18  ARG A CZ   1 
ATOM   301  N NH1  . ARG A 1 21 ? -3.73292  -10.43709 -9.66656  1.000 67.17911  ? 18  ARG A NH1  1 
ATOM   302  N NH2  . ARG A 1 21 ? -1.54530  -10.81917 -10.23952 1.000 57.92010  ? 18  ARG A NH2  1 
ATOM   303  H H    . ARG A 1 21 ? -4.93089  -4.58831  -10.10249 1.000 41.71000  ? 18  ARG A H    1 
ATOM   304  H HA   . ARG A 1 21 ? -5.76444  -6.47174  -11.72030 1.000 44.60000  ? 18  ARG A HA   1 
ATOM   305  H HB2  . ARG A 1 21 ? -5.34474  -6.59237  -8.92272  1.000 41.89000  ? 18  ARG A HB2  1 
ATOM   306  H HB3  . ARG A 1 21 ? -5.60054  -7.87665  -9.82280  1.000 41.89000  ? 18  ARG A HB3  1 
ATOM   307  H HG2  . ARG A 1 21 ? -3.58056  -7.63939  -10.84052 1.000 48.65000  ? 18  ARG A HG2  1 
ATOM   308  H HG3  . ARG A 1 21 ? -3.34860  -6.22811  -10.14868 1.000 48.65000  ? 18  ARG A HG3  1 
ATOM   309  H HD2  . ARG A 1 21 ? -2.59581  -7.14256  -8.33470  1.000 52.16000  ? 18  ARG A HD2  1 
ATOM   310  H HD3  . ARG A 1 21 ? -3.74912  -8.23555  -8.32285  1.000 52.16000  ? 18  ARG A HD3  1 
ATOM   311  H HE   . ARG A 1 21 ? -1.30016  -8.58718  -9.35326  1.000 65.50000  ? 18  ARG A HE   1 
ATOM   312  H HH11 . ARG A 1 21 ? -4.34450  -9.92092  -9.35099  1.000 81.01000  ? 18  ARG A HH11 1 
ATOM   313  H HH12 . ARG A 1 21 ? -3.93584  -11.22960 -9.93385  1.000 81.01000  ? 18  ARG A HH12 1 
ATOM   314  H HH21 . ARG A 1 21 ? -0.73008  -10.55002 -10.29658 1.000 69.90000  ? 18  ARG A HH21 1 
ATOM   315  H HH22 . ARG A 1 21 ? -1.75568  -11.60954 -10.50463 1.000 69.90000  ? 18  ARG A HH22 1 
ATOM   316  N N    . GLY A 1 22 ? -8.08015  -5.09575  -10.24937 1.000 32.55390  ? 19  GLY A N    1 
ATOM   317  C CA   . GLY A 1 22 ? -9.48379  -5.10437  -9.91100  1.000 36.35173  ? 19  GLY A CA   1 
ATOM   318  C C    . GLY A 1 22 ? -9.78408  -5.24246  -8.44088  1.000 36.70440  ? 19  GLY A C    1 
ATOM   319  O O    . GLY A 1 22 ? -10.95581 -5.39475  -8.07587  1.000 40.92070  ? 19  GLY A O    1 
ATOM   320  H H    . GLY A 1 22 ? -7.72178  -4.31492  -10.21816 1.000 39.46000  ? 19  GLY A H    1 
ATOM   321  H HA2  . GLY A 1 22 ? -9.88140  -4.27412  -10.21717 1.000 44.02000  ? 19  GLY A HA2  1 
ATOM   322  H HA3  . GLY A 1 22 ? -9.90858  -5.84680  -10.37029 1.000 44.02000  ? 19  GLY A HA3  1 
ATOM   323  N N    . LEU A 1 23 ? -8.77247  -5.18452  -7.58625  1.000 32.20649  ? 20  LEU A N    1 
ATOM   324  C CA   . LEU A 1 23 ? -8.95020  -5.40651  -6.15598  1.000 35.27265  ? 20  LEU A CA   1 
ATOM   325  C C    . LEU A 1 23 ? -9.50469  -4.15096  -5.48438  1.000 35.38056  ? 20  LEU A C    1 
ATOM   326  O O    . LEU A 1 23 ? -8.83850  -3.11050  -5.45904  1.000 33.05396  ? 20  LEU A O    1 
ATOM   327  C CB   . LEU A 1 23 ? -7.61546  -5.79479  -5.51690  1.000 29.06138  ? 20  LEU A CB   1 
ATOM   328  C CG   . LEU A 1 23 ? -6.94135  -7.06877  -6.03189  1.000 30.52208  ? 20  LEU A CG   1 
ATOM   329  C CD1  . LEU A 1 23 ? -5.53236  -7.18760  -5.47513  1.000 28.80345  ? 20  LEU A CD1  1 
ATOM   330  C CD2  . LEU A 1 23 ? -7.75401  -8.29102  -5.67256  1.000 34.02250  ? 20  LEU A CD2  1 
ATOM   331  H H    . LEU A 1 23 ? -7.95946  -5.01620  -7.81129  1.000 39.05000  ? 20  LEU A H    1 
ATOM   332  H HA   . LEU A 1 23 ? -9.58896  -6.12454  -6.02893  1.000 42.73000  ? 20  LEU A HA   1 
ATOM   333  H HB2  . LEU A 1 23 ? -6.99163  -5.06593  -5.66338  1.000 35.27000  ? 20  LEU A HB2  1 
ATOM   334  H HB3  . LEU A 1 23 ? -7.76459  -5.91783  -4.56677  1.000 35.27000  ? 20  LEU A HB3  1 
ATOM   335  H HG   . LEU A 1 23 ? -6.88571  -7.02182  -6.99871  1.000 37.02000  ? 20  LEU A HG   1 
ATOM   336  H HD11 . LEU A 1 23 ? -5.12732  -8.00275  -5.81193  1.000 34.96000  ? 20  LEU A HD11 1 
ATOM   337  H HD12 . LEU A 1 23 ? -5.01456  -6.41840  -5.76150  1.000 34.96000  ? 20  LEU A HD12 1 
ATOM   338  H HD13 . LEU A 1 23 ? -5.57597  -7.21581  -4.50713  1.000 34.96000  ? 20  LEU A HD13 1 
ATOM   339  H HD21 . LEU A 1 23 ? -7.29593  -9.08172  -5.99828  1.000 41.22000  ? 20  LEU A HD21 1 
ATOM   340  H HD22 . LEU A 1 23 ? -7.84681  -8.33688  -4.70779  1.000 41.22000  ? 20  LEU A HD22 1 
ATOM   341  H HD23 . LEU A 1 23 ? -8.62878  -8.22149  -6.08673  1.000 41.22000  ? 20  LEU A HD23 1 
ATOM   342  N N    . ASP A 1 24 ? -10.71827 -4.24844  -4.94547  1.000 34.97788  ? 21  ASP A N    1 
ATOM   343  C CA   . ASP A 1 24 ? -11.22550 -3.21837  -4.05490  1.000 35.33845  ? 21  ASP A CA   1 
ATOM   344  C C    . ASP A 1 24 ? -10.49562 -3.32315  -2.71903  1.000 30.96950  ? 21  ASP A C    1 
ATOM   345  O O    . ASP A 1 24 ? -9.62751  -4.17346  -2.52156  1.000 30.20889  ? 21  ASP A O    1 
ATOM   346  C CB   . ASP A 1 24 ? -12.73715 -3.33400  -3.88451  1.000 36.52806  ? 21  ASP A CB   1 
ATOM   347  C CG   . ASP A 1 24 ? -13.17437 -4.56672  -3.09618  1.000 44.44217  ? 21  ASP A CG   1 
ATOM   348  O OD1  . ASP A 1 24 ? -12.32875 -5.40672  -2.72636  1.000 41.26547  ? 21  ASP A OD1  1 
ATOM   349  O OD2  . ASP A 1 24 ? -14.39280 -4.69580  -2.83950  1.000 51.34037  ? 21  ASP A OD2  1 
ATOM   350  H H    . ASP A 1 24 ? -11.26310 -4.89937  -5.08216  1.000 42.37000  ? 21  ASP A H    1 
ATOM   351  H HA   . ASP A 1 24 ? -11.05645 -2.34474  -4.43988  1.000 42.80000  ? 21  ASP A HA   1 
ATOM   352  H HB2  . ASP A 1 24 ? -13.05875 -2.55142  -3.41058  1.000 44.23000  ? 21  ASP A HB2  1 
ATOM   353  H HB3  . ASP A 1 24 ? -13.14804 -3.38321  -4.76116  1.000 44.23000  ? 21  ASP A HB3  1 
ATOM   354  N N    . THR A 1 25 ? -10.85624 -2.45116  -1.78281  1.000 29.44827  ? 22  THR A N    1 
ATOM   355  C CA   . THR A 1 25 ? -10.07805 -2.35415  -0.55281  1.000 27.32170  ? 22  THR A CA   1 
ATOM   356  C C    . THR A 1 25 ? -10.08487 -3.66430  0.22496   1.000 23.40544  ? 22  THR A C    1 
ATOM   357  O O    . THR A 1 25 ? -9.03837  -4.11011  0.70558   1.000 22.09212  ? 22  THR A O    1 
ATOM   358  C CB   . THR A 1 25 ? -10.60206 -1.20536  0.30474   1.000 31.25901  ? 22  THR A CB   1 
ATOM   359  O OG1  . THR A 1 25 ? -10.58435 0.00569   -0.46919  1.000 36.43332  ? 22  THR A OG1  1 
ATOM   360  C CG2  . THR A 1 25 ? -9.72716  -1.03947  1.53423   1.000 28.70871  ? 22  THR A CG2  1 
ATOM   361  H H    . THR A 1 25 ? -11.52861 -1.91920  -1.83295  1.000 35.73000  ? 22  THR A H    1 
ATOM   362  H HA   . THR A 1 25 ? -9.15690  -2.16126  -0.78700  1.000 33.18000  ? 22  THR A HA   1 
ATOM   363  H HB   . THR A 1 25 ? -11.50951 -1.38804  0.59531   1.000 37.91000  ? 22  THR A HB   1 
ATOM   364  H HG1  . THR A 1 25 ? -9.80665  0.15644   -0.74992  1.000 44.12000  ? 22  THR A HG1  1 
ATOM   365  H HG21 . THR A 1 25 ? -10.20934 -1.32630  2.32561   1.000 34.85000  ? 22  THR A HG21 1 
ATOM   366  H HG22 . THR A 1 25 ? -8.92258  -1.57409  1.44440   1.000 34.85000  ? 22  THR A HG22 1 
ATOM   367  H HG23 . THR A 1 25 ? -9.47563  -0.10820  1.63953   1.000 34.85000  ? 22  THR A HG23 1 
ATOM   368  N N    . LYS A 1 26 ? -11.24594 -4.29476  0.37204   1.000 25.14249  ? 23  LYS A N    1 
ATOM   369  C CA   . LYS A 1 26 ? -11.28217 -5.53303  1.14969   1.000 24.67138  ? 23  LYS A CA   1 
ATOM   370  C C    . LYS A 1 26 ? -10.45984 -6.62789  0.47889   1.000 26.02417  ? 23  LYS A C    1 
ATOM   371  O O    . LYS A 1 26 ? -9.68595  -7.34132  1.13070   1.000 24.56874  ? 23  LYS A O    1 
ATOM   372  C CB   . LYS A 1 26 ? -12.71646 -6.00705  1.36042   1.000 32.24071  ? 23  LYS A CB   1 
ATOM   373  C CG   . LYS A 1 26 ? -12.79395 -7.23336  2.25214   1.000 30.82212  ? 23  LYS A CG   1 
ATOM   374  C CD   . LYS A 1 26 ? -14.19504 -7.79491  2.33400   1.000 42.85251  ? 23  LYS A CD   1 
ATOM   375  C CE   . LYS A 1 26 ? -14.24874 -8.98439  3.29229   1.000 48.97956  ? 23  LYS A CE   1 
ATOM   376  N NZ   . LYS A 1 26 ? -15.22021 -10.02557 2.84359   1.000 54.73551  ? 23  LYS A NZ   1 
ATOM   377  H H    . LYS A 1 26 ? -11.99899 -4.03938  0.04512   1.000 30.57000  ? 23  LYS A H    1 
ATOM   378  H HA   . LYS A 1 26 ? -10.90136 -5.34630  2.02187   1.000 30.00000  ? 23  LYS A HA   1 
ATOM   379  H HB2  . LYS A 1 26 ? -13.22655 -5.29650  1.77876   1.000 39.08000  ? 23  LYS A HB2  1 
ATOM   380  H HB3  . LYS A 1 26 ? -13.10447 -6.23320  0.50129   1.000 39.08000  ? 23  LYS A HB3  1 
ATOM   381  H HG2  . LYS A 1 26 ? -12.21273 -7.92393  1.89539   1.000 37.39000  ? 23  LYS A HG2  1 
ATOM   382  H HG3  . LYS A 1 26 ? -12.51272 -6.99357  3.14890   1.000 37.39000  ? 23  LYS A HG3  1 
ATOM   383  H HD2  . LYS A 1 26 ? -14.79983 -7.10971  2.65865   1.000 51.82000  ? 23  LYS A HD2  1 
ATOM   384  H HD3  . LYS A 1 26 ? -14.47574 -8.09522  1.45529   1.000 51.82000  ? 23  LYS A HD3  1 
ATOM   385  H HE2  . LYS A 1 26 ? -13.37014 -9.39258  3.34251   1.000 59.17000  ? 23  LYS A HE2  1 
ATOM   386  H HE3  . LYS A 1 26 ? -14.52185 -8.67453  4.17003   1.000 59.17000  ? 23  LYS A HE3  1 
ATOM   387  H HZ1  . LYS A 1 26 ? -15.24084 -10.69465 3.43015   1.000 66.08000  ? 23  LYS A HZ1  1 
ATOM   388  H HZ2  . LYS A 1 26 ? -16.03497 -9.67351  2.77801   1.000 66.08000  ? 23  LYS A HZ2  1 
ATOM   389  H HZ3  . LYS A 1 26 ? -14.97875 -10.34505 2.04924   1.000 66.08000  ? 23  LYS A HZ3  1 
ATOM   390  N N    . ARG A 1 27 ? -10.63086 -6.79007  -0.83334  1.000 23.50282  ? 24  ARG A N    1 
ATOM   391  C CA   . ARG A 1 27 ? -9.87387  -7.79947  -1.56280  1.000 24.32660  ? 24  ARG A CA   1 
ATOM   392  C C    . ARG A 1 27 ? -8.39868  -7.46051  -1.60254  1.000 23.73706  ? 24  ARG A C    1 
ATOM   393  O O    . ARG A 1 27 ? -7.55974  -8.36351  -1.58730  1.000 24.49241  ? 24  ARG A O    1 
ATOM   394  C CB   . ARG A 1 27 ? -10.42728 -7.94721  -2.97832  1.000 28.69818  ? 24  ARG A CB   1 
ATOM   395  C CG   . ARG A 1 27 ? -11.80519 -8.55991  -3.04938  1.000 40.17061  ? 24  ARG A CG   1 
ATOM   396  C CD   . ARG A 1 27 ? -11.69771 -10.01160 -3.47013  1.000 49.27433  ? 24  ARG A CD   1 
ATOM   397  N NE   . ARG A 1 27 ? -10.94657 -10.77522 -2.47927  1.000 59.60188  ? 24  ARG A NE   1 
ATOM   398  C CZ   . ARG A 1 27 ? -10.16668 -11.81188 -2.75622  1.000 53.62222  ? 24  ARG A CZ   1 
ATOM   399  N NH1  . ARG A 1 27 ? -9.97505  -12.22057 -4.00468  1.000 58.19645  ? 24  ARG A NH1  1 
ATOM   400  N NH2  . ARG A 1 27 ? -9.55873  -12.44912 -1.75830  1.000 45.95814  ? 24  ARG A NH2  1 
ATOM   401  H H    . ARG A 1 27 ? -11.17397 -6.33176  -1.31822  1.000 28.60000  ? 24  ARG A H    1 
ATOM   402  H HA   . ARG A 1 27 ? -9.97319  -8.65327  -1.11451  1.000 29.59000  ? 24  ARG A HA   1 
ATOM   403  H HB2  . ARG A 1 27 ? -10.47701 -7.06695  -3.38426  1.000 34.83000  ? 24  ARG A HB2  1 
ATOM   404  H HB3  . ARG A 1 27 ? -9.82763  -8.51429  -3.48674  1.000 34.83000  ? 24  ARG A HB3  1 
ATOM   405  H HG2  . ARG A 1 27 ? -12.22850 -8.51779  -2.17669  1.000 48.60000  ? 24  ARG A HG2  1 
ATOM   406  H HG3  . ARG A 1 27 ? -12.34303 -8.08447  -3.70256  1.000 48.60000  ? 24  ARG A HG3  1 
ATOM   407  H HD2  . ARG A 1 27 ? -12.58578 -10.39446 -3.54690  1.000 59.52000  ? 24  ARG A HD2  1 
ATOM   408  H HD3  . ARG A 1 27 ? -11.23543 -10.06971 -4.32092  1.000 59.52000  ? 24  ARG A HD3  1 
ATOM   409  H HE   . ARG A 1 27 ? -11.01393 -10.53553 -1.65640  1.000 71.92000  ? 24  ARG A HE   1 
ATOM   410  H HH11 . ARG A 1 27 ? -10.36063 -11.81095 -4.65533  1.000 70.23000  ? 24  ARG A HH11 1 
ATOM   411  H HH12 . ARG A 1 27 ? -9.46541  -12.89435 -4.16211  1.000 70.23000  ? 24  ARG A HH12 1 
ATOM   412  H HH21 . ARG A 1 27 ? -9.67424  -12.18709 -0.94688  1.000 55.55000  ? 24  ARG A HH21 1 
ATOM   413  H HH22 . ARG A 1 27 ? -9.05073  -13.12293 -1.92404  1.000 55.55000  ? 24  ARG A HH22 1 
ATOM   414  N N    . LEU A 1 28 ? -8.05551  -6.17137  -1.64879  1.000 21.62628  ? 25  LEU A N    1 
ATOM   415  C CA   . LEU A 1 28 ? -6.65126  -5.77994  -1.58817  1.000 21.24202  ? 25  LEU A CA   1 
ATOM   416  C C    . LEU A 1 28 ? -6.02093  -6.20976  -0.27729  1.000 21.39204  ? 25  LEU A C    1 
ATOM   417  O O    . LEU A 1 28 ? -4.89032  -6.70138  -0.26077  1.000 22.24477  ? 25  LEU A O    1 
ATOM   418  C CB   . LEU A 1 28 ? -6.51433  -4.26569  -1.78163  1.000 26.00312  ? 25  LEU A CB   1 
ATOM   419  C CG   . LEU A 1 28 ? -5.09759  -3.73032  -1.90472  1.000 24.43977  ? 25  LEU A CG   1 
ATOM   420  C CD1  . LEU A 1 28 ? -5.08647  -2.45810  -2.77190  1.000 29.23245  ? 25  LEU A CD1  1 
ATOM   421  C CD2  . LEU A 1 28 ? -4.49201  -3.43876  -0.53803  1.000 29.04559  ? 25  LEU A CD2  1 
ATOM   422  H H    . LEU A 1 28 ? -8.60864  -5.51692  -1.71483  1.000 26.35000  ? 25  LEU A H    1 
ATOM   423  H HA   . LEU A 1 28 ? -6.17454  -6.21684  -2.31120  1.000 25.89000  ? 25  LEU A HA   1 
ATOM   424  H HB2  . LEU A 1 28 ? -6.98339  -4.02119  -2.59415  1.000 31.60000  ? 25  LEU A HB2  1 
ATOM   425  H HB3  . LEU A 1 28 ? -6.92074  -3.82576  -1.01842  1.000 31.60000  ? 25  LEU A HB3  1 
ATOM   426  H HG   . LEU A 1 28 ? -4.54812  -4.40719  -2.32873  1.000 29.72000  ? 25  LEU A HG   1 
ATOM   427  H HD11 . LEU A 1 28 ? -4.17861  -2.12213  -2.82722  1.000 35.47000  ? 25  LEU A HD11 1 
ATOM   428  H HD12 . LEU A 1 28 ? -5.41248  -2.67845  -3.65843  1.000 35.47000  ? 25  LEU A HD12 1 
ATOM   429  H HD13 . LEU A 1 28 ? -5.66232  -1.79246  -2.36426  1.000 35.47000  ? 25  LEU A HD13 1 
ATOM   430  H HD21 . LEU A 1 28 ? -5.15718  -2.99821  0.01390   1.000 35.25000  ? 25  LEU A HD21 1 
ATOM   431  H HD22 . LEU A 1 28 ? -4.22334  -4.27572  -0.12782  1.000 35.25000  ? 25  LEU A HD22 1 
ATOM   432  H HD23 . LEU A 1 28 ? -3.72062  -2.86193  -0.65201  1.000 35.25000  ? 25  LEU A HD23 1 
ATOM   433  N N    . LEU A 1 29 ? -6.74261  -6.04753  0.83421   1.000 20.53930  ? 26  LEU A N    1 
ATOM   434  C CA   . LEU A 1 29 ? -6.22593  -6.45495  2.13431   1.000 18.81015  ? 26  LEU A CA   1 
ATOM   435  C C    . LEU A 1 29 ? -6.18927  -7.96735  2.30071   1.000 22.88169  ? 26  LEU A C    1 
ATOM   436  O O    . LEU A 1 29 ? -5.40680  -8.46648  3.11538   1.000 23.85286  ? 26  LEU A O    1 
ATOM   437  C CB   . LEU A 1 29 ? -7.05747  -5.80086  3.23464   1.000 19.33127  ? 26  LEU A CB   1 
ATOM   438  C CG   . LEU A 1 29 ? -6.94258  -4.26610  3.29559   1.000 20.74986  ? 26  LEU A CG   1 
ATOM   439  C CD1  . LEU A 1 29 ? -7.91013  -3.70360  4.30622   1.000 25.96627  ? 26  LEU A CD1  1 
ATOM   440  C CD2  . LEU A 1 29 ? -5.51851  -3.86193  3.59733   1.000 22.81589  ? 26  LEU A CD2  1 
ATOM   441  H H    . LEU A 1 29 ? -7.53087  -5.70472  0.85929   1.000 25.04000  ? 26  LEU A H    1 
ATOM   442  H HA   . LEU A 1 29 ? -5.31168  -6.14580  2.22988   1.000 22.97000  ? 26  LEU A HA   1 
ATOM   443  H HB2  . LEU A 1 29 ? -7.99007  -6.02024  3.08699   1.000 23.59000  ? 26  LEU A HB2  1 
ATOM   444  H HB3  . LEU A 1 29 ? -6.76541  -6.15071  4.09028   1.000 23.59000  ? 26  LEU A HB3  1 
ATOM   445  H HG   . LEU A 1 29 ? -7.17710  -3.88701  2.43430   1.000 25.30000  ? 26  LEU A HG   1 
ATOM   446  H HD11 . LEU A 1 29 ? -7.80407  -2.74090  4.34286   1.000 31.56000  ? 26  LEU A HD11 1 
ATOM   447  H HD12 . LEU A 1 29 ? -8.81424  -3.92656  4.03476   1.000 31.56000  ? 26  LEU A HD12 1 
ATOM   448  H HD13 . LEU A 1 29 ? -7.72016  -4.09145  5.17418   1.000 31.56000  ? 26  LEU A HD13 1 
ATOM   449  H HD21 . LEU A 1 29 ? -5.50416  -2.92733  3.85611   1.000 27.77000  ? 26  LEU A HD21 1 
ATOM   450  H HD22 . LEU A 1 29 ? -5.18159  -4.41218  4.32205   1.000 27.77000  ? 26  LEU A HD22 1 
ATOM   451  H HD23 . LEU A 1 29 ? -4.97824  -3.99325  2.80339   1.000 27.77000  ? 26  LEU A HD23 1 
ATOM   452  N N    . GLU A 1 30 ? -6.97990  -8.71097  1.53019   1.000 21.76314  ? 27  GLU A N    1 
ATOM   453  C CA   . GLU A 1 30 ? -6.91296  -10.16366 1.54991   1.000 24.06341  ? 27  GLU A CA   1 
ATOM   454  C C    . GLU A 1 30 ? -5.86303  -10.70977 0.58425   1.000 30.54577  ? 27  GLU A C    1 
ATOM   455  O O    . GLU A 1 30 ? -5.10668  -11.61978 0.94087   1.000 29.53775  ? 27  GLU A O    1 
ATOM   456  C CB   . GLU A 1 30 ? -8.28462  -10.74679 1.23176   1.000 24.55558  ? 27  GLU A CB   1 
ATOM   457  C CG   . GLU A 1 30 ? -9.30526  -10.47304 2.32058   1.000 29.12454  ? 27  GLU A CG   1 
ATOM   458  C CD   . GLU A 1 30 ? -10.67870 -11.01305 1.98754   1.000 39.70213  ? 27  GLU A CD   1 
ATOM   459  O OE1  . GLU A 1 30 ? -11.05608 -10.99499 0.79275   1.000 40.12586  ? 27  GLU A OE1  1 
ATOM   460  O OE2  . GLU A 1 30 ? -11.38145 -11.46330 2.91728   1.000 40.05217  ? 27  GLU A OE2  1 
ATOM   461  H H    . GLU A 1 30 ? -7.56596  -8.39432  0.98638   1.000 26.51000  ? 27  GLU A H    1 
ATOM   462  H HA   . GLU A 1 30 ? -6.66538  -10.45794 2.44088   1.000 29.27000  ? 27  GLU A HA   1 
ATOM   463  H HB2  . GLU A 1 30 ? -8.61137  -10.35311 0.40738   1.000 29.86000  ? 27  GLU A HB2  1 
ATOM   464  H HB3  . GLU A 1 30 ? -8.20314  -11.70822 1.13071   1.000 29.86000  ? 27  GLU A HB3  1 
ATOM   465  H HG2  . GLU A 1 30 ? -9.00999  -10.89301 3.14331   1.000 35.35000  ? 27  GLU A HG2  1 
ATOM   466  H HG3  . GLU A 1 30 ? -9.38328  -9.51417  2.44690   1.000 35.35000  ? 27  GLU A HG3  1 
ATOM   467  N N    . GLU A 1 31 ? -5.78297  -10.15674 -0.62858  1.000 22.37637  ? 28  GLU A N    1 
ATOM   468  C CA   . GLU A 1 31 ? -4.88677  -10.68924 -1.64754  1.000 28.04284  ? 28  GLU A CA   1 
ATOM   469  C C    . GLU A 1 31 ? -3.51548  -10.04323 -1.62065  1.000 26.89270  ? 28  GLU A C    1 
ATOM   470  O O    . GLU A 1 31 ? -2.53264  -10.69432 -2.00487  1.000 25.72677  ? 28  GLU A O    1 
ATOM   471  C CB   . GLU A 1 31 ? -5.49796  -10.50270 -3.04596  1.000 28.33761  ? 28  GLU A CB   1 
ATOM   472  C CG   . GLU A 1 31 ? -6.76906  -11.30460 -3.27894  1.000 33.84090  ? 28  GLU A CG   1 
ATOM   473  C CD   . GLU A 1 31 ? -6.52276  -12.80141 -3.27650  1.000 56.28833  ? 28  GLU A CD   1 
ATOM   474  O OE1  . GLU A 1 31 ? -5.71991  -13.27703 -4.11499  1.000 59.31501  ? 28  GLU A OE1  1 
ATOM   475  O OE2  . GLU A 1 31 ? -7.11988  -13.50010 -2.42686  1.000 54.30914  ? 28  GLU A OE2  1 
ATOM   476  H H    . GLU A 1 31 ? -6.23825  -9.47253  -0.88194  1.000 27.25000  ? 28  GLU A H    1 
ATOM   477  H HA   . GLU A 1 31 ? -4.77709  -11.64069 -1.49039  1.000 34.05000  ? 28  GLU A HA   1 
ATOM   478  H HB2  . GLU A 1 31 ? -5.71391  -9.56580  -3.16768  1.000 34.40000  ? 28  GLU A HB2  1 
ATOM   479  H HB3  . GLU A 1 31 ? -4.84719  -10.78287 -3.70928  1.000 34.40000  ? 28  GLU A HB3  1 
ATOM   480  H HG2  . GLU A 1 31 ? -7.40456  -11.10322 -2.57375  1.000 41.00000  ? 28  GLU A HG2  1 
ATOM   481  H HG3  . GLU A 1 31 ? -7.14293  -11.06274 -4.14052  1.000 41.00000  ? 28  GLU A HG3  1 
ATOM   482  N N    . GLY A 1 32 ? -3.44039  -8.78626  -1.21748  1.000 22.47112  ? 29  GLY A N    1 
ATOM   483  C CA   . GLY A 1 32 ? -2.20217  -8.04987  -1.15588  1.000 26.10576  ? 29  GLY A CA   1 
ATOM   484  C C    . GLY A 1 32 ? -1.11003  -8.78800  -0.41331  1.000 24.96615  ? 29  GLY A C    1 
ATOM   485  O O    . GLY A 1 32 ? 0.00863   -8.93458  -0.91130  1.000 25.76362  ? 29  GLY A O    1 
ATOM   486  H H    . GLY A 1 32 ? -4.12120  -8.32388  -0.96740  1.000 27.36000  ? 29  GLY A H    1 
ATOM   487  H HA2  . GLY A 1 32 ? -1.89051  -7.87434  -2.05678  1.000 31.72000  ? 29  GLY A HA2  1 
ATOM   488  H HA3  . GLY A 1 32 ? -2.35626  -7.20500  -0.70435  1.000 31.72000  ? 29  GLY A HA3  1 
ATOM   489  N N    . PRO A 1 33 ? -1.41697  -9.27097  0.78937   1.000 26.22683  ? 30  PRO A N    1 
ATOM   490  C CA   . PRO A 1 33 ? -0.39672  -10.00024 1.55835   1.000 29.54038  ? 30  PRO A CA   1 
ATOM   491  C C    . PRO A 1 33 ? 0.06432   -11.28218 0.89157   1.000 30.73263  ? 30  PRO A C    1 
ATOM   492  O O    . PRO A 1 33 ? 1.22359   -11.67402 1.06581   1.000 34.43308  ? 30  PRO A O    1 
ATOM   493  C CB   . PRO A 1 33 ? -1.10011  -10.28804 2.89001   1.000 29.71409  ? 30  PRO A CB   1 
ATOM   494  C CG   . PRO A 1 33 ? -2.20650  -9.28894  2.97419   1.000 31.34850  ? 30  PRO A CG   1 
ATOM   495  C CD   . PRO A 1 33 ? -2.65296  -9.06475  1.56624   1.000 26.82427  ? 30  PRO A CD   1 
ATOM   496  H HA   . PRO A 1 33 ? 0.36836   -9.42504  1.71373   1.000 35.84000  ? 30  PRO A HA   1 
ATOM   497  H HB2  . PRO A 1 33 ? -1.45007  -11.19365 2.88842   1.000 36.05000  ? 30  PRO A HB2  1 
ATOM   498  H HB3  . PRO A 1 33 ? -0.47472  -10.17637 3.62327   1.000 36.05000  ? 30  PRO A HB3  1 
ATOM   499  H HG2  . PRO A 1 33 ? -2.93011  -9.64381  3.51284   1.000 38.01000  ? 30  PRO A HG2  1 
ATOM   500  H HG3  . PRO A 1 33 ? -1.87444  -8.46508  3.36584   1.000 38.01000  ? 30  PRO A HG3  1 
ATOM   501  H HD2  . PRO A 1 33 ? -3.33211  -9.70868  1.31261   1.000 32.59000  ? 30  PRO A HD2  1 
ATOM   502  H HD3  . PRO A 1 33 ? -2.98936  -8.16334  1.44891   1.000 32.59000  ? 30  PRO A HD3  1 
ATOM   503  N N    . LYS A 1 34 ? -0.81535  -11.96233 0.14713   1.000 30.27995  ? 31  LYS A N    1 
ATOM   504  C CA   . LYS A 1 34 ? -0.40594  -13.16892 -0.55866  1.000 30.42470  ? 31  LYS A CA   1 
ATOM   505  C C    . LYS A 1 34 ? 0.52351   -12.83364 -1.72243  1.000 30.96424  ? 31  LYS A C    1 
ATOM   506  O O    . LYS A 1 34 ? 1.48827   -13.55083 -1.97609  1.000 30.30100  ? 31  LYS A O    1 
ATOM   507  C CB   . LYS A 1 34 ? -1.62255  -13.91997 -1.08938  1.000 32.70129  ? 31  LYS A CB   1 
ATOM   508  C CG   . LYS A 1 34 ? -2.62650  -14.40143 -0.03885  1.000 35.51215  ? 31  LYS A CG   1 
ATOM   509  C CD   . LYS A 1 34 ? -3.89192  -14.89600 -0.73640  1.000 41.70763  ? 31  LYS A CD   1 
ATOM   510  C CE   . LYS A 1 34 ? -4.95981  -15.33679 0.24377   1.000 43.99475  ? 31  LYS A CE   1 
ATOM   511  N NZ   . LYS A 1 34 ? -6.26888  -15.50014 -0.44450  1.000 53.35113  ? 31  LYS A NZ   1 
ATOM   512  H H    . LYS A 1 34 ? -1.64037  -11.74546 0.03849   1.000 36.73000  ? 31  LYS A H    1 
ATOM   513  H HA   . LYS A 1 34 ? 0.06014   -13.74290 0.06927   1.000 36.91000  ? 31  LYS A HA   1 
ATOM   514  H HB2  . LYS A 1 34 ? -2.10138  -13.33277 -1.69464  1.000 39.64000  ? 31  LYS A HB2  1 
ATOM   515  H HB3  . LYS A 1 34 ? -1.31025  -14.70459 -1.56652  1.000 39.64000  ? 31  LYS A HB3  1 
ATOM   516  H HG2  . LYS A 1 34 ? -2.24358  -15.13219 0.47180   1.000 43.01000  ? 31  LYS A HG2  1 
ATOM   517  H HG3  . LYS A 1 34 ? -2.86010  -13.66996 0.55333   1.000 43.01000  ? 31  LYS A HG3  1 
ATOM   518  H HD2  . LYS A 1 34 ? -4.25737  -14.17835 -1.27569  1.000 50.45000  ? 31  LYS A HD2  1 
ATOM   519  H HD3  . LYS A 1 34 ? -3.66871  -15.65394 -1.29836  1.000 50.45000  ? 31  LYS A HD3  1 
ATOM   520  H HE2  . LYS A 1 34 ? -4.70860  -16.18781 0.63655   1.000 53.19000  ? 31  LYS A HE2  1 
ATOM   521  H HE3  . LYS A 1 34 ? -5.05826  -14.66738 0.93915   1.000 53.19000  ? 31  LYS A HE3  1 
ATOM   522  H HZ1  . LYS A 1 34 ? -6.52039  -14.72753 -0.80820  1.000 64.42000  ? 31  LYS A HZ1  1 
ATOM   523  H HZ2  . LYS A 1 34 ? -6.20043  -16.11208 -1.08724  1.000 64.42000  ? 31  LYS A HZ2  1 
ATOM   524  H HZ3  . LYS A 1 34 ? -6.88833  -15.76113 0.13752   1.000 64.42000  ? 31  LYS A HZ3  1 
ATOM   525  N N    . LEU A 1 35 ? 0.22191   -11.75719 -2.45175  1.000 28.12706  ? 32  LEU A N    1 
ATOM   526  C CA   . LEU A 1 35 ? 0.98901   -11.39281 -3.63616  1.000 30.63788  ? 32  LEU A CA   1 
ATOM   527  C C    . LEU A 1 35 ? 2.29978   -10.71322 -3.26801  1.000 27.02429  ? 32  LEU A C    1 
ATOM   528  O O    . LEU A 1 35 ? 3.29996   -10.87969 -3.98040  1.000 26.54792  ? 32  LEU A O    1 
ATOM   529  C CB   . LEU A 1 35 ? 0.15189   -10.46186 -4.51384  1.000 27.29538  ? 32  LEU A CB   1 
ATOM   530  C CG   . LEU A 1 35 ? -1.02215  -11.07682 -5.28033  1.000 28.98505  ? 32  LEU A CG   1 
ATOM   531  C CD1  . LEU A 1 35 ? -2.00522  -9.96598  -5.64240  1.000 30.91423  ? 32  LEU A CD1  1 
ATOM   532  C CD2  . LEU A 1 35 ? -0.56213  -11.83152 -6.50890  1.000 31.13531  ? 32  LEU A CD2  1 
ATOM   533  H H    . LEU A 1 35 ? -0.42648  -11.21919 -2.27888  1.000 34.15000  ? 32  LEU A H    1 
ATOM   534  H HA   . LEU A 1 35 ? 1.19621   -12.19207 -4.14369  1.000 37.16000  ? 32  LEU A HA   1 
ATOM   535  H HB2  . LEU A 1 35 ? -0.21756  -9.76936  -3.94305  1.000 33.15000  ? 32  LEU A HB2  1 
ATOM   536  H HB3  . LEU A 1 35 ? 0.74298   -10.06693 -5.17418  1.000 33.15000  ? 32  LEU A HB3  1 
ATOM   537  H HG   . LEU A 1 35 ? -1.47004  -11.72989 -4.72118  1.000 35.18000  ? 32  LEU A HG   1 
ATOM   538  H HD11 . LEU A 1 35 ? -2.70779  -10.33492 -6.20053  1.000 37.49000  ? 32  LEU A HD11 1 
ATOM   539  H HD12 . LEU A 1 35 ? -2.38618  -9.60366  -4.82710  1.000 37.49000  ? 32  LEU A HD12 1 
ATOM   540  H HD13 . LEU A 1 35 ? -1.53205  -9.26996  -6.12447  1.000 37.49000  ? 32  LEU A HD13 1 
ATOM   541  H HD21 . LEU A 1 35 ? -1.33685  -12.19446 -6.96559  1.000 37.76000  ? 32  LEU A HD21 1 
ATOM   542  H HD22 . LEU A 1 35 ? -0.08771  -11.22186 -7.09553  1.000 37.76000  ? 32  LEU A HD22 1 
ATOM   543  H HD23 . LEU A 1 35 ? 0.02732   -12.55195 -6.23437  1.000 37.76000  ? 32  LEU A HD23 1 
ATOM   544  N N    . TYR A 1 36 ? 2.30959   -9.97585  -2.16819  1.000 27.28485  ? 33  TYR A N    1 
ATOM   545  C CA   . TYR A 1 36 ? 3.47012   -9.21374  -1.70642  1.000 30.89844  ? 33  TYR A CA   1 
ATOM   546  C C    . TYR A 1 36 ? 3.78193   -9.65903  -0.28290  1.000 29.50091  ? 33  TYR A C    1 
ATOM   547  O O    . TYR A 1 36 ? 3.56650   -8.90844  0.67972   1.000 32.26176  ? 33  TYR A O    1 
ATOM   548  C CB   . TYR A 1 36 ? 3.20711   -7.70700  -1.78560  1.000 29.04822  ? 33  TYR A CB   1 
ATOM   549  C CG   . TYR A 1 36 ? 3.09073   -7.23240  -3.21100  1.000 27.15852  ? 33  TYR A CG   1 
ATOM   550  C CD1  . TYR A 1 36 ? 4.20972   -6.86556  -3.93874  1.000 26.66109  ? 33  TYR A CD1  1 
ATOM   551  C CD2  . TYR A 1 36 ? 1.85433   -7.15641  -3.82769  1.000 28.67449  ? 33  TYR A CD2  1 
ATOM   552  C CE1  . TYR A 1 36 ? 4.11111   -6.46593  -5.26586  1.000 31.60116  ? 33  TYR A CE1  1 
ATOM   553  C CE2  . TYR A 1 36 ? 1.73808   -6.74110  -5.13478  1.000 33.06975  ? 33  TYR A CE2  1 
ATOM   554  C CZ   . TYR A 1 36 ? 2.86163   -6.39703  -5.84750  1.000 36.48069  ? 33  TYR A CZ   1 
ATOM   555  O OH   . TYR A 1 36 ? 2.72901   -5.98336  -7.14847  1.000 46.57664  ? 33  TYR A OH   1 
ATOM   556  H H    . TYR A 1 36 ? 1.62914   -9.89705  -1.64844  1.000 33.14000  ? 33  TYR A H    1 
ATOM   557  H HA   . TYR A 1 36 ? 4.24249   -9.40147  -2.26280  1.000 37.48000  ? 33  TYR A HA   1 
ATOM   558  H HB2  . TYR A 1 36 ? 2.37631   -7.50343  -1.32872  1.000 35.25000  ? 33  TYR A HB2  1 
ATOM   559  H HB3  . TYR A 1 36 ? 3.94188   -7.23237  -1.36596  1.000 35.25000  ? 33  TYR A HB3  1 
ATOM   560  H HD1  . TYR A 1 36 ? 5.04436   -6.88665  -3.53046  1.000 32.39000  ? 33  TYR A HD1  1 
ATOM   561  H HD2  . TYR A 1 36 ? 1.09074   -7.38976  -3.35134  1.000 34.81000  ? 33  TYR A HD2  1 
ATOM   562  H HE1  . TYR A 1 36 ? 4.87290   -6.24897  -5.75334  1.000 38.31000  ? 33  TYR A HE1  1 
ATOM   563  H HE2  . TYR A 1 36 ? 0.89941   -6.69263  -5.53513  1.000 40.08000  ? 33  TYR A HE2  1 
ATOM   564  H HH   . TYR A 1 36 ? 1.91920   -5.99450  -7.37203  1.000 56.29000  ? 33  TYR A HH   1 
ATOM   565  N N    . PRO A 1 37 ? 4.28247   -10.88590 -0.11577  1.000 31.48272  ? 34  PRO A N    1 
ATOM   566  C CA   . PRO A 1 37 ? 4.59669   -11.37569 1.23241   1.000 32.46968  ? 34  PRO A CA   1 
ATOM   567  C C    . PRO A 1 37 ? 5.68979   -10.58970 1.93591   1.000 35.15421  ? 34  PRO A C    1 
ATOM   568  O O    . PRO A 1 37 ? 5.83158   -10.72656 3.16091   1.000 40.59960  ? 34  PRO A O    1 
ATOM   569  C CB   . PRO A 1 37 ? 5.02899   -12.82817 0.98324   1.000 37.09129  ? 34  PRO A CB   1 
ATOM   570  C CG   . PRO A 1 37 ? 5.48817   -12.84852 -0.42418  1.000 34.09356  ? 34  PRO A CG   1 
ATOM   571  C CD   . PRO A 1 37 ? 4.60098   -11.88524 -1.15367  1.000 32.11964  ? 34  PRO A CD   1 
ATOM   572  H HA   . PRO A 1 37 ? 3.79614   -11.36225 1.77962   1.000 39.36000  ? 34  PRO A HA   1 
ATOM   573  H HB2  . PRO A 1 37 ? 5.74958   -13.06724 1.58754   1.000 44.91000  ? 34  PRO A HB2  1 
ATOM   574  H HB3  . PRO A 1 37 ? 4.27554   -13.42488 1.11248   1.000 44.91000  ? 34  PRO A HB3  1 
ATOM   575  H HG2  . PRO A 1 37 ? 6.41457   -12.56589 -0.47149  1.000 41.31000  ? 34  PRO A HG2  1 
ATOM   576  H HG3  . PRO A 1 37 ? 5.39459   -13.74332 -0.78632  1.000 41.31000  ? 34  PRO A HG3  1 
ATOM   577  H HD2  . PRO A 1 37 ? 5.07017   -11.47614 -1.89737  1.000 38.94000  ? 34  PRO A HD2  1 
ATOM   578  H HD3  . PRO A 1 37 ? 3.79692   -12.32533 -1.47032  1.000 38.94000  ? 34  PRO A HD3  1 
ATOM   579  N N    . GLU A 1 38 ? 6.46058   -9.77355  1.21461   1.000 33.13818  ? 35  GLU A N    1 
ATOM   580  C CA   . GLU A 1 38 ? 7.51009   -8.97508  1.83226   1.000 36.66492  ? 35  GLU A CA   1 
ATOM   581  C C    . GLU A 1 38 ? 6.98975   -7.72159  2.52308   1.000 33.33294  ? 35  GLU A C    1 
ATOM   582  O O    . GLU A 1 38 ? 7.74458   -7.10820  3.27934   1.000 37.24920  ? 35  GLU A O    1 
ATOM   583  C CB   . GLU A 1 38 ? 8.55633   -8.57354  0.79520   1.000 38.99678  ? 35  GLU A CB   1 
ATOM   584  C CG   . GLU A 1 38 ? 8.01282   -7.96819  -0.49935  1.000 43.82104  ? 35  GLU A CG   1 
ATOM   585  C CD   . GLU A 1 38 ? 7.83012   -9.01198  -1.60036  1.000 40.45222  ? 35  GLU A CD   1 
ATOM   586  O OE1  . GLU A 1 38 ? 6.79367   -9.69724  -1.58227  1.000 35.29371  ? 35  GLU A OE1  1 
ATOM   587  O OE2  . GLU A 1 38 ? 8.71876   -9.16408  -2.47529  1.000 45.34228  ? 35  GLU A OE2  1 
ATOM   588  H H    . GLU A 1 38 ? 6.39208   -9.66541  0.36441   1.000 40.16000  ? 35  GLU A H    1 
ATOM   589  H HA   . GLU A 1 38 ? 7.94500   -9.52557  2.50233   1.000 44.39000  ? 35  GLU A HA   1 
ATOM   590  H HB2  . GLU A 1 38 ? 9.14427   -7.91462  1.19581   1.000 47.19000  ? 35  GLU A HB2  1 
ATOM   591  H HB3  . GLU A 1 38 ? 9.06211   -9.36563  0.55161   1.000 47.19000  ? 35  GLU A HB3  1 
ATOM   592  H HG2  . GLU A 1 38 ? 7.15000   -7.56381  -0.32204  1.000 52.98000  ? 35  GLU A HG2  1 
ATOM   593  H HG3  . GLU A 1 38 ? 8.63477   -7.29738  -0.82118  1.000 52.98000  ? 35  GLU A HG3  1 
ATOM   594  N N    . LEU A 1 39 ? 5.74461   -7.33017  2.28507   1.000 29.77462  ? 36  LEU A N    1 
ATOM   595  C CA   . LEU A 1 39 ? 5.16939   -6.13705  2.89315   1.000 29.73251  ? 36  LEU A CA   1 
ATOM   596  C C    . LEU A 1 39 ? 4.58367   -6.45539  4.25499   1.000 29.31667  ? 36  LEU A C    1 
ATOM   597  O O    . LEU A 1 39 ? 4.09859   -7.56578  4.50182   1.000 32.14333  ? 36  LEU A O    1 
ATOM   598  C CB   . LEU A 1 39 ? 4.08450   -5.54187  2.00390   1.000 31.35376  ? 36  LEU A CB   1 
ATOM   599  C CG   . LEU A 1 39 ? 4.55211   -4.99719  0.64827   1.000 32.23544  ? 36  LEU A CG   1 
ATOM   600  C CD1  . LEU A 1 39 ? 3.36355   -4.45022  -0.11302  1.000 35.94115  ? 36  LEU A CD1  1 
ATOM   601  C CD2  . LEU A 1 39 ? 5.63334   -3.94106  0.82806   1.000 42.71565  ? 36  LEU A CD2  1 
ATOM   602  H H    . LEU A 1 39 ? 5.20128   -7.74639  1.76480   1.000 36.12000  ? 36  LEU A H    1 
ATOM   603  H HA   . LEU A 1 39 ? 5.86952   -5.47580  3.00710   1.000 36.07000  ? 36  LEU A HA   1 
ATOM   604  H HB2  . LEU A 1 39 ? 3.42688   -6.23215  1.82468   1.000 38.02000  ? 36  LEU A HB2  1 
ATOM   605  H HB3  . LEU A 1 39 ? 3.67173   -4.80557  2.48152   1.000 38.02000  ? 36  LEU A HB3  1 
ATOM   606  H HG   . LEU A 1 39 ? 4.94581   -5.71283  0.12608   1.000 39.08000  ? 36  LEU A HG   1 
ATOM   607  H HD11 . LEU A 1 39 ? 3.66817   -4.09900  -0.96391  1.000 43.53000  ? 36  LEU A HD11 1 
ATOM   608  H HD12 . LEU A 1 39 ? 2.72570   -5.16627  -0.25859  1.000 43.53000  ? 36  LEU A HD12 1 
ATOM   609  H HD13 . LEU A 1 39 ? 2.95283   -3.74232  0.40896   1.000 43.53000  ? 36  LEU A HD13 1 
ATOM   610  H HD21 . LEU A 1 39 ? 5.79003   -3.50070  -0.02197  1.000 51.66000  ? 36  LEU A HD21 1 
ATOM   611  H HD22 . LEU A 1 39 ? 5.33691   -3.29360  1.48617   1.000 51.66000  ? 36  LEU A HD22 1 
ATOM   612  H HD23 . LEU A 1 39 ? 6.44837   -4.37236  1.13161   1.000 51.66000  ? 36  LEU A HD23 1 
ATOM   613  N N    . SER A 1 40 ? 4.63683   -5.46868  5.14529   1.000 26.18472  ? 37  SER A N    1 
ATOM   614  C CA   . SER A 1 40 ? 3.99575   -5.57908  6.43901   1.000 25.37936  ? 37  SER A CA   1 
ATOM   615  C C    . SER A 1 40 ? 2.50921   -5.27362  6.29859   1.000 26.98218  ? 37  SER A C    1 
ATOM   616  O O    . SER A 1 40 ? 2.05711   -4.73132  5.29823   1.000 23.17383  ? 37  SER A O    1 
ATOM   617  C CB   . SER A 1 40 ? 4.63812   -4.62526  7.43219   1.000 29.15350  ? 37  SER A CB   1 
ATOM   618  O OG   . SER A 1 40 ? 4.30882   -3.29485  7.09624   1.000 26.91112  ? 37  SER A OG   1 
ATOM   619  H H    . SER A 1 40 ? 5.04287   -4.72105  5.01870   1.000 31.82000  ? 37  SER A H    1 
ATOM   620  H HA   . SER A 1 40 ? 4.09574   -6.47915  6.78752   1.000 30.85000  ? 37  SER A HA   1 
ATOM   621  H HB2  . SER A 1 40 ? 4.30939   -4.82108  8.32353   1.000 35.38000  ? 37  SER A HB2  1 
ATOM   622  H HB3  . SER A 1 40 ? 5.60164   -4.73394  7.40296   1.000 35.38000  ? 37  SER A HB3  1 
ATOM   623  H HG   . SER A 1 40 ? 4.65488   -2.76506  7.64869   1.000 32.69000  ? 37  SER A HG   1 
ATOM   624  N N    . ILE A 1 41 ? 1.73947   -5.65649  7.31706   1.000 26.77953  ? 38  ILE A N    1 
ATOM   625  C CA   . ILE A 1 41 ? 0.31518   -5.30055  7.33072   1.000 26.91112  ? 38  ILE A CA   1 
ATOM   626  C C    . ILE A 1 41 ? 0.14192   -3.78640  7.33545   1.000 21.96316  ? 38  ILE A C    1 
ATOM   627  O O    . ILE A 1 41 ? -0.69159  -3.27514  6.56758   1.000 21.18675  ? 38  ILE A O    1 
ATOM   628  C CB   . ILE A 1 41 ? -0.38739  -5.99296  8.50532   1.000 33.91986  ? 38  ILE A CB   1 
ATOM   629  C CG1  . ILE A 1 41 ? -0.37860  -7.51792  8.32120   1.000 36.35962  ? 38  ILE A CG1  1 
ATOM   630  C CG2  . ILE A 1 41 ? -1.80546  -5.48767  8.62624   1.000 30.24047  ? 38  ILE A CG2  1 
ATOM   631  C CD1  . ILE A 1 41 ? -1.10035  -8.02528  7.07813   1.000 39.38630  ? 38  ILE A CD1  1 
ATOM   632  H H    . ILE A 1 41 ? 2.00678   -6.11161  7.99621   1.000 32.53000  ? 38  ILE A H    1 
ATOM   633  H HA   . ILE A 1 41 ? -0.09283  -5.64705  6.52123   1.000 32.69000  ? 38  ILE A HA   1 
ATOM   634  H HB   . ILE A 1 41 ? 0.09606   -5.78303  9.31899   1.000 41.10000  ? 38  ILE A HB   1 
ATOM   635  H HG12 . ILE A 1 41 ? 0.54334   -7.81412  8.26241   1.000 44.03000  ? 38  ILE A HG12 1 
ATOM   636  H HG13 . ILE A 1 41 ? -0.80884  -7.92177  9.09107   1.000 44.03000  ? 38  ILE A HG13 1 
ATOM   637  H HG21 . ILE A 1 41 ? -2.32164  -6.11870  9.15271   1.000 36.68000  ? 38  ILE A HG21 1 
ATOM   638  H HG22 . ILE A 1 41 ? -1.79575  -4.62241  9.06412   1.000 36.68000  ? 38  ILE A HG22 1 
ATOM   639  H HG23 . ILE A 1 41 ? -2.18838  -5.40617  7.73944   1.000 36.68000  ? 38  ILE A HG23 1 
ATOM   640  H HD11 . ILE A 1 41 ? -1.16889  -8.99156  7.12491   1.000 47.66000  ? 38  ILE A HD11 1 
ATOM   641  H HD12 . ILE A 1 41 ? -1.98593  -7.63196  7.04518   1.000 47.66000  ? 38  ILE A HD12 1 
ATOM   642  H HD13 . ILE A 1 41 ? -0.59371  -7.76660  6.29207   1.000 47.66000  ? 38  ILE A HD13 1 
ATOM   643  N N    . PRO A 1 42 ? 0.90425   -3.01230  8.11220   1.000 21.49995  ? 39  PRO A N    1 
ATOM   644  C CA   . PRO A 1 42 ? 0.81693   -1.54678  7.99268   1.000 22.79484  ? 39  PRO A CA   1 
ATOM   645  C C    . PRO A 1 42 ? 1.13567   -1.02692  6.60451   1.000 22.21319  ? 39  PRO A C    1 
ATOM   646  O O    . PRO A 1 42 ? 0.45984   -0.09338  6.14329   1.000 20.41297  ? 39  PRO A O    1 
ATOM   647  C CB   . PRO A 1 42 ? 1.83178   -1.05633  9.02656   1.000 27.85334  ? 39  PRO A CB   1 
ATOM   648  C CG   . PRO A 1 42 ? 1.89821   -2.13846  10.02287  1.000 35.81219  ? 39  PRO A CG   1 
ATOM   649  C CD   . PRO A 1 42 ? 1.71844   -3.42495  9.26710   1.000 28.82714  ? 39  PRO A CD   1 
ATOM   650  H HA   . PRO A 1 42 ? -0.07377  -1.25444  8.24351   1.000 27.75000  ? 39  PRO A HA   1 
ATOM   651  H HB2  . PRO A 1 42 ? 2.69333   -0.91684  8.60533   1.000 33.82000  ? 39  PRO A HB2  1 
ATOM   652  H HB3  . PRO A 1 42 ? 1.52220   -0.22968  9.43027   1.000 33.82000  ? 39  PRO A HB3  1 
ATOM   653  H HG2  . PRO A 1 42 ? 2.76148   -2.12009  10.46361  1.000 43.37000  ? 39  PRO A HG2  1 
ATOM   654  H HG3  . PRO A 1 42 ? 1.18894   -2.02388  10.67436  1.000 43.37000  ? 39  PRO A HG3  1 
ATOM   655  H HD2  . PRO A 1 42 ? 2.57324   -3.78195  8.97953   1.000 34.99000  ? 39  PRO A HD2  1 
ATOM   656  H HD3  . PRO A 1 42 ? 1.24896   -4.08092  9.80529   1.000 34.99000  ? 39  PRO A HD3  1 
ATOM   657  N N    . ASP A 1 43 ? 2.14595   -1.59594  5.94151   1.000 21.77366  ? 40  ASP A N    1 
ATOM   658  C CA   . ASP A 1 43 ? 2.43367   -1.25523  4.54836   1.000 23.71600  ? 40  ASP A CA   1 
ATOM   659  C C    . ASP A 1 43 ? 1.18380   -1.40493  3.68476   1.000 22.47375  ? 40  ASP A C    1 
ATOM   660  O O    . ASP A 1 43 ? 0.80658   -0.50447  2.92970   1.000 18.87858  ? 40  ASP A O    1 
ATOM   661  C CB   . ASP A 1 43 ? 3.53295   -2.15401  3.97163   1.000 23.42386  ? 40  ASP A CB   1 
ATOM   662  C CG   . ASP A 1 43 ? 4.90827   -1.92083  4.57745   1.000 32.55917  ? 40  ASP A CG   1 
ATOM   663  O OD1  . ASP A 1 43 ? 5.16936   -0.83670  5.15260   1.000 33.44612  ? 40  ASP A OD1  1 
ATOM   664  O OD2  . ASP A 1 43 ? 5.75533   -2.84773  4.44268   1.000 29.63513  ? 40  ASP A OD2  1 
ATOM   665  H H    . ASP A 1 43 ? 2.67981   -2.18145  6.27571   1.000 26.53000  ? 40  ASP A H    1 
ATOM   666  H HA   . ASP A 1 43 ? 2.74401   -0.33623  4.53252   1.000 28.86000  ? 40  ASP A HA   1 
ATOM   667  H HB2  . ASP A 1 43 ? 3.29327   -3.08023  4.13210   1.000 28.51000  ? 40  ASP A HB2  1 
ATOM   668  H HB3  . ASP A 1 43 ? 3.60048   -1.99011  3.01733   1.000 28.51000  ? 40  ASP A HB3  1 
ATOM   669  N N    . LEU A 1 44 ? 0.52007   -2.55342  3.78676   1.000 17.87320  ? 41  LEU A N    1 
ATOM   670  C CA   . LEU A 1 44 ? -0.66181  -2.80034  2.96258   1.000 18.83910  ? 41  LEU A CA   1 
ATOM   671  C C    . LEU A 1 44 ? -1.84498  -1.92839  3.34403   1.000 14.56227  ? 41  LEU A C    1 
ATOM   672  O O    . LEU A 1 44 ? -2.60178  -1.51564  2.46468   1.000 18.22850  ? 41  LEU A O    1 
ATOM   673  C CB   . LEU A 1 44 ? -1.01951  -4.28530  3.04028   1.000 24.93983  ? 41  LEU A CB   1 
ATOM   674  C CG   . LEU A 1 44 ? -0.00518  -5.08894  2.19971   1.000 32.09595  ? 41  LEU A CG   1 
ATOM   675  C CD1  . LEU A 1 44 ? 0.07091   -6.53523  2.66665   1.000 36.16223  ? 41  LEU A CD1  1 
ATOM   676  C CD2  . LEU A 1 44 ? -0.31619  -5.00307  0.69183   1.000 32.97501  ? 41  LEU A CD2  1 
ATOM   677  H H    . LEU A 1 44 ? 0.72783   -3.19827  4.31737   1.000 21.85000  ? 41  LEU A H    1 
ATOM   678  H HA   . LEU A 1 44 ? -0.45368  -2.57918  2.04166   1.000 23.00000  ? 41  LEU A HA   1 
ATOM   679  H HB2  . LEU A 1 44 ? -0.97799  -4.58696  3.96183   1.000 30.32000  ? 41  LEU A HB2  1 
ATOM   680  H HB3  . LEU A 1 44 ? -1.91048  -4.42942  2.68530   1.000 30.32000  ? 41  LEU A HB3  1 
ATOM   681  H HG   . LEU A 1 44 ? 0.87081   -4.69327  2.32929   1.000 38.91000  ? 41  LEU A HG   1 
ATOM   682  H HD11 . LEU A 1 44 ? 0.91997   -6.91220  2.38820   1.000 43.79000  ? 41  LEU A HD11 1 
ATOM   683  H HD12 . LEU A 1 44 ? 0.00015   -6.55858  3.63423   1.000 43.79000  ? 41  LEU A HD12 1 
ATOM   684  H HD13 . LEU A 1 44 ? -0.65890  -7.03436  2.26916   1.000 43.79000  ? 41  LEU A HD13 1 
ATOM   685  H HD21 . LEU A 1 44 ? 0.30466   -5.57106  0.20949   1.000 39.97000  ? 41  LEU A HD21 1 
ATOM   686  H HD22 . LEU A 1 44 ? -1.22606  -5.30147  0.53987   1.000 39.97000  ? 41  LEU A HD22 1 
ATOM   687  H HD23 . LEU A 1 44 ? -0.21632  -4.08327  0.40112   1.000 39.97000  ? 41  LEU A HD23 1 
ATOM   688  N N    . MET A 1 45 ? -2.01182  -1.59338  4.62526   1.000 16.84939  ? 42  MET A N    1 
ATOM   689  C CA   . MET A 1 45 ? -3.05977  -0.65942  4.99429   1.000 17.13100  ? 42  MET A CA   1 
ATOM   690  C C    . MET A 1 45 ? -2.80702  0.72091   4.38835   1.000 16.09930  ? 42  MET A C    1 
ATOM   691  O O    . MET A 1 45 ? -3.73806  1.36232   3.88737   1.000 18.37062  ? 42  MET A O    1 
ATOM   692  C CB   . MET A 1 45 ? -3.18194  -0.56700  6.52385   1.000 19.10492  ? 42  MET A CB   1 
ATOM   693  C CG   . MET A 1 45 ? -3.82029  -1.78702  7.16806   1.000 22.83958  ? 42  MET A CG   1 
ATOM   694  S SD   . MET A 1 45 ? -4.19647  -1.52401  8.91026   1.000 25.97153  ? 42  MET A SD   1 
ATOM   695  C CE   . MET A 1 45 ? -2.59881  -1.31823  9.62578   1.000 27.65332  ? 42  MET A CE   1 
ATOM   696  H H    . MET A 1 45 ? -1.54005  -1.88842  5.28024   1.000 20.62000  ? 42  MET A H    1 
ATOM   697  H HA   . MET A 1 45 ? -3.90298  -0.99908  4.65701   1.000 20.95000  ? 42  MET A HA   1 
ATOM   698  H HB2  . MET A 1 45 ? -2.29436  -0.46456  6.90121   1.000 23.32000  ? 42  MET A HB2  1 
ATOM   699  H HB3  . MET A 1 45 ? -3.72836  0.20402   6.74596   1.000 23.32000  ? 42  MET A HB3  1 
ATOM   700  H HG2  . MET A 1 45 ? -4.64993  -1.99141  6.70814   1.000 27.80000  ? 42  MET A HG2  1 
ATOM   701  H HG3  . MET A 1 45 ? -3.21032  -2.53698  7.10129   1.000 27.80000  ? 42  MET A HG3  1 
ATOM   702  H HE1  . MET A 1 45 ? -2.69656  -0.95869  10.52068  1.000 33.58000  ? 42  MET A HE1  1 
ATOM   703  H HE2  . MET A 1 45 ? -2.15603  -2.18138  9.66291   1.000 33.58000  ? 42  MET A HE2  1 
ATOM   704  H HE3  . MET A 1 45 ? -2.08396  -0.70625  9.07728   1.000 33.58000  ? 42  MET A HE3  1 
ATOM   705  N N    . ALA A 1 46 ? -1.55755  1.17993   4.39865   1.000 15.24130  ? 43  ALA A N    1 
ATOM   706  C CA   . ALA A 1 46 ? -1.23155  2.45949   3.77632   1.000 17.73107  ? 43  ALA A CA   1 
ATOM   707  C C    . ALA A 1 46 ? -1.49842  2.41576   2.27012   1.000 19.08387  ? 43  ALA A C    1 
ATOM   708  O O    . ALA A 1 46 ? -2.01053  3.38779   1.68999   1.000 19.12335  ? 43  ALA A O    1 
ATOM   709  C CB   . ALA A 1 46 ? 0.22488   2.81025   4.04225   1.000 20.17610  ? 43  ALA A CB   1 
ATOM   710  H H    . ALA A 1 46 ? -0.88770  0.77526   4.75530   1.000 18.69000  ? 43  ALA A H    1 
ATOM   711  H HA   . ALA A 1 46 ? -1.78799  3.15143   4.16637   1.000 21.67000  ? 43  ALA A HA   1 
ATOM   712  H HB1  . ALA A 1 46 ? 0.42384   3.66656   3.63267   1.000 24.61000  ? 43  ALA A HB1  1 
ATOM   713  H HB2  . ALA A 1 46 ? 0.36736   2.86186   5.00071   1.000 24.61000  ? 43  ALA A HB2  1 
ATOM   714  H HB3  . ALA A 1 46 ? 0.79148   2.12160   3.66028   1.000 24.61000  ? 43  ALA A HB3  1 
ATOM   715  N N    . ILE A 1 47 ? -1.14010  1.30855   1.61743   1.000 18.08638  ? 44  ILE A N    1 
ATOM   716  C CA   . ILE A 1 47 ? -1.39824  1.16963   0.18973   1.000 17.90741  ? 44  ILE A CA   1 
ATOM   717  C C    . ILE A 1 47 ? -2.89528  1.19494   -0.08348  1.000 18.58907  ? 44  ILE A C    1 
ATOM   718  O O    . ILE A 1 47 ? -3.35037  1.79810   -1.06033  1.000 19.25757  ? 44  ILE A O    1 
ATOM   719  C CB   . ILE A 1 47 ? -0.73657  -0.10470  -0.34948  1.000 18.02058  ? 44  ILE A CB   1 
ATOM   720  C CG1  . ILE A 1 47 ? 0.77508   0.12345   -0.45310  1.000 21.34730  ? 44  ILE A CG1  1 
ATOM   721  C CG2  . ILE A 1 47 ? -1.31400  -0.49001  -1.69123  1.000 21.38941  ? 44  ILE A CG2  1 
ATOM   722  C CD1  . ILE A 1 47 ? 1.58954   -1.12318  -0.52880  1.000 23.62915  ? 44  ILE A CD1  1 
ATOM   723  H H    . ILE A 1 47 ? -0.74862  0.63187   1.97634   1.000 22.10000  ? 44  ILE A H    1 
ATOM   724  H HA   . ILE A 1 47 ? -1.00266  1.92415   -0.27358  1.000 21.89000  ? 44  ILE A HA   1 
ATOM   725  H HB   . ILE A 1 47 ? -0.91078  -0.83649  0.26395   1.000 22.02000  ? 44  ILE A HB   1 
ATOM   726  H HG12 . ILE A 1 47 ? 0.95466   0.63938   -1.25520  1.000 26.01000  ? 44  ILE A HG12 1 
ATOM   727  H HG13 . ILE A 1 47 ? 1.06740   0.61624   0.32988   1.000 26.01000  ? 44  ILE A HG13 1 
ATOM   728  H HG21 . ILE A 1 47 ? -0.69915  -1.09232  -2.13987  1.000 26.07000  ? 44  ILE A HG21 1 
ATOM   729  H HG22 . ILE A 1 47 ? -2.16653  -0.93084  -1.55362  1.000 26.07000  ? 44  ILE A HG22 1 
ATOM   730  H HG23 . ILE A 1 47 ? -1.43790  0.31155   -2.22362  1.000 26.07000  ? 44  ILE A HG23 1 
ATOM   731  H HD11 . ILE A 1 47 ? 2.52960   -0.88563  -0.54988  1.000 28.75000  ? 44  ILE A HD11 1 
ATOM   732  H HD12 . ILE A 1 47 ? 1.40246   -1.66980  0.25034   1.000 28.75000  ? 44  ILE A HD12 1 
ATOM   733  H HD13 . ILE A 1 47 ? 1.35228   -1.60595  -1.33638  1.000 28.75000  ? 44  ILE A HD13 1 
ATOM   734  N N    . ALA A 1 48 ? -3.68279  0.53794   0.76833   1.000 20.61563  ? 45  ALA A N    1 
ATOM   735  C CA   . ALA A 1 48 ? -5.12905  0.56785   0.60474   1.000 19.55498  ? 45  ALA A CA   1 
ATOM   736  C C    . ALA A 1 48 ? -5.67192  1.98273   0.71581   1.000 21.13411  ? 45  ALA A C    1 
ATOM   737  O O    . ALA A 1 48 ? -6.56437  2.37161   -0.05095  1.000 21.17622  ? 45  ALA A O    1 
ATOM   738  C CB   . ALA A 1 48 ? -5.79277  -0.34169  1.63379   1.000 19.83922  ? 45  ALA A CB   1 
ATOM   739  H H    . ALA A 1 48 ? -3.40699  0.07472   1.43861   1.000 25.13000  ? 45  ALA A H    1 
ATOM   740  H HA   . ALA A 1 48 ? -5.34723  0.23407   -0.27902  1.000 23.86000  ? 45  ALA A HA   1 
ATOM   741  H HB1  . ALA A 1 48 ? -6.75441  -0.31154  1.50858   1.000 24.20000  ? 45  ALA A HB1  1 
ATOM   742  H HB2  . ALA A 1 48 ? -5.47161  -1.24838  1.50691   1.000 24.20000  ? 45  ALA A HB2  1 
ATOM   743  H HB3  . ALA A 1 48 ? -5.56537  -0.03092  2.52299   1.000 24.20000  ? 45  ALA A HB3  1 
ATOM   744  N N    . LEU A 1 49 ? -5.15813  2.76679   1.67855   1.000 20.11820  ? 46  LEU A N    1 
ATOM   745  C CA   . LEU A 1 49 ? -5.60264  4.14660   1.83659   1.000 20.61300  ? 46  LEU A CA   1 
ATOM   746  C C    . LEU A 1 49 ? -5.23828  4.97889   0.61312   1.000 20.99462  ? 46  LEU A C    1 
ATOM   747  O O    . LEU A 1 49 ? -6.05855  5.75317   0.11519   1.000 24.43714  ? 46  LEU A O    1 
ATOM   748  C CB   . LEU A 1 49 ? -4.99991  4.74997   3.10149   1.000 21.44731  ? 46  LEU A CB   1 
ATOM   749  C CG   . LEU A 1 49 ? -5.60104  4.18566   4.39414   1.000 21.65523  ? 46  LEU A CG   1 
ATOM   750  C CD1  . LEU A 1 49 ? -4.70323  4.51532   5.59494   1.000 23.07119  ? 46  LEU A CD1  1 
ATOM   751  C CD2  . LEU A 1 49 ? -7.02286  4.70995   4.61306   1.000 23.61599  ? 46  LEU A CD2  1 
ATOM   752  H H    . LEU A 1 49 ? -4.55761  2.52045   2.24313   1.000 24.54000  ? 46  LEU A H    1 
ATOM   753  H HA   . LEU A 1 49 ? -6.56790  4.15891   1.93270   1.000 25.13000  ? 46  LEU A HA   1 
ATOM   754  H HB2  . LEU A 1 49 ? -4.04640  4.56714   3.11117   1.000 26.13000  ? 46  LEU A HB2  1 
ATOM   755  H HB3  . LEU A 1 49 ? -5.15371  5.70760   3.09502   1.000 26.13000  ? 46  LEU A HB3  1 
ATOM   756  H HG   . LEU A 1 49 ? -5.65487  3.22027   4.31837   1.000 26.38000  ? 46  LEU A HG   1 
ATOM   757  H HD11 . LEU A 1 49 ? -5.11245  4.16370   6.40091   1.000 28.08000  ? 46  LEU A HD11 1 
ATOM   758  H HD12 . LEU A 1 49 ? -3.83341  4.10723   5.46022   1.000 28.08000  ? 46  LEU A HD12 1 
ATOM   759  H HD13 . LEU A 1 49 ? -4.60905  5.47802   5.66420   1.000 28.08000  ? 46  LEU A HD13 1 
ATOM   760  H HD21 . LEU A 1 49 ? -7.34320  4.40343   5.47490   1.000 28.74000  ? 46  LEU A HD21 1 
ATOM   761  H HD22 . LEU A 1 49 ? -7.00833  5.67942   4.59064   1.000 28.74000  ? 46  LEU A HD22 1 
ATOM   762  H HD23 . LEU A 1 49 ? -7.59610  4.37141   3.90753   1.000 28.74000  ? 46  LEU A HD23 1 
ATOM   763  N N    . TYR A 1 50 ? -4.03003  4.79685   0.08455   1.000 20.47877  ? 47  TYR A N    1 
ATOM   764  C CA   . TYR A 1 50 ? -3.65458  5.49837   -1.12856  1.000 21.55785  ? 47  TYR A CA   1 
ATOM   765  C C    . TYR A 1 50 ? -4.57991  5.13753   -2.28348  1.000 26.31368  ? 47  TYR A C    1 
ATOM   766  O O    . TYR A 1 50 ? -5.01398  6.01832   -3.03665  1.000 26.63214  ? 47  TYR A O    1 
ATOM   767  C CB   . TYR A 1 50 ? -2.19880  5.18103   -1.49953  1.000 22.49743  ? 47  TYR A CB   1 
ATOM   768  C CG   . TYR A 1 50 ? -1.86677  5.64280   -2.89667  1.000 23.25016  ? 47  TYR A CG   1 
ATOM   769  C CD1  . TYR A 1 50 ? -1.70808  7.00184   -3.18127  1.000 26.79532  ? 47  TYR A CD1  1 
ATOM   770  C CD2  . TYR A 1 50 ? -1.74726  4.73079   -3.93872  1.000 24.23712  ? 47  TYR A CD2  1 
ATOM   771  C CE1  . TYR A 1 50 ? -1.42146  7.42742   -4.45189  1.000 33.45401  ? 47  TYR A CE1  1 
ATOM   772  C CE2  . TYR A 1 50 ? -1.46861  5.14960   -5.21710  1.000 26.81374  ? 47  TYR A CE2  1 
ATOM   773  C CZ   . TYR A 1 50 ? -1.29718  6.50469   -5.46314  1.000 29.61408  ? 47  TYR A CZ   1 
ATOM   774  O OH   . TYR A 1 50 ? -1.01600  6.93954   -6.72981  1.000 32.21702  ? 47  TYR A OH   1 
ATOM   775  H H    . TYR A 1 50 ? -3.42252  4.28033   0.40621   1.000 24.97000  ? 47  TYR A H    1 
ATOM   776  H HA   . TYR A 1 50 ? -3.72597  6.45194   -0.96533  1.000 26.27000  ? 47  TYR A HA   1 
ATOM   777  H HB2  . TYR A 1 50 ? -1.60497  5.63318   -0.87976  1.000 27.40000  ? 47  TYR A HB2  1 
ATOM   778  H HB3  . TYR A 1 50 ? -2.05843  4.22274   -1.45365  1.000 27.40000  ? 47  TYR A HB3  1 
ATOM   779  H HD1  . TYR A 1 50 ? -1.79883  7.62746   -2.49812  1.000 32.55000  ? 47  TYR A HD1  1 
ATOM   780  H HD2  . TYR A 1 50 ? -1.85729  3.82385   -3.76785  1.000 29.48000  ? 47  TYR A HD2  1 
ATOM   781  H HE1  . TYR A 1 50 ? -1.31160  8.33363   -4.62993  1.000 40.54000  ? 47  TYR A HE1  1 
ATOM   782  H HE2  . TYR A 1 50 ? -1.39647  4.53224   -5.90958  1.000 32.57000  ? 47  TYR A HE2  1 
ATOM   783  H HH   . TYR A 1 50 ? -0.98903  7.77927   -6.74647  1.000 39.06000  ? 47  TYR A HH   1 
ATOM   784  N N    . ASP A 1 51 ? -4.91534  3.84631   -2.42039  1.000 23.47650  ? 48  ASP A N    1 
ATOM   785  C CA   . ASP A 1 51 ? -5.59792  3.37214   -3.61361  1.000 27.25327  ? 48  ASP A CA   1 
ATOM   786  C C    . ASP A 1 51 ? -7.05081  3.81067   -3.67449  1.000 28.77450  ? 48  ASP A C    1 
ATOM   787  O O    . ASP A 1 51 ? -7.58044  4.00737   -4.77190  1.000 30.44312  ? 48  ASP A O    1 
ATOM   788  C CB   . ASP A 1 51 ? -5.53246  1.84777   -3.68423  1.000 24.12131  ? 48  ASP A CB   1 
ATOM   789  C CG   . ASP A 1 51 ? -4.31058  1.34220   -4.41510  1.000 29.62460  ? 48  ASP A CG   1 
ATOM   790  O OD1  . ASP A 1 51 ? -3.48309  2.16907   -4.86220  1.000 26.12155  ? 48  ASP A OD1  1 
ATOM   791  O OD2  . ASP A 1 51 ? -4.18502  0.10147   -4.56384  1.000 25.90574  ? 48  ASP A OD2  1 
ATOM   792  H H    . ASP A 1 51 ? -4.75667  3.23499   -1.83764  1.000 28.57000  ? 48  ASP A H    1 
ATOM   793  H HA   . ASP A 1 51 ? -5.13845  3.74710   -4.38125  1.000 33.10000  ? 48  ASP A HA   1 
ATOM   794  H HB2  . ASP A 1 51 ? -5.51137  1.49080   -2.78229  1.000 29.34000  ? 48  ASP A HB2  1 
ATOM   795  H HB3  . ASP A 1 51 ? -6.31739  1.52054   -4.15124  1.000 29.34000  ? 48  ASP A HB3  1 
ATOM   796  N N    . HIS A 1 52 ? -7.72590  3.95878   -2.53756  1.000 27.67174  ? 49  HIS A N    1 
ATOM   797  C CA   . HIS A 1 52 ? -9.10633  4.41344   -2.59477  1.000 35.79903  ? 49  HIS A CA   1 
ATOM   798  C C    . HIS A 1 52 ? -9.26838  5.90943   -2.38968  1.000 43.28940  ? 49  HIS A C    1 
ATOM   799  O O    . HIS A 1 52 ? -10.14944 6.51602   -3.01072  1.000 44.88959  ? 49  HIS A O    1 
ATOM   800  C CB   . HIS A 1 52 ? -9.99590  3.69706   -1.57348  1.000 42.61827  ? 49  HIS A CB   1 
ATOM   801  C CG   . HIS A 1 52 ? -11.45379 4.02488   -1.74051  1.000 50.15601  ? 49  HIS A CG   1 
ATOM   802  N ND1  . HIS A 1 52 ? -12.02230 5.19293   -1.26920  1.000 53.79592  ? 49  HIS A ND1  1 
ATOM   803  C CD2  . HIS A 1 52 ? -12.44888 3.35175   -2.36560  1.000 53.74855  ? 49  HIS A CD2  1 
ATOM   804  C CE1  . HIS A 1 52 ? -13.30775 5.21893   -1.58417  1.000 55.47770  ? 49  HIS A CE1  1 
ATOM   805  N NE2  . HIS A 1 52 ? -13.59226 4.11061   -2.24473  1.000 63.80502  ? 49  HIS A NE2  1 
ATOM   806  H H    . HIS A 1 52 ? -7.41382  3.80667   -1.75048  1.000 33.61000  ? 49  HIS A H    1 
ATOM   807  H HA   . HIS A 1 52 ? -9.42896  4.18107   -3.47904  1.000 43.35000  ? 49  HIS A HA   1 
ATOM   808  H HB2  . HIS A 1 52 ? -9.88950  2.73843   -1.67873  1.000 51.54000  ? 49  HIS A HB2  1 
ATOM   809  H HB3  . HIS A 1 52 ? -9.72866  3.96391   -0.68050  1.000 51.54000  ? 49  HIS A HB3  1 
ATOM   810  H HD2  . HIS A 1 52 ? -12.37472 2.53109   -2.79708  1.000 64.90000  ? 49  HIS A HD2  1 
ATOM   811  H HE1  . HIS A 1 52 ? -13.90621 5.90003   -1.37608  1.000 66.97000  ? 49  HIS A HE1  1 
ATOM   812  H HE2  . HIS A 1 52 ? -14.36679 3.89739   -2.54973  1.000 76.96000  ? 49  HIS A HE2  1 
ATOM   813  N N    . LEU A 1 53 ? -8.45185  6.52699   -1.53461  1.000 36.40173  ? 50  LEU A N    1 
ATOM   814  C CA   . LEU A 1 53 ? -8.62236  7.93789   -1.18640  1.000 38.03877  ? 50  LEU A CA   1 
ATOM   815  C C    . LEU A 1 53 ? -7.60391  8.86091   -1.84080  1.000 39.41525  ? 50  LEU A C    1 
ATOM   816  O O    . LEU A 1 53 ? -7.73804  10.08552  -1.73429  1.000 40.43643  ? 50  LEU A O    1 
ATOM   817  C CB   . LEU A 1 53 ? -8.55230  8.11270   0.33602   1.000 43.61839  ? 50  LEU A CB   1 
ATOM   818  C CG   . LEU A 1 53 ? -9.53372  7.26975   1.14797   1.000 44.32374  ? 50  LEU A CG   1 
ATOM   819  C CD1  . LEU A 1 53 ? -9.10075  7.21623   2.60072   1.000 47.59781  ? 50  LEU A CD1  1 
ATOM   820  C CD2  . LEU A 1 53 ? -10.95702 7.80612   1.03921   1.000 53.49852  ? 50  LEU A CD2  1 
ATOM   821  H H    . LEU A 1 53 ? -7.78875  6.14774   -1.13993  1.000 44.08000  ? 50  LEU A H    1 
ATOM   822  H HA   . LEU A 1 53 ? -9.50106  8.21968   -1.48713  1.000 46.04000  ? 50  LEU A HA   1 
ATOM   823  H HB2  . LEU A 1 53 ? -7.65825  7.87430   0.62784   1.000 52.74000  ? 50  LEU A HB2  1 
ATOM   824  H HB3  . LEU A 1 53 ? -8.73152  9.04323   0.54364   1.000 52.74000  ? 50  LEU A HB3  1 
ATOM   825  H HG   . LEU A 1 53 ? -9.53414  6.36883   0.78762   1.000 53.59000  ? 50  LEU A HG   1 
ATOM   826  H HD11 . LEU A 1 53 ? -9.80515  6.80390   3.12490   1.000 57.52000  ? 50  LEU A HD11 1 
ATOM   827  H HD12 . LEU A 1 53 ? -8.28770  6.69133   2.66920   1.000 57.52000  ? 50  LEU A HD12 1 
ATOM   828  H HD13 . LEU A 1 53 ? -8.93928  8.11933   2.91558   1.000 57.52000  ? 50  LEU A HD13 1 
ATOM   829  H HD21 . LEU A 1 53 ? -11.57270 7.13970   1.37998   1.000 64.59000  ? 50  LEU A HD21 1 
ATOM   830  H HD22 . LEU A 1 53 ? -11.02795 8.62029   1.56161   1.000 64.59000  ? 50  LEU A HD22 1 
ATOM   831  H HD23 . LEU A 1 53 ? -11.15375 7.99342   0.10819   1.000 64.59000  ? 50  LEU A HD23 1 
ATOM   832  N N    . ASN A 1 54 ? -6.61104  8.31281   -2.52780  1.000 39.16522  ? 51  ASN A N    1 
ATOM   833  C CA   . ASN A 1 54 ? -5.56374  9.10240   -3.15804  1.000 44.61061  ? 51  ASN A CA   1 
ATOM   834  C C    . ASN A 1 54 ? -4.96246  10.08956  -2.15611  1.000 47.81626  ? 51  ASN A C    1 
ATOM   835  O O    . ASN A 1 54 ? -4.82526  11.28601  -2.42528  1.000 50.60344  ? 51  ASN A O    1 
ATOM   836  C CB   . ASN A 1 54 ? -6.09994  9.82645   -4.39664  1.000 51.03243  ? 51  ASN A CB   1 
ATOM   837  C CG   . ASN A 1 54 ? -4.99636  10.38977  -5.26809  1.000 57.25686  ? 51  ASN A CG   1 
ATOM   838  O OD1  . ASN A 1 54 ? -3.91854  9.80557   -5.38437  1.000 50.82451  ? 51  ASN A OD1  1 
ATOM   839  N ND2  . ASN A 1 54 ? -5.25806  11.53863  -5.88294  1.000 85.15495  ? 51  ASN A ND2  1 
ATOM   840  H H    . ASN A 1 54 ? -6.52001  7.46530   -2.64470  1.000 47.39000  ? 51  ASN A H    1 
ATOM   841  H HA   . ASN A 1 54 ? -4.85501  8.50791   -3.44792  1.000 53.93000  ? 51  ASN A HA   1 
ATOM   842  H HB2  . ASN A 1 54 ? -6.61403  9.20075   -4.93084  1.000 61.64000  ? 51  ASN A HB2  1 
ATOM   843  H HB3  . ASN A 1 54 ? -6.66290  10.56296  -4.11352  1.000 61.64000  ? 51  ASN A HB3  1 
ATOM   844  H HD21 . ASN A 1 54 ? -4.66421  11.90100  -6.38950  1.000 102.59000 ? 51  ASN A HD21 1 
ATOM   845  H HD22 . ASN A 1 54 ? -6.02116  11.92059  -5.77426  1.000 102.59000 ? 51  ASN A HD22 1 
ATOM   846  N N    . LEU A 1 55 ? -4.61223  9.57842   -0.98002  1.000 40.18113  ? 52  LEU A N    1 
ATOM   847  C CA   . LEU A 1 55 ? -3.81833  10.36438  -0.04376  1.000 37.12287  ? 52  LEU A CA   1 
ATOM   848  C C    . LEU A 1 55 ? -2.37858  10.46537  -0.53724  1.000 34.93840  ? 52  LEU A C    1 
ATOM   849  O O    . LEU A 1 55 ? -1.85020  9.54111   -1.15256  1.000 40.06007  ? 52  LEU A O    1 
ATOM   850  C CB   . LEU A 1 55 ? -3.84542  9.73556   1.34331   1.000 35.70954  ? 52  LEU A CB   1 
ATOM   851  C CG   . LEU A 1 55 ? -5.18895  9.70059   2.06269   1.000 40.81805  ? 52  LEU A CG   1 
ATOM   852  C CD1  . LEU A 1 55 ? -5.07152  8.86491   3.32946   1.000 41.22863  ? 52  LEU A CD1  1 
ATOM   853  C CD2  . LEU A 1 55 ? -5.65560  11.09432  2.37571   1.000 43.00779  ? 52  LEU A CD2  1 
ATOM   854  H H    . LEU A 1 55 ? -4.81815  8.79045   -0.70401  1.000 48.61000  ? 52  LEU A H    1 
ATOM   855  H HA   . LEU A 1 55 ? -4.19056  11.25778  0.02764   1.000 44.94000  ? 52  LEU A HA   1 
ATOM   856  H HB2  . LEU A 1 55 ? -3.54518  8.81679   1.26023   1.000 43.25000  ? 52  LEU A HB2  1 
ATOM   857  H HB3  . LEU A 1 55 ? -3.23531  10.23355  1.90930   1.000 43.25000  ? 52  LEU A HB3  1 
ATOM   858  H HG   . LEU A 1 55 ? -5.85763  9.29362   1.49003   1.000 49.38000  ? 52  LEU A HG   1 
ATOM   859  H HD11 . LEU A 1 55 ? -5.56154  8.03597   3.20685   1.000 49.87000  ? 52  LEU A HD11 1 
ATOM   860  H HD12 . LEU A 1 55 ? -4.13586  8.67422   3.49619   1.000 49.87000  ? 52  LEU A HD12 1 
ATOM   861  H HD13 . LEU A 1 55 ? -5.44504  9.36360   4.07232   1.000 49.87000  ? 52  LEU A HD13 1 
ATOM   862  H HD21 . LEU A 1 55 ? -6.46913  11.04456  2.90113   1.000 52.00000  ? 52  LEU A HD21 1 
ATOM   863  H HD22 . LEU A 1 55 ? -4.96368  11.55296  2.87880   1.000 52.00000  ? 52  LEU A HD22 1 
ATOM   864  H HD23 . LEU A 1 55 ? -5.82727  11.56366  1.54432   1.000 52.00000  ? 52  LEU A HD23 1 
ATOM   865  N N    . ASP A 1 56 ? -1.74917  11.60301  -0.26484  1.000 35.94642  ? 53  ASP A N    1 
ATOM   866  C CA   . ASP A 1 56 ? -0.37725  11.83729  -0.69264  1.000 35.46215  ? 53  ASP A CA   1 
ATOM   867  C C    . ASP A 1 56 ? 0.50450   10.67181  -0.24774  1.000 31.35376  ? 53  ASP A C    1 
ATOM   868  O O    . ASP A 1 56 ? 0.56123   10.37559  0.95983   1.000 29.04296  ? 53  ASP A O    1 
ATOM   869  C CB   . ASP A 1 56 ? 0.13224   13.14878  -0.09282  1.000 32.43284  ? 53  ASP A CB   1 
ATOM   870  C CG   . ASP A 1 56 ? 1.44894   13.61547  -0.70773  1.000 38.47040  ? 53  ASP A CG   1 
ATOM   871  O OD1  . ASP A 1 56 ? 2.28320   12.76711  -1.10830  1.000 40.79963  ? 53  ASP A OD1  1 
ATOM   872  O OD2  . ASP A 1 56 ? 1.65602   14.84663  -0.79185  1.000 44.25004  ? 53  ASP A OD2  1 
ATOM   873  H H    . ASP A 1 56 ? -2.09766  12.25783  0.16929   1.000 43.53000  ? 53  ASP A H    1 
ATOM   874  H HA   . ASP A 1 56 ? -0.33576  11.90956  -1.65887  1.000 42.95000  ? 53  ASP A HA   1 
ATOM   875  H HB2  . ASP A 1 56 ? -0.52882  13.84170  -0.24359  1.000 39.32000  ? 53  ASP A HB2  1 
ATOM   876  H HB3  . ASP A 1 56 ? 0.27352   13.02611  0.85837   1.000 39.32000  ? 53  ASP A HB3  1 
ATOM   877  N N    . PRO A 1 57 ? 1.17992   9.97696   -1.17084  1.000 31.17479  ? 54  PRO A N    1 
ATOM   878  C CA   . PRO A 1 57 ? 2.10542   8.91459   -0.73842  1.000 28.89294  ? 54  PRO A CA   1 
ATOM   879  C C    . PRO A 1 57 ? 3.20969   9.40985   0.18194   1.000 26.80058  ? 54  PRO A C    1 
ATOM   880  O O    . PRO A 1 57 ? 3.71260   8.63282   1.00201   1.000 28.79819  ? 54  PRO A O    1 
ATOM   881  C CB   . PRO A 1 57 ? 2.68292   8.38344   -2.05628  1.000 32.24597  ? 54  PRO A CB   1 
ATOM   882  C CG   . PRO A 1 57 ? 1.71397   8.79856   -3.11360  1.000 37.41501  ? 54  PRO A CG   1 
ATOM   883  C CD   . PRO A 1 57 ? 1.07418   10.06295  -2.64501  1.000 33.99092  ? 54  PRO A CD   1 
ATOM   884  H HA   . PRO A 1 57 ? 1.60485   8.21093   -0.29704  1.000 35.07000  ? 54  PRO A HA   1 
ATOM   885  H HB2  . PRO A 1 57 ? 3.55604   8.77689   -2.21443  1.000 39.09000  ? 54  PRO A HB2  1 
ATOM   886  H HB3  . PRO A 1 57 ? 2.75737   7.41664   -2.01610  1.000 39.09000  ? 54  PRO A HB3  1 
ATOM   887  H HG2  . PRO A 1 57 ? 2.18953   8.94603   -3.94660  1.000 45.29000  ? 54  PRO A HG2  1 
ATOM   888  H HG3  . PRO A 1 57 ? 1.04825   8.10367   -3.23137  1.000 45.29000  ? 54  PRO A HG3  1 
ATOM   889  H HD2  . PRO A 1 57 ? 1.55402   10.83638  -2.98083  1.000 41.18000  ? 54  PRO A HD2  1 
ATOM   890  H HD3  . PRO A 1 57 ? 0.14603   10.10193  -2.92243  1.000 41.18000  ? 54  PRO A HD3  1 
ATOM   891  N N    . GLU A 1 58 ? 3.59196   10.68085  0.08838   1.000 26.98218  ? 55  GLU A N    1 
ATOM   892  C CA   . GLU A 1 58 ? 4.59427   11.21709  1.00643   1.000 29.16139  ? 55  GLU A CA   1 
ATOM   893  C C    . GLU A 1 58 ? 4.07700   11.20497  2.43908   1.000 28.32445  ? 55  GLU A C    1 
ATOM   894  O O    . GLU A 1 58 ? 4.81965   10.88964  3.37507   1.000 27.83228  ? 55  GLU A O    1 
ATOM   895  C CB   . GLU A 1 58 ? 4.99019   12.63591  0.59629   1.000 35.99379  ? 55  GLU A CB   1 
ATOM   896  C CG   . GLU A 1 58 ? 5.99941   12.69539  -0.54943  1.000 41.23389  ? 55  GLU A CG   1 
ATOM   897  C CD   . GLU A 1 58 ? 7.43565   12.69503  -0.06320  1.000 35.71481  ? 55  GLU A CD   1 
ATOM   898  O OE1  . GLU A 1 58 ? 7.70276   13.20602  1.04978   1.000 52.92213  ? 55  GLU A OE1  1 
ATOM   899  O OE2  . GLU A 1 58 ? 8.29896   12.19276  -0.80617  1.000 54.14070  ? 55  GLU A OE2  1 
ATOM   900  H H    . GLU A 1 58 ? 3.29101   11.24516  -0.48635  1.000 32.78000  ? 55  GLU A H    1 
ATOM   901  H HA   . GLU A 1 58 ? 5.38901   10.66282  0.95895   1.000 35.39000  ? 55  GLU A HA   1 
ATOM   902  H HB2  . GLU A 1 58 ? 4.19333   13.11000  0.31283   1.000 43.59000  ? 55  GLU A HB2  1 
ATOM   903  H HB3  . GLU A 1 58 ? 5.38710   13.08050  1.36162   1.000 43.59000  ? 55  GLU A HB3  1 
ATOM   904  H HG2  . GLU A 1 58 ? 5.87514   11.92206  -1.12132  1.000 49.88000  ? 55  GLU A HG2  1 
ATOM   905  H HG3  . GLU A 1 58 ? 5.85385   13.50969  -1.05668  1.000 49.88000  ? 55  GLU A HG3  1 
ATOM   906  N N    . PHE A 1 59 ? 2.80328   11.56221  2.63204   1.000 26.14524  ? 56  PHE A N    1 
ATOM   907  C CA   . PHE A 1 59 ? 2.22261   11.54456  3.96551   1.000 28.30603  ? 56  PHE A CA   1 
ATOM   908  C C    . PHE A 1 59 ? 2.16449   10.12594  4.50861   1.000 24.10026  ? 56  PHE A C    1 
ATOM   909  O O    . PHE A 1 59 ? 2.59801   9.87093   5.64170   1.000 25.94522  ? 56  PHE A O    1 
ATOM   910  C CB   . PHE A 1 59 ? 0.83245   12.16589  3.91631   1.000 22.82116  ? 56  PHE A CB   1 
ATOM   911  C CG   . PHE A 1 59 ? 0.09759   12.15343  5.23192   1.000 22.02106  ? 56  PHE A CG   1 
ATOM   912  C CD1  . PHE A 1 59 ? 0.70480   12.55465  6.39405   1.000 29.07191  ? 56  PHE A CD1  1 
ATOM   913  C CD2  . PHE A 1 59 ? -1.21716  11.70912  5.28133   1.000 40.57065  ? 56  PHE A CD2  1 
ATOM   914  C CE1  . PHE A 1 59 ? 0.01653   12.54745  7.60099   1.000 33.03291  ? 56  PHE A CE1  1 
ATOM   915  C CE2  . PHE A 1 59 ? -1.90401  11.68744  6.47936   1.000 35.15158  ? 56  PHE A CE2  1 
ATOM   916  C CZ   . PHE A 1 59 ? -1.28350  12.12040  7.63159   1.000 33.54613  ? 56  PHE A CZ   1 
ATOM   917  H H    . PHE A 1 59 ? 2.26485   11.81564  2.01122   1.000 31.77000  ? 56  PHE A H    1 
ATOM   918  H HA   . PHE A 1 59 ? 2.77062   12.07228  4.56676   1.000 34.36000  ? 56  PHE A HA   1 
ATOM   919  H HB2  . PHE A 1 59 ? 0.91682   13.08983  3.63587   1.000 27.78000  ? 56  PHE A HB2  1 
ATOM   920  H HB3  . PHE A 1 59 ? 0.29589   11.67226  3.27597   1.000 27.78000  ? 56  PHE A HB3  1 
ATOM   921  H HD1  . PHE A 1 59 ? 1.59032   12.83798  6.37355   1.000 35.28000  ? 56  PHE A HD1  1 
ATOM   922  H HD2  . PHE A 1 59 ? -1.63816  11.42530  4.50236   1.000 49.08000  ? 56  PHE A HD2  1 
ATOM   923  H HE1  . PHE A 1 59 ? 0.43634   12.82867  8.38164   1.000 40.03000  ? 56  PHE A HE1  1 
ATOM   924  H HE2  . PHE A 1 59 ? -2.78221  11.38130  6.50785   1.000 42.58000  ? 56  PHE A HE2  1 
ATOM   925  H HZ   . PHE A 1 59 ? -1.75154  12.12336  8.43537   1.000 40.65000  ? 56  PHE A HZ   1 
ATOM   926  N N    . LEU A 1 60 ? 1.65992   9.19095   3.70441   1.000 22.00527  ? 57  LEU A N    1 
ATOM   927  C CA   . LEU A 1 60 ? 1.54181   7.80086   4.14036   1.000 21.71839  ? 57  LEU A CA   1 
ATOM   928  C C    . LEU A 1 60 ? 2.91261   7.20287   4.41100   1.000 26.07155  ? 57  LEU A C    1 
ATOM   929  O O    . LEU A 1 60 ? 3.08853   6.44323   5.36764   1.000 23.36596  ? 57  LEU A O    1 
ATOM   930  C CB   . LEU A 1 60 ? 0.79320   6.98117   3.09072   1.000 23.78180  ? 57  LEU A CB   1 
ATOM   931  C CG   . LEU A 1 60 ? -0.66767  7.35275   2.88813   1.000 21.28413  ? 57  LEU A CG   1 
ATOM   932  C CD1  . LEU A 1 60 ? -1.23257  6.67595   1.64117   1.000 24.14237  ? 57  LEU A CD1  1 
ATOM   933  C CD2  . LEU A 1 60 ? -1.49717  6.98207   4.10361   1.000 23.58704  ? 57  LEU A CD2  1 
ATOM   934  H H    . LEU A 1 60 ? 1.37975   9.33394   2.90385   1.000 26.80000  ? 57  LEU A H    1 
ATOM   935  H HA   . LEU A 1 60 ? 1.02739   7.76971   4.96202   1.000 26.46000  ? 57  LEU A HA   1 
ATOM   936  H HB2  . LEU A 1 60 ? 1.24192   7.09652   2.23787   1.000 28.93000  ? 57  LEU A HB2  1 
ATOM   937  H HB3  . LEU A 1 60 ? 0.82077   6.04903   3.35630   1.000 28.93000  ? 57  LEU A HB3  1 
ATOM   938  H HG   . LEU A 1 60 ? -0.72316  8.31323   2.76423   1.000 25.94000  ? 57  LEU A HG   1 
ATOM   939  H HD11 . LEU A 1 60 ? -2.17411  6.89710   1.56129   1.000 29.37000  ? 57  LEU A HD11 1 
ATOM   940  H HD12 . LEU A 1 60 ? -0.75088  6.99450   0.86278   1.000 29.37000  ? 57  LEU A HD12 1 
ATOM   941  H HD13 . LEU A 1 60 ? -1.12554  5.71555   1.72679   1.000 29.37000  ? 57  LEU A HD13 1 
ATOM   942  H HD21 . LEU A 1 60 ? -2.43431  7.13175   3.90338   1.000 28.70000  ? 57  LEU A HD21 1 
ATOM   943  H HD22 . LEU A 1 60 ? -1.34834  6.04693   4.31427   1.000 28.70000  ? 57  LEU A HD22 1 
ATOM   944  H HD23 . LEU A 1 60 ? -1.22540  7.53666   4.85159   1.000 28.70000  ? 57  LEU A HD23 1 
ATOM   945  N N    . TYR A 1 61 ? 3.90155   7.53147   3.57497   1.000 21.91579  ? 58  TYR A N    1 
ATOM   946  C CA   . TYR A 1 61 ? 5.25448   7.05899   3.81640   1.000 24.00288  ? 58  TYR A CA   1 
ATOM   947  C C    . TYR A 1 61 ? 5.77515   7.55601   5.14964   1.000 28.63238  ? 58  TYR A C    1 
ATOM   948  O O    . TYR A 1 61 ? 6.35663   6.78376   5.92390   1.000 28.84030  ? 58  TYR A O    1 
ATOM   949  C CB   . TYR A 1 61 ? 6.17170   7.49818   2.67425   1.000 28.37182  ? 58  TYR A CB   1 
ATOM   950  C CG   . TYR A 1 61 ? 7.59536   7.06133   2.86920   1.000 31.42219  ? 58  TYR A CG   1 
ATOM   951  C CD1  . TYR A 1 61 ? 7.99570   5.77318   2.56830   1.000 33.07765  ? 58  TYR A CD1  1 
ATOM   952  C CD2  . TYR A 1 61 ? 8.53789   7.93331   3.37015   1.000 35.39109  ? 58  TYR A CD2  1 
ATOM   953  C CE1  . TYR A 1 61 ? 9.30738   5.37110   2.75790   1.000 36.66229  ? 58  TYR A CE1  1 
ATOM   954  C CE2  . TYR A 1 61 ? 9.84846   7.54134   3.56209   1.000 36.98075  ? 58  TYR A CE2  1 
ATOM   955  C CZ   . TYR A 1 61 ? 10.22209  6.25648   3.25925   1.000 35.71481  ? 58  TYR A CZ   1 
ATOM   956  O OH   . TYR A 1 61 ? 11.52891  5.87725   3.45334   1.000 44.88959  ? 58  TYR A OH   1 
ATOM   957  H H    . TYR A 1 61 ? 3.81151   8.02028   2.87301   1.000 26.70000  ? 58  TYR A H    1 
ATOM   958  H HA   . TYR A 1 61 ? 5.25260   6.08945   3.83993   1.000 29.20000  ? 58  TYR A HA   1 
ATOM   959  H HB2  . TYR A 1 61 ? 5.85011   7.11123   1.84563   1.000 34.44000  ? 58  TYR A HB2  1 
ATOM   960  H HB3  . TYR A 1 61 ? 6.16062   8.46627   2.61435   1.000 34.44000  ? 58  TYR A HB3  1 
ATOM   961  H HD1  . TYR A 1 61 ? 7.37412   5.16710   2.23259   1.000 40.09000  ? 58  TYR A HD1  1 
ATOM   962  H HD2  . TYR A 1 61 ? 8.28590   8.80283   3.58363   1.000 42.86000  ? 58  TYR A HD2  1 
ATOM   963  H HE1  . TYR A 1 61 ? 9.56596   4.50382   2.54598   1.000 44.39000  ? 58  TYR A HE1  1 
ATOM   964  H HE2  . TYR A 1 61 ? 10.47336  8.14410   3.89500   1.000 44.77000  ? 58  TYR A HE2  1 
ATOM   965  H HH   . TYR A 1 61 ? 11.62627  5.06736   3.25222   1.000 54.26000  ? 58  TYR A HH   1 
ATOM   966  N N    . ARG A 1 62 ? 5.56232   8.84236   5.45029   1.000 28.28497  ? 59  ARG A N    1 
ATOM   967  C CA   . ARG A 1 62 ? 6.01636   9.39161   6.72015   1.000 31.95909  ? 59  ARG A CA   1 
ATOM   968  C C    . ARG A 1 62 ? 5.32354   8.72214   7.90142   1.000 31.04583  ? 59  ARG A C    1 
ATOM   969  O O    . ARG A 1 62 ? 5.94534   8.50488   8.94968   1.000 32.50653  ? 59  ARG A O    1 
ATOM   970  C CB   . ARG A 1 62 ? 5.77414   10.90419  6.75506   1.000 33.72246  ? 59  ARG A CB   1 
ATOM   971  C CG   . ARG A 1 62 ? 6.64080   11.69808  5.80515   1.000 43.17360  ? 59  ARG A CG   1 
ATOM   972  C CD   . ARG A 1 62 ? 6.09363   13.11161  5.61868   1.000 45.68969  ? 59  ARG A CD   1 
ATOM   973  N NE   . ARG A 1 62 ? 6.92203   13.89788  4.71669   1.000 45.80549  ? 59  ARG A NE   1 
ATOM   974  C CZ   . ARG A 1 62 ? 8.03909   14.51143  5.08648   1.000 54.85921  ? 59  ARG A CZ   1 
ATOM   975  N NH1  . ARG A 1 62 ? 8.50795   14.41672  6.32394   1.000 53.30639  ? 59  ARG A NH1  1 
ATOM   976  N NH2  . ARG A 1 62 ? 8.70706   15.24403  4.19611   1.000 55.26452  ? 59  ARG A NH2  1 
ATOM   977  H H    . ARG A 1 62 ? 5.16164   9.40661   4.93921   1.000 34.34000  ? 59  ARG A H    1 
ATOM   978  H HA   . ARG A 1 62 ? 6.96960   9.22940   6.79831   1.000 38.75000  ? 59  ARG A HA   1 
ATOM   979  H HB2  . ARG A 1 62 ? 4.84896   11.07440  6.52072   1.000 40.86000  ? 59  ARG A HB2  1 
ATOM   980  H HB3  . ARG A 1 62 ? 5.95328   11.22468  7.65305   1.000 40.86000  ? 59  ARG A HB3  1 
ATOM   981  H HG2  . ARG A 1 62 ? 7.54009   11.76174  6.16299   1.000 52.21000  ? 59  ARG A HG2  1 
ATOM   982  H HG3  . ARG A 1 62 ? 6.65919   11.25974  4.93980   1.000 52.21000  ? 59  ARG A HG3  1 
ATOM   983  H HD2  . ARG A 1 62 ? 5.19991   13.06266  5.24529   1.000 55.22000  ? 59  ARG A HD2  1 
ATOM   984  H HD3  . ARG A 1 62 ? 6.06962   13.56057  6.47863   1.000 55.22000  ? 59  ARG A HD3  1 
ATOM   985  H HE   . ARG A 1 62 ? 6.67327   13.97028  3.89712   1.000 55.36000  ? 59  ARG A HE   1 
ATOM   986  H HH11 . ARG A 1 62 ? 8.08530   13.94846  6.90940   1.000 64.36000  ? 59  ARG A HH11 1 
ATOM   987  H HH12 . ARG A 1 62 ? 9.23437   14.82246  6.54213   1.000 64.36000  ? 59  ARG A HH12 1 
ATOM   988  H HH21 . ARG A 1 62 ? 8.41278   15.31606  3.39129   1.000 66.71000  ? 59  ARG A HH21 1 
ATOM   989  H HH22 . ARG A 1 62 ? 9.43228   15.64494  4.42681   1.000 66.71000  ? 59  ARG A HH22 1 
ATOM   990  N N    . LEU A 1 63 ? 4.03228   8.40603   7.76425   1.000 28.40604  ? 60  LEU A N    1 
ATOM   991  C CA   . LEU A 1 63 ? 3.34337   7.67657   8.82236   1.000 29.98517  ? 60  LEU A CA   1 
ATOM   992  C C    . LEU A 1 63 ? 3.96115   6.29524   9.02293   1.000 30.60367  ? 60  LEU A C    1 
ATOM   993  O O    . LEU A 1 63 ? 4.13647   5.84263   10.16204  1.000 34.88576  ? 60  LEU A O    1 
ATOM   994  C CB   . LEU A 1 63 ? 1.86418   7.54663   8.48906   1.000 30.83001  ? 60  LEU A CB   1 
ATOM   995  C CG   . LEU A 1 63 ? 1.00225   8.79990   8.64187   1.000 33.47770  ? 60  LEU A CG   1 
ATOM   996  C CD1  . LEU A 1 63 ? -0.38566  8.56141   8.03854   1.000 33.48033  ? 60  LEU A CD1  1 
ATOM   997  C CD2  . LEU A 1 63 ? 0.90091   9.19212   10.11185  1.000 40.93122  ? 60  LEU A CD2  1 
ATOM   998  H H    A LEU A 1 63 ? 3.54546   8.59800   7.08149   0.560 34.48000  ? 60  LEU A H    1 
ATOM   999  H H    B LEU A 1 63 ? 3.54546   8.59800   7.08149   0.440 34.48000  ? 60  LEU A H    1 
ATOM   1000 H HA   . LEU A 1 63 ? 3.42616   8.17372   9.65102   1.000 36.38000  ? 60  LEU A HA   1 
ATOM   1001 H HB2  . LEU A 1 63 ? 1.79117   7.26477   7.56354   1.000 37.39000  ? 60  LEU A HB2  1 
ATOM   1002 H HB3  . LEU A 1 63 ? 1.48537   6.87130   9.07283   1.000 37.39000  ? 60  LEU A HB3  1 
ATOM   1003 H HG   . LEU A 1 63 ? 1.41197   9.53792   8.16429   1.000 40.57000  ? 60  LEU A HG   1 
ATOM   1004 H HD11 . LEU A 1 63 ? -0.92882  9.35299   8.17347   1.000 40.57000  ? 60  LEU A HD11 1 
ATOM   1005 H HD12 . LEU A 1 63 ? -0.29118  8.38328   7.08981   1.000 40.57000  ? 60  LEU A HD12 1 
ATOM   1006 H HD13 . LEU A 1 63 ? -0.79512  7.80064   8.47937   1.000 40.57000  ? 60  LEU A HD13 1 
ATOM   1007 H HD21 . LEU A 1 63 ? 0.59125   8.42803   10.62235  1.000 49.51000  ? 60  LEU A HD21 1 
ATOM   1008 H HD22 . LEU A 1 63 ? 1.77672   9.46709   10.42698  1.000 49.51000  ? 60  LEU A HD22 1 
ATOM   1009 H HD23 . LEU A 1 63 ? 0.27314   9.92571   10.20018  1.000 49.51000  ? 60  LEU A HD23 1 
ATOM   1010 N N    . LEU A 1 64 ? 4.31110   5.62208   7.92618   1.000 27.79281  ? 61  LEU A N    1 
ATOM   1011 C CA   . LEU A 1 64 ? 4.92476   4.30064   8.02434   1.000 30.81948  ? 61  LEU A CA   1 
ATOM   1012 C C    . LEU A 1 64 ? 6.28079   4.36380   8.71294   1.000 37.12024  ? 61  LEU A C    1 
ATOM   1013 O O    . LEU A 1 64 ? 6.64791   3.45468   9.46354   1.000 38.34144  ? 61  LEU A O    1 
ATOM   1014 C CB   . LEU A 1 64 ? 5.05738   3.68658   6.63449   1.000 29.47722  ? 61  LEU A CB   1 
ATOM   1015 C CG   . LEU A 1 64 ? 3.77057   3.14904   6.01117   1.000 33.36453  ? 61  LEU A CG   1 
ATOM   1016 C CD1  . LEU A 1 64 ? 4.01752   2.74930   4.57734   1.000 28.82451  ? 61  LEU A CD1  1 
ATOM   1017 C CD2  . LEU A 1 64 ? 3.19986   1.97460   6.81346   1.000 27.76912  ? 61  LEU A CD2  1 
ATOM   1018 H H    . LEU A 1 64 ? 4.20562   5.90607   7.12107   1.000 33.75000  ? 61  LEU A H    1 
ATOM   1019 H HA   . LEU A 1 64 ? 4.34963   3.72883   8.55654   1.000 37.38000  ? 61  LEU A HA   1 
ATOM   1020 H HB2  . LEU A 1 64 ? 5.40385   4.36570   6.03547   1.000 35.77000  ? 61  LEU A HB2  1 
ATOM   1021 H HB3  . LEU A 1 64 ? 5.68010   2.94446   6.68988   1.000 35.77000  ? 61  LEU A HB3  1 
ATOM   1022 H HG   . LEU A 1 64 ? 3.10241   3.85216   6.02684   1.000 40.44000  ? 61  LEU A HG   1 
ATOM   1023 H HD11 . LEU A 1 64 ? 3.19617   2.39424   4.20263   1.000 34.99000  ? 61  LEU A HD11 1 
ATOM   1024 H HD12 . LEU A 1 64 ? 4.29959   3.52995   4.07585   1.000 34.99000  ? 61  LEU A HD12 1 
ATOM   1025 H HD13 . LEU A 1 64 ? 4.71161   2.07211   4.55290   1.000 34.99000  ? 61  LEU A HD13 1 
ATOM   1026 H HD21 . LEU A 1 64 ? 2.47315   1.57380   6.31206   1.000 33.72000  ? 61  LEU A HD21 1 
ATOM   1027 H HD22 . LEU A 1 64 ? 3.90203   1.32129   6.95819   1.000 33.72000  ? 61  LEU A HD22 1 
ATOM   1028 H HD23 . LEU A 1 64 ? 2.87316   2.30366   7.66569   1.000 33.72000  ? 61  LEU A HD23 1 
ATOM   1029 N N    . GLN A 1 65 ? 7.05551   5.41410   8.44871   1.000 33.06975  ? 62  GLN A N    1 
ATOM   1030 C CA   . GLN A 1 65 ? 8.34064   5.55263   9.11438   1.000 41.65236  ? 62  GLN A CA   1 
ATOM   1031 C C    . GLN A 1 65 ? 8.16419   5.65591   10.62291  1.000 48.61636  ? 62  GLN A C    1 
ATOM   1032 O O    . GLN A 1 65 ? 8.91632   5.04070   11.39195  1.000 52.17731  ? 62  GLN A O    1 
ATOM   1033 C CB   . GLN A 1 65 ? 9.07529   6.77663   8.57656   1.000 43.24466  ? 62  GLN A CB   1 
ATOM   1034 C CG   . GLN A 1 65 ? 9.59328   6.63143   7.16359   1.000 45.00803  ? 62  GLN A CG   1 
ATOM   1035 C CD   . GLN A 1 65 ? 10.49331  7.80013   6.76552   1.000 60.14405  ? 62  GLN A CD   1 
ATOM   1036 O OE1  . GLN A 1 65 ? 10.07176  8.96436   6.79412   1.000 54.94080  ? 62  GLN A OE1  1 
ATOM   1037 N NE2  . GLN A 1 65 ? 11.74163  7.49765   6.41096   1.000 64.51300  ? 62  GLN A NE2  1 
ATOM   1038 H H    . GLN A 1 65 ? 6.86181   6.04663   7.89951   1.000 40.08000  ? 62  GLN A H    1 
ATOM   1039 H HA   . GLN A 1 65 ? 8.88118   4.77027   8.92589   1.000 50.38000  ? 62  GLN A HA   1 
ATOM   1040 H HB2  . GLN A 1 65 ? 8.46582   7.53161   8.58844   1.000 52.29000  ? 62  GLN A HB2  1 
ATOM   1041 H HB3  . GLN A 1 65 ? 9.83626   6.95640   9.14955   1.000 52.29000  ? 62  GLN A HB3  1 
ATOM   1042 H HG2  . GLN A 1 65 ? 10.10964  5.81292   7.09528   1.000 54.41000  ? 62  GLN A HG2  1 
ATOM   1043 H HG3  . GLN A 1 65 ? 8.84272   6.60256   6.54927   1.000 54.41000  ? 62  GLN A HG3  1 
ATOM   1044 H HE21 . GLN A 1 65 ? 12.00317  6.67845   6.41385   1.000 77.81000  ? 62  GLN A HE21 1 
ATOM   1045 H HE22 . GLN A 1 65 ? 12.28647  8.12171   6.17869   1.000 77.81000  ? 62  GLN A HE22 1 
ATOM   1046 N N    . GLN A 1 66 ? 7.17229   6.42738   11.06774  1.000 45.27122  ? 63  GLN A N    1 
ATOM   1047 C CA   . GLN A 1 66 ? 6.90377   6.52502   12.49645  1.000 57.10422  ? 63  GLN A CA   1 
ATOM   1048 C C    . GLN A 1 66 ? 6.65191   5.15166   13.10725  1.000 58.51491  ? 63  GLN A C    1 
ATOM   1049 O O    . GLN A 1 66 ? 7.25087   4.78960   14.12792  1.000 64.50773  ? 63  GLN A O    1 
ATOM   1050 C CB   . GLN A 1 66 ? 5.70021   7.42968   12.73987  1.000 54.34073  ? 63  GLN A CB   1 
ATOM   1051 C CG   . GLN A 1 66 ? 5.91824   8.87082   12.38570  1.000 59.61241  ? 63  GLN A CG   1 
ATOM   1052 C CD   . GLN A 1 66 ? 4.66850   9.68584   12.60599  1.000 61.44684  ? 63  GLN A CD   1 
ATOM   1053 O OE1  . GLN A 1 66 ? 4.18389   9.81050   13.72918  1.000 73.28773  ? 63  GLN A OE1  1 
ATOM   1054 N NE2  . GLN A 1 66 ? 4.11653   10.21767  11.52591  1.000 56.38308  ? 63  GLN A NE2  1 
ATOM   1055 H H    . GLN A 1 66 ? 6.64979   6.89562   10.56941  1.000 54.72000  ? 63  GLN A H    1 
ATOM   1056 H HA   . GLN A 1 66 ? 7.67980   6.91554   12.92832  1.000 68.92000  ? 63  GLN A HA   1 
ATOM   1057 H HB2  . GLN A 1 66 ? 4.95843   7.10632   12.20594  1.000 65.60000  ? 63  GLN A HB2  1 
ATOM   1058 H HB3  . GLN A 1 66 ? 5.47160   7.39203   13.68243  1.000 65.60000  ? 63  GLN A HB3  1 
ATOM   1059 H HG2  . GLN A 1 66 ? 6.62295   9.23504   12.94342  1.000 71.93000  ? 63  GLN A HG2  1 
ATOM   1060 H HG3  . GLN A 1 66 ? 6.16685   8.93727   11.45065  1.000 71.93000  ? 63  GLN A HG3  1 
ATOM   1061 H HE21 . GLN A 1 66 ? 4.47219   10.08891  10.75326  1.000 68.06000  ? 63  GLN A HE21 1 
ATOM   1062 H HE22 . GLN A 1 66 ? 3.40213   10.69129  11.59665  1.000 68.06000  ? 63  GLN A HE22 1 
ATOM   1063 N N    . SER A 1 67 ? 5.75909   4.37386   12.49392  1.000 52.03255  ? 64  SER A N    1 
ATOM   1064 C CA   . SER A 1 67 ? 5.39487   3.08178   13.06040  1.000 57.52795  ? 64  SER A CA   1 
ATOM   1065 C C    . SER A 1 67 ? 6.61719   2.19130   13.26877  1.000 63.72343  ? 64  SER A C    1 
ATOM   1066 O O    . SER A 1 67 ? 6.64943   1.39224   14.21206  1.000 65.42100  ? 64  SER A O    1 
ATOM   1067 C CB   . SER A 1 67 ? 4.37657   2.38517   12.15381  1.000 51.54039  ? 64  SER A CB   1 
ATOM   1068 O OG   . SER A 1 67 ? 5.01492   1.67201   11.10905  1.000 60.60463  ? 64  SER A OG   1 
ATOM   1069 H H    . SER A 1 67 ? 5.35628   4.57038   11.75997  1.000 62.84000  ? 64  SER A H    1 
ATOM   1070 H HA   . SER A 1 67 ? 4.98146   3.22583   13.92514  1.000 69.43000  ? 64  SER A HA   1 
ATOM   1071 H HB2  . SER A 1 67 ? 3.85793   1.76324   12.68721  1.000 62.24000  ? 64  SER A HB2  1 
ATOM   1072 H HB3  . SER A 1 67 ? 3.79297   3.05591   11.76508  1.000 62.24000  ? 64  SER A HB3  1 
ATOM   1073 H HG   . SER A 1 67 ? 5.48144   2.19527   10.64671  1.000 73.12000  ? 64  SER A HG   1 
ATOM   1074 N N    . ARG A 1 68 ? 7.62911   2.32300   12.41713  0.990 72.09285  ? 65  ARG A N    1 
ATOM   1075 C CA   . ARG A 1 68 ? 8.81936   1.48045   12.49261  0.990 73.73779  ? 65  ARG A CA   1 
ATOM   1076 C C    . ARG A 1 68 ? 9.75483   1.96741   13.58974  0.990 71.85598  ? 65  ARG A C    1 
ATOM   1077 O O    . ARG A 1 68 ? 9.76212   3.14850   13.93296  0.990 72.78241  ? 65  ARG A O    1 
ATOM   1078 C CB   . ARG A 1 68 ? 9.54319   1.46011   11.13818  0.990 77.59088  ? 65  ARG A CB   1 
ATOM   1079 C CG   . ARG A 1 68 ? 8.75838   0.77390   10.01825  0.990 78.53310  ? 65  ARG A CG   1 
ATOM   1080 C CD   . ARG A 1 68 ? 9.25666   1.17309   8.63024   0.990 73.02191  ? 65  ARG A CD   1 
ATOM   1081 N NE   . ARG A 1 68 ? 8.43921   0.57749   7.57781   0.990 76.79342  ? 65  ARG A NE   1 
ATOM   1082 C CZ   . ARG A 1 68 ? 8.53057   0.87899   6.28766   0.990 71.70597  ? 65  ARG A CZ   1 
ATOM   1083 N NH1  . ARG A 1 68 ? 9.40631   1.77017   5.84386   0.990 66.86854  ? 65  ARG A NH1  1 
ATOM   1084 N NH2  . ARG A 1 68 ? 7.71967   0.27529   5.41991   0.990 56.84103  ? 65  ARG A NH2  1 
ATOM   1085 H H    . ARG A 1 68 ? 7.65140   2.89875   11.77856  0.990 86.91000  ? 65  ARG A H    1 
ATOM   1086 H HA   . ARG A 1 68 ? 8.55860   0.57072   12.70406  0.990 88.88000  ? 65  ARG A HA   1 
ATOM   1087 H HB2  . ARG A 1 68 ? 9.71155   2.37416   10.86207  0.990 93.51000  ? 65  ARG A HB2  1 
ATOM   1088 H HB3  . ARG A 1 68 ? 10.38283  0.98427   11.24237  0.990 93.51000  ? 65  ARG A HB3  1 
ATOM   1089 H HG2  . ARG A 1 68 ? 8.85189   -0.18779  10.10655  0.990 94.63000  ? 65  ARG A HG2  1 
ATOM   1090 H HG3  . ARG A 1 68 ? 7.82373   1.02285   10.08541  0.990 94.63000  ? 65  ARG A HG3  1 
ATOM   1091 H HD2  . ARG A 1 68 ? 9.21552   2.13848   8.53953   0.990 88.02000  ? 65  ARG A HD2  1 
ATOM   1092 H HD3  . ARG A 1 68 ? 10.17100  0.86805   8.51676   0.990 88.02000  ? 65  ARG A HD3  1 
ATOM   1093 H HE   . ARG A 1 68 ? 7.85649   -0.01030  7.80955   0.990 92.55000  ? 65  ARG A HE   1 
ATOM   1094 H HH11 . ARG A 1 68 ? 9.93110   2.16939   6.39665   0.990 80.64000  ? 65  ARG A HH11 1 
ATOM   1095 H HH12 . ARG A 1 68 ? 9.44814   1.95117   5.00415   0.990 80.64000  ? 65  ARG A HH12 1 
ATOM   1096 H HH21 . ARG A 1 68 ? 7.14509   -0.30142  5.69830   0.990 68.61000  ? 65  ARG A HH21 1 
ATOM   1097 H HH22 . ARG A 1 68 ? 7.76958   0.46233   4.58220   0.990 68.61000  ? 65  ARG A HH22 1 
HETATM 1098 O O    . HOH B 2 .  ? -4.63229  -12.75986 3.11085   1.000 41.87344  ? 101 HOH A O    1 
HETATM 1099 O O    . HOH B 2 .  ? 2.41982   -9.34569  3.41368   1.000 31.42219  ? 102 HOH A O    1 
HETATM 1100 O O    . HOH B 2 .  ? -6.67090  13.20123  -1.79251  1.000 59.34133  ? 103 HOH A O    1 
HETATM 1101 O O    . HOH B 2 .  ? -7.50096  -9.98350  -10.48678 1.000 47.95838  ? 104 HOH A O    1 
HETATM 1102 O O    . HOH B 2 .  ? -7.97088  0.54563   -1.61377  1.000 29.87463  ? 105 HOH A O    1 
HETATM 1103 O O    . HOH B 2 .  ? -4.35791  1.42625   -10.36301 1.000 30.27205  ? 106 HOH A O    1 
HETATM 1104 O O    . HOH B 2 .  ? -3.78065  6.84776   -7.97496  1.000 32.45915  ? 107 HOH A O    1 
HETATM 1105 O O    . HOH B 2 .  ? -2.86127  13.39800  1.69516   1.000 38.21774  ? 108 HOH A O    1 
HETATM 1106 O O    . HOH B 2 .  ? -5.20815  6.96472   -5.76054  1.000 33.76721  ? 109 HOH A O    1 
HETATM 1107 O O    . HOH B 2 .  ? 2.43379   -15.78800 -0.36711  1.000 40.82332  ? 110 HOH A O    1 
HETATM 1108 O O    . HOH B 2 .  ? -13.88927 -3.04388  0.04043   1.000 37.89665  ? 111 HOH A O    1 
HETATM 1109 O O    . HOH B 2 .  ? 2.92570   -7.18257  9.57755   1.000 34.63310  ? 112 HOH A O    1 
HETATM 1110 O O    . HOH B 2 .  ? -0.95181  9.92393   -6.77590  1.000 46.65559  ? 113 HOH A O    1 
HETATM 1111 O O    . HOH B 2 .  ? -12.91754 -0.10308  -2.33053  1.000 50.03231  ? 114 HOH A O    1 
HETATM 1112 O O    . HOH B 2 .  ? -12.75954 -6.34552  -5.69081  1.000 45.48703  ? 115 HOH A O    1 
HETATM 1113 O O    . HOH B 2 .  ? 5.54699   4.94575   -8.75443  1.000 52.73264  ? 116 HOH A O    1 
HETATM 1114 O O    . HOH B 2 .  ? 10.00710  16.52966  1.62966   1.000 42.25243  ? 117 HOH A O    1 
HETATM 1115 O O    . HOH B 2 .  ? -9.99417  -1.35883  -8.52991  1.000 49.19537  ? 118 HOH A O    1 
HETATM 1116 O O    . HOH B 2 .  ? -8.20968  -0.22052  -4.21691  1.000 35.76218  ? 119 HOH A O    1 
HETATM 1117 O O    . HOH B 2 .  ? 6.56124   -4.36876  -7.58325  1.000 50.97980  ? 120 HOH A O    1 
HETATM 1118 O O    . HOH B 2 .  ? -9.98577  1.25618   -4.63437  1.000 46.31871  ? 121 HOH A O    1 
HETATM 1119 O O    . HOH B 2 .  ? -9.66419  2.18015   -10.27335 1.000 47.62939  ? 122 HOH A O    1 
HETATM 1120 O O    . HOH B 2 .  ? 2.86090   -9.41655  8.56187   1.000 49.16379  ? 123 HOH A O    1 
HETATM 1121 O O    . HOH B 2 .  ? -3.07976  -18.16646 -0.43000  1.000 42.98147  ? 124 HOH A O    1 
HETATM 1122 O O    . HOH B 2 .  ? 15.10542  9.01508   -3.00046  1.000 53.89330  ? 125 HOH A O    1 
# 
loop_
_atom_site_anisotrop.id 
_atom_site_anisotrop.type_symbol 
_atom_site_anisotrop.pdbx_label_atom_id 
_atom_site_anisotrop.pdbx_label_alt_id 
_atom_site_anisotrop.pdbx_label_comp_id 
_atom_site_anisotrop.pdbx_label_asym_id 
_atom_site_anisotrop.pdbx_label_seq_id 
_atom_site_anisotrop.pdbx_PDB_ins_code 
_atom_site_anisotrop.U[1][1] 
_atom_site_anisotrop.U[2][2] 
_atom_site_anisotrop.U[3][3] 
_atom_site_anisotrop.U[1][2] 
_atom_site_anisotrop.U[1][3] 
_atom_site_anisotrop.U[2][3] 
_atom_site_anisotrop.pdbx_auth_seq_id 
_atom_site_anisotrop.pdbx_auth_comp_id 
_atom_site_anisotrop.pdbx_auth_asym_id 
_atom_site_anisotrop.pdbx_auth_atom_id 
1    N N   . MET A 4  ? 0.78546 0.99300 1.01684 0.02122  0.13107  -0.06983 1   MET A N   
2    C CA  . MET A 4  ? 0.75915 0.92302 0.94564 0.00456  0.15150  -0.07645 1   MET A CA  
3    C C   . MET A 4  ? 0.61470 0.76312 0.76749 -0.01757 0.15085  -0.07815 1   MET A C   
4    O O   . MET A 4  ? 0.58735 0.70771 0.71024 -0.03408 0.16625  -0.08274 1   MET A O   
5    C CB  . MET A 4  ? 0.78377 0.90739 0.93274 0.01150  0.15347  -0.07333 1   MET A CB  
6    C CG  . MET A 4  ? 0.83473 0.91740 0.94107 -0.00369 0.17179  -0.08068 1   MET A CG  
7    S SD  . MET A 4  ? 0.78859 0.82870 0.85751 0.00208  0.17235  -0.08028 1   MET A SD  
8    C CE  . MET A 4  ? 0.78775 0.78817 0.80679 -0.02053 0.19156  -0.08995 1   MET A CE  
18   N N   . ILE A 5  ? 0.55906 0.72297 0.71427 -0.01811 0.13316  -0.07434 2   ILE A N   
19   C CA  . ILE A 5  ? 0.43607 0.58618 0.56464 -0.03811 0.13209  -0.07644 2   ILE A CA  
20   C C   . ILE A 5  ? 0.42422 0.61387 0.59451 -0.04729 0.12906  -0.08390 2   ILE A C   
21   O O   . ILE A 5  ? 0.45275 0.67510 0.64575 -0.04436 0.11047  -0.08469 2   ILE A O   
22   C CB  . ILE A 5  ? 0.44271 0.57818 0.54291 -0.03417 0.11367  -0.06898 2   ILE A CB  
23   C CG1 . ILE A 5  ? 0.43102 0.52694 0.49224 -0.02708 0.11447  -0.06209 2   ILE A CG1 
24   C CG2 . ILE A 5  ? 0.36412 0.48137 0.44031 -0.05201 0.11104  -0.07012 2   ILE A CG2 
25   C CD1 . ILE A 5  ? 0.50745 0.58866 0.54659 -0.02036 0.09338  -0.05277 2   ILE A CD1 
37   N N   . LYS A 6  ? 0.36853 0.55543 0.54714 -0.05989 0.14671  -0.09064 3   LYS A N   
38   C CA  . LYS A 6  ? 0.35917 0.57915 0.57559 -0.07294 0.14652  -0.09956 3   LYS A CA  
39   C C   . LYS A 6  ? 0.34471 0.53582 0.52967 -0.09781 0.15353  -0.10370 3   LYS A C   
40   O O   . LYS A 6  ? 0.40969 0.62450 0.62011 -0.11065 0.14871  -0.11202 3   LYS A O   
41   C CB  . LYS A 6  ? 0.46081 0.69826 0.71233 -0.07235 0.16426  -0.10597 3   LYS A CB  
42   C CG  . LYS A 6  ? 0.50559 0.76258 0.78682 -0.04698 0.16229  -0.10153 3   LYS A CG  
43   C CD  . LYS A 6  ? 0.52324 0.82601 0.84605 -0.02873 0.13460  -0.09539 3   LYS A CD  
44   C CE  . LYS A 6  ? 0.68637 1.02390 1.06283 -0.00771 0.13490  -0.09331 3   LYS A CE  
45   N NZ  . LYS A 6  ? 0.79479 1.10173 1.15318 0.00830  0.14895  -0.08971 3   LYS A NZ  
59   N N   . VAL A 7  ? 0.40125 0.53993 0.53072 -0.10446 0.16335  -0.09741 4   VAL A N   
60   C CA  . VAL A 7  ? 0.40322 0.50411 0.49668 -0.12540 0.16983  -0.09705 4   VAL A CA  
61   C C   . VAL A 7  ? 0.37845 0.43611 0.41945 -0.12118 0.16338  -0.08492 4   VAL A C   
62   O O   . VAL A 7  ? 0.44522 0.49736 0.47242 -0.10541 0.15824  -0.07863 4   VAL A O   
63   C CB  . VAL A 7  ? 0.44525 0.51921 0.52204 -0.14190 0.19392  -0.10023 4   VAL A CB  
64   C CG1 . VAL A 7  ? 0.45297 0.57022 0.58501 -0.14962 0.20184  -0.11348 4   VAL A CG1 
65   C CG2 . VAL A 7  ? 0.47508 0.52419 0.52283 -0.13403 0.20492  -0.09534 4   VAL A CG2 
75   N N   . PRO A 8  ? 0.39876 0.42242 0.41031 -0.13497 0.16334  -0.08129 5   PRO A N   
76   C CA  . PRO A 8  ? 0.45252 0.43125 0.41483 -0.12726 0.15234  -0.06694 5   PRO A CA  
77   C C   . PRO A 8  ? 0.50165 0.44522 0.41883 -0.12638 0.16199  -0.05791 5   PRO A C   
78   O O   . PRO A 8  ? 0.45163 0.37622 0.34205 -0.11214 0.14515  -0.04816 5   PRO A O   
79   C CB  . PRO A 8  ? 0.50925 0.45035 0.45130 -0.14170 0.15253  -0.06394 5   PRO A CB  
80   C CG  . PRO A 8  ? 0.50038 0.48038 0.48944 -0.15618 0.15804  -0.08063 5   PRO A CG  
81   C CD  . PRO A 8  ? 0.45167 0.47497 0.47646 -0.15371 0.16708  -0.08953 5   PRO A CD  
89   N N   . GLU A 9  ? 0.51195 0.44585 0.42280 -0.13637 0.17848  -0.06183 6   GLU A N   
90   C CA  . GLU A 9  ? 0.53341 0.43247 0.39862 -0.13627 0.18409  -0.05584 6   GLU A CA  
91   C C   . GLU A 9  ? 0.50175 0.41889 0.37546 -0.11894 0.17676  -0.05766 6   GLU A C   
92   O O   . GLU A 9  ? 0.52767 0.41325 0.35708 -0.11658 0.17114  -0.05095 6   GLU A O   
93   C CB  . GLU A 9  ? 0.56841 0.46242 0.43467 -0.15067 0.20731  -0.06414 6   GLU A CB  
94   C CG  . GLU A 9  ? 0.65373 0.51097 0.49090 -0.16937 0.21703  -0.05971 6   GLU A CG  
95   C CD  . GLU A 9  ? 0.71064 0.59730 0.59546 -0.17845 0.22134  -0.06951 6   GLU A CD  
96   O OE1 . GLU A 9  ? 0.55605 0.48764 0.48871 -0.16947 0.20943  -0.07630 6   GLU A OE1 
97   O OE2 . GLU A 9  ? 0.76172 0.62537 0.63391 -0.19556 0.23607  -0.07086 6   GLU A OE2 
104  N N   . ASP A 10 ? 0.44909 0.41536 0.37885 -0.10704 0.17532  -0.06655 7   ASP A N   
105  C CA  . ASP A 10 ? 0.46082 0.44017 0.40101 -0.08967 0.16986  -0.06769 7   ASP A CA  
106  C C   . ASP A 10 ? 0.41151 0.37917 0.32952 -0.07929 0.15058  -0.05926 7   ASP A C   
107  O O   . ASP A 10 ? 0.41529 0.36542 0.30960 -0.07269 0.14593  -0.05735 7   ASP A O   
108  C CB  . ASP A 10 ? 0.43521 0.46666 0.43993 -0.07743 0.17064  -0.07575 7   ASP A CB  
109  C CG  . ASP A 10 ? 0.58377 0.63193 0.61750 -0.08688 0.18942  -0.08532 7   ASP A CG  
110  O OD1 . ASP A 10 ? 0.58550 0.60239 0.58741 -0.09996 0.20648  -0.08754 7   ASP A OD1 
111  O OD2 . ASP A 10 ? 0.52001 0.61357 0.60832 -0.08167 0.18632  -0.09074 7   ASP A OD2 
116  N N   . LEU A 11 ? 0.39496 0.37176 0.32268 -0.07802 0.13778  -0.05565 8   LEU A N   
117  C CA  . LEU A 11 ? 0.36209 0.32591 0.27540 -0.06568 0.11240  -0.04609 8   LEU A CA  
118  C C   . LEU A 11 ? 0.38214 0.29936 0.24081 -0.07103 0.10658  -0.03698 8   LEU A C   
119  O O   . LEU A 11 ? 0.38813 0.29700 0.23327 -0.06250 0.09370  -0.03376 8   LEU A O   
120  C CB  . LEU A 11 ? 0.36408 0.33908 0.29654 -0.06472 0.09953  -0.04490 8   LEU A CB  
121  C CG  . LEU A 11 ? 0.41721 0.39939 0.35889 -0.04995 0.07862  -0.04061 8   LEU A CG  
122  C CD1 . LEU A 11 ? 0.45911 0.46818 0.42951 -0.05084 0.07482  -0.04732 8   LEU A CD1 
123  C CD2 . LEU A 11 ? 0.48068 0.42612 0.39240 -0.04891 0.06652  -0.03109 8   LEU A CD2 
135  N N   . GLU A 12 ? 0.42163 0.30723 0.24714 -0.08645 0.11535  -0.03215 9   GLU A N   
136  C CA  . GLU A 12 ? 0.48329 0.32189 0.25032 -0.09148 0.10605  -0.02015 9   GLU A CA  
137  C C   . GLU A 12 ? 0.48955 0.31598 0.22356 -0.09600 0.11551  -0.02507 9   GLU A C   
138  O O   . GLU A 12 ? 0.54373 0.34920 0.24377 -0.09277 0.09681  -0.01901 9   GLU A O   
139  C CB  . GLU A 12 ? 0.51309 0.31432 0.24669 -0.10810 0.11642  -0.01165 9   GLU A CB  
140  C CG  . GLU A 12 ? 0.63321 0.38164 0.29795 -0.11423 0.10615  0.00368  9   GLU A CG  
141  C CD  . GLU A 12 ? 0.74720 0.45527 0.38533 -0.12409 0.10777  0.01619  9   GLU A CD  
142  O OE1 . GLU A 12 ? 0.72175 0.43320 0.38765 -0.12732 0.11494  0.01579  9   GLU A OE1 
143  O OE2 . GLU A 12 ? 0.74384 0.41557 0.33359 -0.12889 0.10149  0.02572  9   GLU A OE2 
150  N N   . ARG A 13 ? 0.48262 0.32633 0.24065 -0.10065 0.13695  -0.03693 10  ARG A N   
151  C CA  . ARG A 13 ? 0.52724 0.35944 0.26632 -0.10293 0.14377  -0.04336 10  ARG A CA  
152  C C   . ARG A 13 ? 0.51027 0.35520 0.26023 -0.08960 0.13176  -0.04734 10  ARG A C   
153  O O   . ARG A 13 ? 0.52560 0.34663 0.23796 -0.09247 0.12150  -0.04639 10  ARG A O   
154  C CB  . ARG A 13 ? 0.54004 0.39126 0.31130 -0.10769 0.17025  -0.05620 10  ARG A CB  
155  C CG  . ARG A 13 ? 0.68219 0.51453 0.42837 -0.11288 0.18239  -0.06405 10  ARG A CG  
156  C CD  . ARG A 13 ? 0.76200 0.61764 0.54956 -0.11322 0.20872  -0.07822 10  ARG A CD  
157  N NE  . ARG A 13 ? 0.68702 0.58459 0.53529 -0.09459 0.20656  -0.08361 10  ARG A NE  
158  C CZ  . ARG A 13 ? 0.69393 0.63079 0.59608 -0.08781 0.20807  -0.08510 10  ARG A CZ  
159  N NH1 . ARG A 13 ? 0.63939 0.58046 0.54656 -0.09981 0.21391  -0.08426 10  ARG A NH1 
160  N NH2 . ARG A 13 ? 0.69255 0.66369 0.64355 -0.06923 0.20279  -0.08753 10  ARG A NH2 
174  N N   . ILE A 14 ? 0.48078 0.36254 0.28197 -0.07608 0.13260  -0.05241 11  ILE A N   
175  C CA  . ILE A 14 ? 0.44821 0.33829 0.26140 -0.06385 0.12421  -0.05625 11  ILE A CA  
176  C C   . ILE A 14 ? 0.43699 0.31129 0.22421 -0.06203 0.09771  -0.04771 11  ILE A C   
177  O O   . ILE A 14 ? 0.44767 0.30880 0.21693 -0.06206 0.08785  -0.05059 11  ILE A O   
178  C CB  . ILE A 14 ? 0.43954 0.37038 0.31257 -0.04866 0.12886  -0.06002 11  ILE A CB  
179  C CG1 . ILE A 14 ? 0.48281 0.43209 0.38900 -0.04778 0.14844  -0.06762 11  ILE A CG1 
180  C CG2 . ILE A 14 ? 0.44301 0.37664 0.32785 -0.03604 0.11926  -0.06073 11  ILE A CG2 
181  C CD1 . ILE A 14 ? 0.50391 0.49702 0.46787 -0.03534 0.14826  -0.06796 11  ILE A CD1 
193  N N   . GLY A 15 ? 0.42288 0.30059 0.21743 -0.05983 0.08225  -0.03670 12  GLY A N   
194  C CA  . GLY A 15 ? 0.39066 0.25904 0.17681 -0.05468 0.05361  -0.02678 12  GLY A CA  
195  C C   . GLY A 15 ? 0.46357 0.29602 0.19291 -0.06504 0.04154  -0.02293 12  GLY A C   
196  O O   . GLY A 15 ? 0.46196 0.29353 0.18821 -0.06232 0.02158  -0.02297 12  GLY A O   
200  N N   . ARG A 16 ? 0.47119 0.27316 0.15265 -0.07880 0.05282  -0.01919 13  ARG A N   
201  C CA  . ARG A 16 ? 0.52412 0.28966 0.14403 -0.08979 0.03969  -0.01385 13  ARG A CA  
202  C C   . ARG A 16 ? 0.53282 0.30199 0.14999 -0.09306 0.04378  -0.02787 13  ARG A C   
203  O O   . ARG A 16 ? 0.57969 0.33668 0.17093 -0.09623 0.02055  -0.02618 13  ARG A O   
204  C CB  . ARG A 16 ? 0.57238 0.31131 0.16111 -0.10231 0.05526  -0.00799 13  ARG A CB  
205  C CG  . ARG A 16 ? 0.58277 0.30460 0.16344 -0.10148 0.04788  0.00851  13  ARG A CG  
206  C CD  . ARG A 16 ? 0.64358 0.33250 0.18692 -0.11533 0.06086  0.01419  13  ARG A CD  
207  N NE  . ARG A 16 ? 0.67311 0.34177 0.21241 -0.11457 0.05634  0.02935  13  ARG A NE  
208  C CZ  . ARG A 16 ? 0.70109 0.34232 0.21619 -0.10741 0.02730  0.04874  13  ARG A CZ  
209  N NH1 . ARG A 16 ? 0.72620 0.36195 0.22005 -0.10126 -0.00294 0.05515  13  ARG A NH1 
210  N NH2 . ARG A 16 ? 0.71282 0.33337 0.23131 -0.10589 0.02766  0.06110  13  ARG A NH2 
224  N N   . GLU A 17 ? 0.51643 0.30346 0.16471 -0.09173 0.07178  -0.04159 14  GLU A N   
225  C CA  . GLU A 17 ? 0.53455 0.31961 0.18164 -0.09437 0.07994  -0.05519 14  GLU A CA  
226  C C   . GLU A 17 ? 0.52704 0.32129 0.18787 -0.08791 0.06010  -0.05947 14  GLU A C   
227  O O   . GLU A 17 ? 0.55288 0.33371 0.19072 -0.09544 0.04970  -0.06580 14  GLU A O   
228  C CB  . GLU A 17 ? 0.58242 0.38635 0.27033 -0.08972 0.11145  -0.06656 14  GLU A CB  
229  C CG  . GLU A 17 ? 0.73408 0.52468 0.40495 -0.10117 0.13337  -0.06894 14  GLU A CG  
230  C CD  . GLU A 17 ? 0.90291 0.72076 0.62603 -0.09449 0.15943  -0.07733 14  GLU A CD  
231  O OE1 . GLU A 17 ? 0.80927 0.65632 0.58131 -0.07915 0.15901  -0.07966 14  GLU A OE1 
232  O OE2 . GLU A 17 ? 0.91643 0.72645 0.63202 -0.10466 0.17944  -0.08119 14  GLU A OE2 
239  N N   . LEU A 18 ? 0.50160 0.31917 0.20213 -0.07559 0.05579  -0.05764 15  LEU A N   
240  C CA  . LEU A 18 ? 0.46755 0.30082 0.20154 -0.06836 0.03888  -0.05948 15  LEU A CA  
241  C C   . LEU A 18 ? 0.50687 0.33452 0.22351 -0.07274 0.00397  -0.05160 15  LEU A C   
242  O O   . LEU A 18 ? 0.53502 0.35957 0.24781 -0.07909 -0.00970 -0.05932 15  LEU A O   
243  C CB  . LEU A 18 ? 0.43995 0.30726 0.23519 -0.05166 0.04197  -0.05339 15  LEU A CB  
244  C CG  . LEU A 18 ? 0.43778 0.31713 0.26169 -0.04371 0.06921  -0.06046 15  LEU A CG  
245  C CD1 . LEU A 18 ? 0.41836 0.32940 0.28884 -0.02939 0.06782  -0.05153 15  LEU A CD1 
246  C CD2 . LEU A 18 ? 0.45032 0.31868 0.27910 -0.04389 0.07708  -0.07163 15  LEU A CD2 
258  N N   . ARG A 19 ? 0.46224 0.28815 0.17112 -0.06946 -0.01151 -0.03649 16  ARG A N   
259  C CA  . ARG A 19 ? 0.49253 0.31498 0.19139 -0.06995 -0.04755 -0.02694 16  ARG A CA  
260  C C   . ARG A 19 ? 0.55716 0.34817 0.18887 -0.08723 -0.06093 -0.03116 16  ARG A C   
261  O O   . ARG A 19 ? 0.57795 0.37375 0.20920 -0.09013 -0.09207 -0.03072 16  ARG A O   
262  C CB  . ARG A 19 ? 0.54375 0.36370 0.24755 -0.06077 -0.05824 -0.00919 16  ARG A CB  
263  C CG  . ARG A 19 ? 0.53547 0.35344 0.23839 -0.05586 -0.09726 0.00383  16  ARG A CG  
264  C CD  . ARG A 19 ? 0.60644 0.41487 0.31648 -0.04477 -0.10241 0.02087  16  ARG A CD  
265  N NE  . ARG A 19 ? 0.55868 0.32901 0.21031 -0.05540 -0.08569 0.02777  16  ARG A NE  
266  C CZ  . ARG A 19 ? 0.61101 0.36728 0.26470 -0.05129 -0.07574 0.03810  16  ARG A CZ  
267  N NH1 . ARG A 19 ? 0.52422 0.29922 0.23236 -0.03556 -0.08111 0.04190  16  ARG A NH1 
268  N NH2 . ARG A 19 ? 0.61507 0.33561 0.21412 -0.06521 -0.05728 0.04314  16  ARG A NH2 
282  N N   . ALA A 20 ? 0.58189 0.35036 0.17515 -0.09648 -0.03576 -0.03413 17  ALA A N   
283  C CA  . ALA A 20 ? 0.63653 0.38373 0.18484 -0.10937 -0.04226 -0.03639 17  ALA A CA  
284  C C   . ALA A 20 ? 0.64099 0.39543 0.19798 -0.11582 -0.04382 -0.05451 17  ALA A C   
285  O O   . ALA A 20 ? 0.70434 0.44833 0.23013 -0.12599 -0.06191 -0.05690 17  ALA A O   
286  C CB  . ALA A 20 ? 0.67296 0.39692 0.18813 -0.11843 -0.01025 -0.03794 17  ALA A CB  
292  N N   . ARG A 21 ? 0.64662 0.41690 0.24469 -0.11063 -0.02511 -0.06734 18  ARG A N   
293  C CA  . ARG A 21 ? 0.67136 0.44495 0.28329 -0.11680 -0.02501 -0.08450 18  ARG A CA  
294  C C   . ARG A 21 ? 0.61126 0.40329 0.24595 -0.11848 -0.06173 -0.08376 18  ARG A C   
295  O O   . ARG A 21 ? 0.66766 0.46281 0.31613 -0.12655 -0.06397 -0.09846 18  ARG A O   
296  C CB  . ARG A 21 ? 0.62624 0.40800 0.27956 -0.10852 0.00543  -0.09494 18  ARG A CB  
297  C CG  . ARG A 21 ? 0.70240 0.47489 0.35042 -0.10536 0.04144  -0.09788 18  ARG A CG  
298  C CD  . ARG A 21 ? 0.71803 0.50468 0.41629 -0.09162 0.06506  -0.10290 18  ARG A CD  
299  N NE  . ARG A 21 ? 0.86141 0.63669 0.56321 -0.09192 0.09378  -0.11426 18  ARG A NE  
300  C CZ  . ARG A 21 ? 1.03380 0.79367 0.73224 -0.09836 0.09830  -0.12745 18  ARG A CZ  
301  N NH1 . ARG A 21 ? 1.03267 0.79020 0.72963 -0.10580 0.07628  -0.13175 18  ARG A NH1 
302  N NH2 . ARG A 21 ? 0.91782 0.66511 0.61777 -0.09836 0.12544  -0.13749 18  ARG A NH2 
316  N N   . GLY A 22 ? 0.59493 0.40073 0.24124 -0.11086 -0.08951 -0.06758 19  GLY A N   
317  C CA  . GLY A 22 ? 0.62094 0.45359 0.30667 -0.10986 -0.12412 -0.06591 19  GLY A CA  
318  C C   . GLY A 22 ? 0.59085 0.45481 0.34894 -0.09728 -0.11652 -0.06495 19  GLY A C   
319  O O   . GLY A 22 ? 0.61882 0.51137 0.42461 -0.09651 -0.13775 -0.06575 19  GLY A O   
323  N N   . LEU A 23 ? 0.52777 0.39288 0.30305 -0.08587 -0.08427 -0.06215 20  LEU A N   
324  C CA  . LEU A 23 ? 0.53535 0.42947 0.37539 -0.07295 -0.07115 -0.05978 20  LEU A CA  
325  C C   . LEU A 23 ? 0.51693 0.43493 0.39244 -0.05816 -0.08633 -0.04470 20  LEU A C   
326  O O   . LEU A 23 ? 0.49576 0.40534 0.35480 -0.05027 -0.08222 -0.03427 20  LEU A O   
327  C CB  . LEU A 23 ? 0.45858 0.34551 0.30011 -0.06586 -0.03571 -0.06160 20  LEU A CB  
328  C CG  . LEU A 23 ? 0.49354 0.35565 0.31051 -0.07559 -0.01391 -0.07730 20  LEU A CG  
329  C CD1 . LEU A 23 ? 0.47022 0.33011 0.29407 -0.06430 0.01668  -0.07581 20  LEU A CD1 
330  C CD2 . LEU A 23 ? 0.52693 0.39244 0.37333 -0.08203 -0.01368 -0.08717 20  LEU A CD2 
342  N N   . ASP A 24 ? 0.48525 0.43186 0.41189 -0.05554 -0.10108 -0.04516 21  ASP A N   
343  C CA  . ASP A 24 ? 0.46672 0.43753 0.43845 -0.03963 -0.10610 -0.03482 21  ASP A CA  
344  C C   . ASP A 24 ? 0.40200 0.38006 0.39465 -0.03086 -0.07461 -0.03433 21  ASP A C   
345  O O   . ASP A 24 ? 0.40180 0.36800 0.37800 -0.03478 -0.05299 -0.03930 21  ASP A O   
346  C CB  . ASP A 24 ? 0.45278 0.45571 0.47941 -0.03995 -0.12750 -0.03800 21  ASP A CB  
347  C CG  . ASP A 24 ? 0.53440 0.55443 0.59977 -0.04830 -0.10942 -0.04965 21  ASP A CG  
348  O OD1 . ASP A 24 ? 0.50622 0.50922 0.55246 -0.05249 -0.08301 -0.05388 21  ASP A OD1 
349  O OD2 . ASP A 24 ? 0.59377 0.64437 0.71256 -0.05052 -0.12114 -0.05396 21  ASP A OD2 
354  N N   . THR A 25 ? 0.36443 0.36119 0.39327 -0.01820 -0.07273 -0.02850 22  THR A N   
355  C CA  . THR A 25 ? 0.33350 0.33431 0.37028 -0.01093 -0.04678 -0.02732 22  THR A CA  
356  C C   . THR A 25 ? 0.27657 0.28421 0.32852 -0.01576 -0.02795 -0.03289 22  THR A C   
357  O O   . THR A 25 ? 0.26851 0.26727 0.30361 -0.01399 -0.00980 -0.03174 22  THR A O   
358  C CB  . THR A 25 ? 0.36679 0.38376 0.43715 0.00114  -0.04711 -0.02370 22  THR A CB  
359  O OG1 . THR A 25 ? 0.44216 0.44516 0.49698 0.00660  -0.06483 -0.01632 22  THR A OG1 
360  C CG2 . THR A 25 ? 0.33473 0.35356 0.40252 0.00587  -0.02325 -0.02389 22  THR A CG2 
368  N N   . LYS A 26 ? 0.28211 0.30525 0.36794 -0.02185 -0.03203 -0.03809 23  LYS A N   
369  C CA  . LYS A 26 ? 0.27243 0.29514 0.36983 -0.02786 -0.01145 -0.04129 23  LYS A CA  
370  C C   . LYS A 26 ? 0.31006 0.30572 0.37302 -0.03550 -0.00491 -0.04499 23  LYS A C   
371  O O   . LYS A 26 ? 0.29866 0.28225 0.35260 -0.03223 0.01497  -0.04179 23  LYS A O   
372  C CB  . LYS A 26 ? 0.34575 0.38986 0.48940 -0.03673 -0.01458 -0.04782 23  LYS A CB  
373  C CG  . LYS A 26 ? 0.32675 0.36464 0.47972 -0.04452 0.01044  -0.04875 23  LYS A CG  
374  C CD  . LYS A 26 ? 0.45652 0.51462 0.65706 -0.05846 0.01004  -0.05753 23  LYS A CD  
375  C CE  . LYS A 26 ? 0.53727 0.58183 0.74190 -0.06764 0.03908  -0.05587 23  LYS A CE  
376  N NZ  . LYS A 26 ? 0.59988 0.64656 0.83327 -0.08888 0.03837  -0.06762 23  LYS A NZ  
390  N N   . ARG A 27 ? 0.28886 0.27284 0.33130 -0.04531 -0.02177 -0.05208 24  ARG A N   
391  C CA  . ARG A 27 ? 0.32046 0.27527 0.32858 -0.05351 -0.01250 -0.05964 24  ARG A CA  
392  C C   . ARG A 27 ? 0.32802 0.26847 0.30541 -0.04357 0.00099  -0.05471 24  ARG A C   
393  O O   . ARG A 27 ? 0.34758 0.26963 0.31339 -0.04280 0.01945  -0.05809 24  ARG A O   
394  C CB  . ARG A 27 ? 0.38691 0.33168 0.37181 -0.06879 -0.03450 -0.07031 24  ARG A CB  
395  C CG  . ARG A 27 ? 0.51556 0.47593 0.53482 -0.08281 -0.04785 -0.07943 24  ARG A CG  
396  C CD  . ARG A 27 ? 0.64496 0.57822 0.64902 -0.09932 -0.03518 -0.09437 24  ARG A CD  
397  N NE  . ARG A 27 ? 0.77842 0.69631 0.78987 -0.09111 -0.00307 -0.08962 24  ARG A NE  
398  C CZ  . ARG A 27 ? 0.72221 0.60565 0.70954 -0.09453 0.01657  -0.09727 24  ARG A CZ  
399  N NH1 . ARG A 27 ? 0.80101 0.65946 0.75073 -0.10792 0.01190  -0.11300 24  ARG A NH1 
400  N NH2 . ARG A 27 ? 0.62505 0.49661 0.62454 -0.08358 0.04161  -0.08869 24  ARG A NH2 
414  N N   . LEU A 28 ? 0.30148 0.24999 0.27022 -0.03582 -0.00692 -0.04718 25  LEU A N   
415  C CA  . LEU A 28 ? 0.30592 0.24685 0.25432 -0.02854 0.00716  -0.04364 25  LEU A CA  
416  C C   . LEU A 28 ? 0.29702 0.24823 0.26755 -0.01776 0.02495  -0.03839 25  LEU A C   
417  O O   . LEU A 28 ? 0.31296 0.25634 0.27590 -0.01320 0.03965  -0.03921 25  LEU A O   
418  C CB  . LEU A 28 ? 0.36810 0.31354 0.30636 -0.02466 -0.00386 -0.03648 25  LEU A CB  
419  C CG  . LEU A 28 ? 0.35735 0.29578 0.27547 -0.02206 0.00996  -0.03476 25  LEU A CG  
420  C CD1 . LEU A 28 ? 0.43213 0.35702 0.32154 -0.02634 -0.00192 -0.02976 25  LEU A CD1 
421  C CD2 . LEU A 28 ? 0.39996 0.35880 0.34484 -0.01134 0.02070  -0.03016 25  LEU A CD2 
433  N N   . LEU A 29 ? 0.27106 0.24018 0.26917 -0.01335 0.02377  -0.03298 26  LEU A N   
434  C CA  . LEU A 29 ? 0.24291 0.21904 0.25275 -0.00440 0.03787  -0.02595 26  LEU A CA  
435  C C   . LEU A 29 ? 0.29910 0.25854 0.31176 -0.00581 0.05026  -0.02591 26  LEU A C   
436  O O   . LEU A 29 ? 0.31187 0.26904 0.32539 0.00384  0.06078  -0.01779 26  LEU A O   
437  C CB  . LEU A 29 ? 0.23635 0.23176 0.26639 -0.00187 0.03645  -0.02177 26  LEU A CB  
438  C CG  . LEU A 29 ? 0.25075 0.25786 0.27979 0.00219  0.02803  -0.02162 26  LEU A CG  
439  C CD1 . LEU A 29 ? 0.30393 0.32690 0.35577 0.00420  0.03032  -0.02163 26  LEU A CD1 
440  C CD2 . LEU A 29 ? 0.28174 0.28990 0.29526 0.00786  0.03316  -0.01894 26  LEU A CD2 
452  N N   . GLU A 30 ? 0.28932 0.23489 0.30269 -0.01767 0.04805  -0.03451 27  GLU A N   
453  C CA  . GLU A 30 ? 0.32629 0.24769 0.34032 -0.02092 0.06189  -0.03662 27  GLU A CA  
454  C C   . GLU A 30 ? 0.42304 0.32117 0.41639 -0.01934 0.06985  -0.04463 27  GLU A C   
455  O O   . GLU A 30 ? 0.41489 0.29624 0.41117 -0.01022 0.08521  -0.04079 27  GLU A O   
456  C CB  . GLU A 30 ? 0.32915 0.24657 0.35728 -0.03789 0.05762  -0.04543 27  GLU A CB  
457  C CG  . GLU A 30 ? 0.37011 0.30944 0.42705 -0.03962 0.05867  -0.03872 27  GLU A CG  
458  C CD  . GLU A 30 ? 0.49459 0.43756 0.57635 -0.05817 0.05456  -0.04935 27  GLU A CD  
459  O OE1 . GLU A 30 ? 0.50191 0.44402 0.57867 -0.06915 0.03809  -0.06201 27  GLU A OE1 
460  O OE2 . GLU A 30 ? 0.48997 0.43700 0.59483 -0.06359 0.06795  -0.04532 27  GLU A OE2 
467  N N   . GLU A 31 ? 0.32791 0.22313 0.29916 -0.02735 0.06081  -0.05508 28  GLU A N   
468  C CA  . GLU A 31 ? 0.41576 0.28634 0.36340 -0.02945 0.07293  -0.06652 28  GLU A CA  
469  C C   . GLU A 31 ? 0.39920 0.27963 0.34297 -0.01707 0.08144  -0.06237 28  GLU A C   
470  O O   . GLU A 31 ? 0.39043 0.25556 0.33150 -0.01202 0.09972  -0.06916 28  GLU A O   
471  C CB  . GLU A 31 ? 0.43471 0.29201 0.34998 -0.04807 0.06022  -0.08093 28  GLU A CB  
472  C CG  . GLU A 31 ? 0.50542 0.35349 0.42688 -0.06420 0.05124  -0.09039 28  GLU A CG  
473  C CD  . GLU A 31 ? 0.79937 0.61557 0.72375 -0.06743 0.07301  -0.10038 28  GLU A CD  
474  O OE1 . GLU A 31 ? 0.85553 0.64470 0.75347 -0.06953 0.08781  -0.11342 28  GLU A OE1 
475  O OE2 . GLU A 31 ? 0.76518 0.58029 0.71803 -0.06796 0.07810  -0.09545 28  GLU A OE2 
482  N N   . GLY A 32 ? 0.33390 0.23902 0.28088 -0.01310 0.07036  -0.05340 29  GLY A N   
483  C CA  . GLY A 32 ? 0.37538 0.29363 0.32288 -0.00523 0.07725  -0.05057 29  GLY A CA  
484  C C   . GLY A 32 ? 0.35031 0.27485 0.32344 0.01046  0.09200  -0.04641 29  GLY A C   
485  O O   . GLY A 32 ? 0.35994 0.28323 0.33574 0.01445  0.10667  -0.05295 29  GLY A O   
489  N N   . PRO A 33 ? 0.35735 0.28881 0.35035 0.01991  0.08874  -0.03482 30  PRO A N   
490  C CA  . PRO A 33 ? 0.38986 0.32632 0.40622 0.03750  0.09754  -0.02665 30  PRO A CA  
491  C C   . PRO A 33 ? 0.41272 0.32105 0.43393 0.04217  0.11557  -0.03488 30  PRO A C   
492  O O   . PRO A 33 ? 0.44962 0.36457 0.49410 0.05790  0.12504  -0.03287 30  PRO A O   
493  C CB  . PRO A 33 ? 0.38903 0.32851 0.41146 0.04240  0.08980  -0.01127 30  PRO A CB  
494  C CG  . PRO A 33 ? 0.40975 0.36020 0.42115 0.02949  0.07795  -0.01285 30  PRO A CG  
495  C CD  . PRO A 33 ? 0.36198 0.29946 0.35776 0.01561  0.07696  -0.02736 30  PRO A CD  
503  N N   . LYS A 34 ? 0.42321 0.30062 0.42667 0.02892  0.12036  -0.04564 31  LYS A N   
504  C CA  . LYS A 34 ? 0.43585 0.28002 0.44013 0.03106  0.14052  -0.05771 31  LYS A CA  
505  C C   . LYS A 34 ? 0.44577 0.29123 0.43950 0.02711  0.15280  -0.07333 31  LYS A C   
506  O O   . LYS A 34 ? 0.43258 0.27508 0.44363 0.03590  0.16497  -0.07540 31  LYS A O   
507  C CB  . LYS A 34 ? 0.48202 0.29345 0.46703 0.01284  0.14103  -0.06849 31  LYS A CB  
508  C CG  . LYS A 34 ? 0.51517 0.32220 0.51193 0.01164  0.13384  -0.05465 31  LYS A CG  
509  C CD  . LYS A 34 ? 0.60627 0.39059 0.58783 -0.01223 0.13133  -0.06963 31  LYS A CD  
510  C CE  . LYS A 34 ? 0.63079 0.41291 0.62790 -0.01778 0.12818  -0.05828 31  LYS A CE  
511  N NZ  . LYS A 34 ? 0.75334 0.52952 0.74424 -0.04358 0.11974  -0.07408 31  LYS A NZ  
525  N N   . LEU A 35 ? 0.41738 0.26978 0.38154 0.01167  0.14558  -0.08082 32  LEU A N   
526  C CA  . LEU A 35 ? 0.45547 0.30778 0.40084 0.00227  0.15406  -0.09107 32  LEU A CA  
527  C C   . LEU A 35 ? 0.38918 0.27445 0.36317 0.01395  0.15863  -0.08444 32  LEU A C   
528  O O   . LEU A 35 ? 0.38097 0.26740 0.36033 0.01301  0.17261  -0.09165 32  LEU A O   
529  C CB  . LEU A 35 ? 0.43180 0.27505 0.33024 -0.01831 0.14155  -0.09693 32  LEU A CB  
530  C CG  . LEU A 35 ? 0.47388 0.28796 0.33946 -0.03557 0.13332  -0.10768 32  LEU A CG  
531  C CD1 . LEU A 35 ? 0.50914 0.32492 0.34054 -0.04969 0.10955  -0.10597 32  LEU A CD1 
532  C CD2 . LEU A 35 ? 0.51514 0.30789 0.35997 -0.04511 0.14766  -0.12029 32  LEU A CD2 
544  N N   . TYR A 36 ? 0.37664 0.28948 0.37058 0.02354  0.14758  -0.07231 33  TYR A N   
545  C CA  . TYR A 36 ? 0.40060 0.34993 0.42347 0.03158  0.14740  -0.06702 33  TYR A CA  
546  C C   . TYR A 36 ? 0.36218 0.33314 0.42558 0.05318  0.13997  -0.05309 33  TYR A C   
547  O O   . TYR A 36 ? 0.38769 0.38192 0.45620 0.05527  0.12323  -0.04179 33  TYR A O   
548  C CB  . TYR A 36 ? 0.37993 0.34176 0.38201 0.01878  0.13867  -0.06575 33  TYR A CB  
549  C CG  . TYR A 36 ? 0.37792 0.31642 0.33756 -0.00076 0.14428  -0.07497 33  TYR A CG  
550  C CD1 . TYR A 36 ? 0.36865 0.31314 0.33121 -0.00690 0.15740  -0.08022 33  TYR A CD1 
551  C CD2 . TYR A 36 ? 0.42116 0.33134 0.33700 -0.01359 0.13541  -0.07783 33  TYR A CD2 
552  C CE1 . TYR A 36 ? 0.45451 0.37314 0.37305 -0.02524 0.16354  -0.08633 33  TYR A CE1 
553  C CE2 . TYR A 36 ? 0.49888 0.38651 0.37111 -0.03084 0.13652  -0.08305 33  TYR A CE2 
554  C CZ  . TYR A 36 ? 0.54155 0.43153 0.41302 -0.03655 0.15160  -0.08627 33  TYR A CZ  
555  O OH  . TYR A 36 ? 0.69412 0.55785 0.51773 -0.05403 0.15362  -0.08934 33  TYR A OH  
565  N N   . PRO A 37 ? 0.38218 0.34467 0.46935 0.06749  0.14645  -0.05086 34  PRO A N   
566  C CA  . PRO A 37 ? 0.37837 0.35681 0.49853 0.08950  0.13610  -0.03344 34  PRO A CA  
567  C C   . PRO A 37 ? 0.38506 0.41161 0.53903 0.09897  0.12567  -0.02758 34  PRO A C   
568  O O   . PRO A 37 ? 0.44165 0.48608 0.61487 0.11514  0.11050  -0.01059 34  PRO A O   
569  C CB  . PRO A 37 ? 0.43955 0.39400 0.57576 0.10099  0.14684  -0.03449 34  PRO A CB  
570  C CG  . PRO A 37 ? 0.40823 0.35302 0.53415 0.08776  0.16425  -0.05435 34  PRO A CG  
571  C CD  . PRO A 37 ? 0.40065 0.33624 0.48351 0.06443  0.16320  -0.06313 34  PRO A CD  
579  N N   . GLU A 38 ? 0.35100 0.39805 0.51005 0.08803  0.13250  -0.04029 35  GLU A N   
580  C CA  . GLU A 38 ? 0.36791 0.46295 0.56224 0.09286  0.12318  -0.03801 35  GLU A CA  
581  C C   . GLU A 38 ? 0.32350 0.43752 0.50548 0.08303  0.10933  -0.03312 35  GLU A C   
582  O O   . GLU A 38 ? 0.35056 0.50476 0.55998 0.08581  0.09591  -0.02992 35  GLU A O   
583  C CB  . GLU A 38 ? 0.38996 0.49705 0.59469 0.08238  0.13904  -0.05279 35  GLU A CB  
584  C CG  . GLU A 38 ? 0.47702 0.55322 0.63476 0.05821  0.15330  -0.06431 35  GLU A CG  
585  C CD  . GLU A 38 ? 0.45410 0.49127 0.59163 0.05553  0.17042  -0.07346 35  GLU A CD  
586  O OE1 . GLU A 38 ? 0.40688 0.41333 0.52079 0.05656  0.16739  -0.07090 35  GLU A OE1 
587  O OE2 . GLU A 38 ? 0.51329 0.55003 0.65948 0.05119  0.18806  -0.08420 35  GLU A OE2 
594  N N   . LEU A 39 ? 0.30386 0.38864 0.43880 0.06836  0.10544  -0.03269 36  LEU A N   
595  C CA  . LEU A 39 ? 0.30714 0.40181 0.42075 0.05651  0.08842  -0.02866 36  LEU A CA  
596  C C   . LEU A 39 ? 0.30247 0.40039 0.41105 0.06614  0.06954  -0.01332 36  LEU A C   
597  O O   . LEU A 39 ? 0.34665 0.42350 0.45115 0.07634  0.07042  -0.00453 36  LEU A O   
598  C CB  . LEU A 39 ? 0.35190 0.41578 0.42362 0.03885  0.09194  -0.03449 36  LEU A CB  
599  C CG  . LEU A 39 ? 0.37061 0.42432 0.42987 0.02461  0.10950  -0.04749 36  LEU A CG  
600  C CD1 . LEU A 39 ? 0.44338 0.46509 0.45714 0.01004  0.10499  -0.04832 36  LEU A CD1 
601  C CD2 . LEU A 39 ? 0.48545 0.57046 0.56708 0.01813  0.11195  -0.05197 36  LEU A CD2 
613  N N   . SER A 40 ? 0.25633 0.37716 0.36141 0.06088  0.05450  -0.01086 37  SER A N   
614  C CA  . SER A 40 ? 0.25165 0.37252 0.34013 0.06544  0.03932  0.00161  37  SER A CA  
615  C C   . SER A 40 ? 0.29209 0.38489 0.34822 0.05439  0.04211  0.00051  37  SER A C   
616  O O   . SER A 40 ? 0.25160 0.33071 0.29819 0.04327  0.04934  -0.00893 37  SER A O   
617  C CB  . SER A 40 ? 0.28634 0.44118 0.38017 0.06175  0.02338  0.00074  37  SER A CB  
618  O OG  . SER A 40 ? 0.26307 0.41619 0.34324 0.04407  0.02627  -0.01150 37  SER A OG  
624  N N   . ILE A 41 ? 0.29755 0.38232 0.33763 0.05765  0.03638  0.01108  38  ILE A N   
625  C CA  . ILE A 41 ? 0.31207 0.37856 0.33187 0.04753  0.03971  0.00868  38  ILE A CA  
626  C C   . ILE A 41 ? 0.24800 0.32487 0.26163 0.03635  0.03594  -0.00173 38  ILE A C   
627  O O   . ILE A 41 ? 0.24429 0.30732 0.25339 0.02865  0.03932  -0.00828 38  ILE A O   
628  C CB  . ILE A 41 ? 0.40903 0.46599 0.41379 0.05144  0.03920  0.02131  38  ILE A CB  
629  C CG1 . ILE A 41 ? 0.44559 0.48052 0.45539 0.06096  0.04598  0.03197  38  ILE A CG1 
630  C CG2 . ILE A 41 ? 0.36941 0.41639 0.36320 0.04043  0.04469  0.01613  38  ILE A CG2 
631  C CD1 . ILE A 41 ? 0.48977 0.50159 0.50514 0.05426  0.05698  0.02330  38  ILE A CD1 
643  N N   . PRO A 42 ? 0.23464 0.33371 0.24856 0.03469  0.02787  -0.00424 39  PRO A N   
644  C CA  . PRO A 42 ? 0.25135 0.35366 0.26109 0.02291  0.02715  -0.01622 39  PRO A CA  
645  C C   . PRO A 42 ? 0.24409 0.33831 0.26160 0.01634  0.03332  -0.02347 39  PRO A C   
646  O O   . PRO A 42 ? 0.22954 0.30816 0.23790 0.00877  0.03521  -0.02858 39  PRO A O   
647  C CB  . PRO A 42 ? 0.30597 0.43517 0.31717 0.02104  0.01668  -0.01892 39  PRO A CB  
648  C CG  . PRO A 42 ? 0.40762 0.54239 0.41069 0.03204  0.00955  -0.00542 39  PRO A CG  
649  C CD  . PRO A 42 ? 0.32072 0.43974 0.33485 0.04273  0.01693  0.00427  39  PRO A CD  
657  N N   . ASP A 43 ? 0.23042 0.33317 0.26372 0.01955  0.03760  -0.02350 40  ASP A N   
658  C CA  . ASP A 43 ? 0.25969 0.34944 0.29197 0.01152  0.04794  -0.02996 40  ASP A CA  
659  C C   . ASP A 43 ? 0.26150 0.31995 0.27245 0.00903  0.04998  -0.02827 40  ASP A C   
660  O O   . ASP A 43 ? 0.22685 0.26811 0.22235 -0.00008 0.05034  -0.03113 40  ASP A O   
661  C CB  . ASP A 43 ? 0.24527 0.34584 0.29889 0.01751  0.05765  -0.03136 40  ASP A CB  
662  C CG  . ASP A 43 ? 0.33758 0.47624 0.42328 0.01916  0.05450  -0.03474 40  ASP A CG  
663  O OD1 . ASP A 43 ? 0.34349 0.49720 0.43011 0.00942  0.04714  -0.03971 40  ASP A OD1 
664  O OD2 . ASP A 43 ? 0.28594 0.44009 0.39998 0.03034  0.05940  -0.03370 40  ASP A OD2 
669  N N   . LEU A 44 ? 0.20641 0.25610 0.21660 0.01662  0.04963  -0.02301 41  LEU A N   
670  C CA  . LEU A 44 ? 0.23177 0.25716 0.22688 0.01251  0.04860  -0.02322 41  LEU A CA  
671  C C   . LEU A 44 ? 0.17980 0.20219 0.17131 0.00963  0.03958  -0.02224 41  LEU A C   
672  O O   . LEU A 44 ? 0.23491 0.24160 0.21609 0.00456  0.03426  -0.02333 41  LEU A O   
673  C CB  . LEU A 44 ? 0.31031 0.32716 0.31013 0.01869  0.05248  -0.01995 41  LEU A CB  
674  C CG  . LEU A 44 ? 0.40222 0.41239 0.40490 0.02099  0.06447  -0.02458 41  LEU A CG  
675  C CD1 . LEU A 44 ? 0.45156 0.45556 0.46688 0.03181  0.07009  -0.01937 41  LEU A CD1 
676  C CD2 . LEU A 44 ? 0.42947 0.41558 0.40785 0.00931  0.06870  -0.03326 41  LEU A CD2 
688  N N   . MET A 45 ? 0.20154 0.23814 0.20052 0.01305  0.03764  -0.02063 42  MET A N   
689  C CA  . MET A 45 ? 0.20553 0.23932 0.20605 0.01136  0.03364  -0.02277 42  MET A CA  
690  C C   . MET A 45 ? 0.19772 0.22228 0.19169 0.00576  0.03078  -0.02683 42  MET A C   
691  O O   . MET A 45 ? 0.23087 0.24190 0.22522 0.00570  0.02506  -0.02640 42  MET A O   
692  C CB  . MET A 45 ? 0.22517 0.27283 0.22790 0.01403  0.03649  -0.02294 42  MET A CB  
693  C CG  . MET A 45 ? 0.27166 0.31984 0.27631 0.01786  0.04126  -0.01642 42  MET A CG  
694  S SD  . MET A 45 ? 0.31166 0.36873 0.30641 0.01755  0.04766  -0.01687 42  MET A SD  
695  C CE  . MET A 45 ? 0.33294 0.40516 0.31260 0.01859  0.04012  -0.01559 42  MET A CE  
705  N N   . ALA A 46 ? 0.18588 0.21673 0.17648 0.00123  0.03444  -0.03005 43  ALA A N   
706  C CA  . ALA A 46 ? 0.22516 0.24137 0.20717 -0.00697 0.03511  -0.03315 43  ALA A CA  
707  C C   . ALA A 46 ? 0.25633 0.24808 0.22069 -0.01045 0.03356  -0.02826 43  ALA A C   
708  O O   . ALA A 46 ? 0.26832 0.23735 0.22093 -0.01300 0.02846  -0.02512 43  ALA A O   
709  C CB  . ALA A 46 ? 0.24922 0.28112 0.23626 -0.01441 0.04131  -0.03906 43  ALA A CB  
715  N N   . ILE A 47 ? 0.24525 0.23786 0.20409 -0.01055 0.03776  -0.02747 44  ILE A N   
716  C CA  . ILE A 47 ? 0.26017 0.22743 0.19280 -0.01625 0.03633  -0.02491 44  ILE A CA  
717  C C   . ILE A 47 ? 0.27370 0.22940 0.20320 -0.01226 0.01991  -0.01988 44  ILE A C   
718  O O   . ILE A 47 ? 0.29766 0.22996 0.20409 -0.01627 0.01028  -0.01468 44  ILE A O   
719  C CB  . ILE A 47 ? 0.26208 0.23166 0.19096 -0.01728 0.04730  -0.02908 44  ILE A CB  
720  C CG1 . ILE A 47 ? 0.29892 0.27862 0.23356 -0.02273 0.06401  -0.03443 44  ILE A CG1 
721  C CG2 . ILE A 47 ? 0.32464 0.26701 0.22105 -0.02390 0.04350  -0.02874 44  ILE A CG2 
722  C CD1 . ILE A 47 ? 0.31844 0.31083 0.26853 -0.01786 0.07709  -0.03985 44  ILE A CD1 
734  N N   . ALA A 48 ? 0.28577 0.25829 0.23924 -0.00476 0.01611  -0.02071 45  ALA A N   
735  C CA  . ALA A 48 ? 0.26974 0.23995 0.23331 -0.00130 0.00145  -0.01805 45  ALA A CA  
736  C C   . ALA A 48 ? 0.28993 0.25284 0.26023 0.00286  -0.00705 -0.01450 45  ALA A C   
737  O O   . ALA A 48 ? 0.29519 0.24625 0.26316 0.00487  -0.02361 -0.00908 45  ALA A O   
738  C CB  . ALA A 48 ? 0.25738 0.24779 0.24863 0.00349  0.00519  -0.02052 45  ALA A CB  
744  N N   . LEU A 49 ? 0.27209 0.24083 0.25148 0.00466  0.00269  -0.01788 46  LEU A N   
745  C CA  . LEU A 49 ? 0.28028 0.23602 0.26690 0.00891  -0.00152 -0.01670 46  LEU A CA  
746  C C   . LEU A 49 ? 0.30586 0.22942 0.26243 0.00371  -0.00801 -0.00826 46  LEU A C   
747  O O   . LEU A 49 ? 0.35514 0.26021 0.31315 0.01009  -0.02169 -0.00051 46  LEU A O   
748  C CB  . LEU A 49 ? 0.28469 0.24984 0.28037 0.00790  0.01213  -0.02556 46  LEU A CB  
749  C CG  . LEU A 49 ? 0.27178 0.26116 0.28986 0.01322  0.01859  -0.03211 46  LEU A CG  
750  C CD1 . LEU A 49 ? 0.28811 0.28782 0.30067 0.00828  0.03008  -0.04123 46  LEU A CD1 
751  C CD2 . LEU A 49 ? 0.28754 0.27596 0.33380 0.02290  0.01520  -0.03369 46  LEU A CD2 
763  N N   . TYR A 50 ? 0.31066 0.22682 0.24062 -0.00753 0.00207  -0.00882 47  TYR A N   
764  C CA  . TYR A 50 ? 0.34815 0.22967 0.24128 -0.01582 0.00011  -0.00007 47  TYR A CA  
765  C C   . TYR A 50 ? 0.42117 0.28632 0.29231 -0.01370 -0.01960 0.00992  47  TYR A C   
766  O O   . TYR A 50 ? 0.44280 0.27699 0.29211 -0.01237 -0.03312 0.02221  47  TYR A O   
767  C CB  . TYR A 50 ? 0.36650 0.24838 0.23992 -0.02981 0.01933  -0.00511 47  TYR A CB  
768  C CG  . TYR A 50 ? 0.40454 0.24817 0.23068 -0.04144 0.02121  0.00396  47  TYR A CG  
769  C CD1 . TYR A 50 ? 0.46659 0.27679 0.27472 -0.04698 0.02302  0.01223  47  TYR A CD1 
770  C CD2 . TYR A 50 ? 0.43023 0.26579 0.22488 -0.04798 0.02248  0.00429  47  TYR A CD2 
771  C CE1 . TYR A 50 ? 0.58156 0.35108 0.33846 -0.05888 0.02589  0.02328  47  TYR A CE1 
772  C CE2 . TYR A 50 ? 0.49363 0.29029 0.23489 -0.06055 0.02564  0.01268  47  TYR A CE2 
773  C CZ  . TYR A 50 ? 0.54686 0.31038 0.26797 -0.06615 0.02737  0.02358  47  TYR A CZ  
774  O OH  . TYR A 50 ? 0.61487 0.33398 0.27525 -0.08004 0.03183  0.03469  47  TYR A OH  
784  N N   . ASP A 51 ? 0.37759 0.26116 0.25326 -0.01356 -0.02347 0.00508  48  ASP A N   
785  C CA  . ASP A 51 ? 0.43987 0.30837 0.28726 -0.01697 -0.04198 0.01073  48  ASP A CA  
786  C C   . ASP A 51 ? 0.45079 0.32191 0.32061 -0.00536 -0.06949 0.01879  48  ASP A C   
787  O O   . ASP A 51 ? 0.48890 0.33920 0.32860 -0.00723 -0.09174 0.02895  48  ASP A O   
788  C CB  . ASP A 51 ? 0.39380 0.27925 0.24345 -0.02193 -0.03603 0.00016  48  ASP A CB  
789  C CG  . ASP A 51 ? 0.48146 0.35139 0.29276 -0.03457 -0.01644 -0.00542 48  ASP A CG  
790  O OD1 . ASP A 51 ? 0.45337 0.30250 0.23663 -0.04165 -0.00594 -0.00112 48  ASP A OD1 
791  O OD2 . ASP A 51 ? 0.43227 0.30903 0.24300 -0.03817 -0.00906 -0.01502 48  ASP A OD2 
796  N N   . HIS A 52 ? 0.41068 0.30794 0.33278 0.00653  -0.06890 0.01430  49  HIS A N   
797  C CA  . HIS A 52 ? 0.50032 0.40482 0.45506 0.01925  -0.09282 0.02050  49  HIS A CA  
798  C C   . HIS A 52 ? 0.59846 0.48283 0.56351 0.03101  -0.09608 0.02934  49  HIS A C   
799  O O   . HIS A 52 ? 0.62030 0.49327 0.59203 0.04139  -0.12152 0.04151  49  HIS A O   
800  C CB  . HIS A 52 ? 0.55453 0.49865 0.56612 0.02550  -0.08922 0.00959  49  HIS A CB  
801  C CG  . HIS A 52 ? 0.63035 0.58985 0.68550 0.03763  -0.11379 0.01373  49  HIS A CG  
802  N ND1 . HIS A 52 ? 0.66475 0.62319 0.75606 0.05391  -0.11661 0.01742  49  HIS A ND1 
803  C CD2 . HIS A 52 ? 0.66415 0.64147 0.73659 0.03596  -0.13778 0.01377  49  HIS A CD2 
804  C CE1 . HIS A 52 ? 0.66491 0.64343 0.79956 0.06423  -0.14127 0.02061  49  HIS A CE1 
805  N NE2 . HIS A 52 ? 0.76914 0.76163 0.89352 0.05243  -0.15589 0.01832  49  HIS A NE2 
813  N N   . LEU A 53 ? 0.51216 0.39080 0.48015 0.02981  -0.07251 0.02320  50  LEU A N   
814  C CA  . LEU A 53 ? 0.53538 0.39226 0.51766 0.04015  -0.07102 0.02754  50  LEU A CA  
815  C C   . LEU A 53 ? 0.58367 0.39594 0.51798 0.03047  -0.06449 0.03704  50  LEU A C   
816  O O   . LEU A 53 ? 0.60434 0.38766 0.54439 0.03794  -0.06436 0.04297  50  LEU A O   
817  C CB  . LEU A 53 ? 0.58618 0.46490 0.60622 0.04364  -0.04840 0.01081  50  LEU A CB  
818  C CG  . LEU A 53 ? 0.56598 0.48570 0.63243 0.05094  -0.04727 0.00077  50  LEU A CG  
819  C CD1 . LEU A 53 ? 0.59748 0.53417 0.67685 0.04747  -0.02132 -0.01542 50  LEU A CD1 
820  C CD2 . LEU A 53 ? 0.66477 0.58986 0.77806 0.06916  -0.06389 0.00493  50  LEU A CD2 
832  N N   . ASN A 54 ? 0.59835 0.40204 0.48771 0.01360  -0.05670 0.03803  51  ASN A N   
833  C CA  . ASN A 54 ? 0.69571 0.45942 0.53988 0.00014  -0.04471 0.04545  51  ASN A CA  
834  C C   . ASN A 54 ? 0.73155 0.48891 0.59634 -0.00198 -0.02422 0.03607  51  ASN A C   
835  O O   . ASN A 54 ? 0.78580 0.50147 0.63543 -0.00308 -0.02201 0.04523  51  ASN A O   
836  C CB  . ASN A 54 ? 0.80539 0.52302 0.61059 0.00385  -0.06700 0.06837  51  ASN A CB  
837  C CG  . ASN A 54 ? 0.91937 0.59185 0.66428 -0.01513 -0.05193 0.07769  51  ASN A CG  
838  O OD1 . ASN A 54 ? 0.84098 0.52342 0.56670 -0.03277 -0.02956 0.06722  51  ASN A OD1 
839  N ND2 . ASN A 54 ? 1.29908 0.92034 1.01608 -0.01126 -0.06241 0.09815  51  ASN A ND2 
846  N N   . LEU A 55 ? 0.61129 0.40746 0.50795 -0.00350 -0.00983 0.01789  52  LEU A N   
847  C CA  . LEU A 55 ? 0.56929 0.36361 0.47760 -0.01143 0.00958  0.00516  52  LEU A CA  
848  C C   . LEU A 55 ? 0.55503 0.33887 0.43360 -0.03286 0.02632  0.00356  52  LEU A C   
849  O O   . LEU A 55 ? 0.62136 0.41841 0.48233 -0.04032 0.02913  0.00478  52  LEU A O   
850  C CB  . LEU A 55 ? 0.52518 0.36382 0.46780 -0.00799 0.01696  -0.01251 52  LEU A CB  
851  C CG  . LEU A 55 ? 0.57353 0.42587 0.55150 0.00999  0.00936  -0.01582 52  LEU A CG  
852  C CD1 . LEU A 55 ? 0.55880 0.45204 0.55566 0.00898  0.01916  -0.03074 52  LEU A CD1 
853  C CD2 . LEU A 55 ? 0.60704 0.42848 0.59859 0.01739  0.01244  -0.01766 52  LEU A CD2 
865  N N   . ASP A 56 ? 0.57669 0.33618 0.45293 -0.04374 0.03990  -0.00099 53  ASP A N   
866  C CA  . ASP A 56 ? 0.58006 0.33119 0.43615 -0.06680 0.05886  -0.00431 53  ASP A CA  
867  C C   . ASP A 56 ? 0.50440 0.30864 0.37826 -0.07327 0.06670  -0.01805 53  ASP A C   
868  O O   . ASP A 56 ? 0.45242 0.29339 0.35769 -0.06887 0.06566  -0.03208 53  ASP A O   
869  C CB  . ASP A 56 ? 0.54670 0.27434 0.41125 -0.07902 0.07278  -0.01389 53  ASP A CB  
870  C CG  . ASP A 56 ? 0.63577 0.34573 0.48020 -0.10578 0.09406  -0.01515 53  ASP A CG  
871  O OD1 . ASP A 56 ? 0.65657 0.39551 0.49812 -0.11599 0.10285  -0.01833 53  ASP A OD1 
872  O OD2 . ASP A 56 ? 0.72713 0.39271 0.56146 -0.11718 0.10452  -0.01361 53  ASP A OD2 
877  N N   . PRO A 57 ? 0.50753 0.31565 0.36132 -0.08254 0.07485  -0.01433 54  PRO A N   
878  C CA  . PRO A 57 ? 0.45387 0.31140 0.33253 -0.08626 0.08366  -0.02734 54  PRO A CA  
879  C C   . PRO A 57 ? 0.40833 0.29231 0.31766 -0.09973 0.09550  -0.04349 54  PRO A C   
880  O O   . PRO A 57 ? 0.40774 0.33869 0.34778 -0.09599 0.09349  -0.05396 54  PRO A O   
881  C CB  . PRO A 57 ? 0.51062 0.35543 0.35914 -0.09649 0.09661  -0.02190 54  PRO A CB  
882  C CG  . PRO A 57 ? 0.60852 0.40285 0.41023 -0.09335 0.08538  -0.00375 54  PRO A CG  
883  C CD  . PRO A 57 ? 0.57314 0.33958 0.37878 -0.08866 0.07599  0.00203  54  PRO A CD  
891  N N   . GLU A 58 ? 0.42318 0.27718 0.32484 -0.11576 0.10602  -0.04555 55  GLU A N   
892  C CA  . GLU A 58 ? 0.43174 0.31191 0.36435 -0.13165 0.11477  -0.06392 55  GLU A CA  
893  C C   . GLU A 58 ? 0.40567 0.31041 0.36012 -0.12025 0.09975  -0.07472 55  GLU A C   
894  O O   . GLU A 58 ? 0.37510 0.32504 0.35736 -0.12536 0.09729  -0.08926 55  GLU A O   
895  C CB  . GLU A 58 ? 0.53876 0.37293 0.45592 -0.15331 0.13065  -0.06430 55  GLU A CB  
896  C CG  . GLU A 58 ? 0.61390 0.43608 0.51673 -0.17464 0.15403  -0.06073 55  GLU A CG  
897  C CD  . GLU A 58 ? 0.51290 0.38583 0.45827 -0.19026 0.16518  -0.08076 55  GLU A CD  
898  O OE1 . GLU A 58 ? 0.71418 0.60886 0.68776 -0.19570 0.15865  -0.09629 55  GLU A OE1 
899  O OE2 . GLU A 58 ? 0.73875 0.62971 0.68865 -0.19460 0.17808  -0.08174 55  GLU A OE2 
906  N N   . PHE A 59 ? 0.39182 0.26755 0.33403 -0.10487 0.08966  -0.06798 56  PHE A N   
907  C CA  . PHE A 59 ? 0.40745 0.30248 0.36557 -0.09478 0.08045  -0.07926 56  PHE A CA  
908  C C   . PHE A 59 ? 0.33403 0.27668 0.30499 -0.08205 0.07030  -0.07902 56  PHE A C   
909  O O   . PHE A 59 ? 0.34129 0.31841 0.32610 -0.08461 0.06628  -0.09152 56  PHE A O   
910  C CB  . PHE A 59 ? 0.35395 0.20948 0.30367 -0.07918 0.07538  -0.07185 56  PHE A CB  
911  C CG  . PHE A 59 ? 0.33372 0.20494 0.29804 -0.06865 0.07152  -0.08443 56  PHE A CG  
912  C CD1 . PHE A 59 ? 0.41549 0.30317 0.38595 -0.08165 0.07653  -0.10527 56  PHE A CD1 
913  C CD2 . PHE A 59 ? 0.56686 0.43724 0.53740 -0.04752 0.06336  -0.07633 56  PHE A CD2 
914  C CE1 . PHE A 59 ? 0.46094 0.35869 0.43547 -0.07399 0.07611  -0.11783 56  PHE A CE1 
915  C CE2 . PHE A 59 ? 0.48965 0.37343 0.47252 -0.03962 0.06520  -0.08891 56  PHE A CE2 
916  C CZ  . PHE A 59 ? 0.46661 0.36097 0.44702 -0.05297 0.07282  -0.10947 56  PHE A CZ  
926  N N   . LEU A 60 ? 0.31038 0.25228 0.27343 -0.06950 0.06540  -0.06459 57  LEU A N   
927  C CA  . LEU A 60 ? 0.29095 0.26929 0.26496 -0.05719 0.05768  -0.06271 57  LEU A CA  
928  C C   . LEU A 60 ? 0.32713 0.34449 0.31897 -0.06512 0.06102  -0.06964 57  LEU A C   
929  O O   . LEU A 60 ? 0.27739 0.32804 0.28237 -0.05808 0.05309  -0.07251 57  LEU A O   
930  C CB  . LEU A 60 ? 0.32585 0.29071 0.28704 -0.04634 0.05339  -0.04865 57  LEU A CB  
931  C CG  . LEU A 60 ? 0.30546 0.24351 0.25973 -0.03484 0.04427  -0.04083 57  LEU A CG  
932  C CD1 . LEU A 60 ? 0.35218 0.27559 0.28953 -0.02965 0.03714  -0.02814 57  LEU A CD1 
933  C CD2 . LEU A 60 ? 0.32180 0.28016 0.29424 -0.02341 0.03957  -0.04616 57  LEU A CD2 
945  N N   . TYR A 61 ? 0.27514 0.28881 0.26875 -0.07951 0.07302  -0.07136 58  TYR A N   
946  C CA  . TYR A 61 ? 0.27758 0.33399 0.30044 -0.08678 0.07702  -0.07974 58  TYR A CA  
947  C C   . TYR A 61 ? 0.32018 0.40580 0.36192 -0.09448 0.06802  -0.09371 58  TYR A C   
948  O O   . TYR A 61 ? 0.30082 0.42984 0.36514 -0.08843 0.05726  -0.09663 58  TYR A O   
949  C CB  . TYR A 61 ? 0.33641 0.38163 0.35995 -0.10447 0.09672  -0.08170 58  TYR A CB  
950  C CG  . TYR A 61 ? 0.34451 0.43926 0.41012 -0.11200 0.10308  -0.09230 58  TYR A CG  
951  C CD1 . TYR A 61 ? 0.35000 0.47184 0.43496 -0.09900 0.10540  -0.08916 58  TYR A CD1 
952  C CD2 . TYR A 61 ? 0.37906 0.49508 0.47056 -0.13193 0.10637  -0.10682 58  TYR A CD2 
953  C CE1 . TYR A 61 ? 0.36265 0.53384 0.49651 -0.10247 0.11037  -0.09879 58  TYR A CE1 
954  C CE2 . TYR A 61 ? 0.36512 0.53435 0.50563 -0.13828 0.10947  -0.11735 58  TYR A CE2 
955  C CZ  . TYR A 61 ? 0.33279 0.52915 0.49506 -0.12081 0.11020  -0.11196 58  TYR A CZ  
956  O OH  . TYR A 61 ? 0.41936 0.65872 0.62752 -0.11845 0.10744  -0.11806 58  TYR A OH  
966  N N   . ARG A 62 ? 0.32798 0.38801 0.35872 -0.10760 0.07107  -0.10238 59  ARG A N   
967  C CA  . ARG A 62 ? 0.36314 0.44633 0.40483 -0.11858 0.06267  -0.11932 59  ARG A CA  
968  C C   . ARG A 62 ? 0.34918 0.44907 0.38136 -0.10258 0.04674  -0.11831 59  ARG A C   
969  O O   . ARG A 62 ? 0.35219 0.48922 0.39370 -0.10655 0.03373  -0.12741 59  ARG A O   
970  C CB  . ARG A 62 ? 0.40419 0.44546 0.43165 -0.13531 0.07247  -0.13004 59  ARG A CB  
971  C CG  . ARG A 62 ? 0.52694 0.55124 0.56222 -0.15752 0.08998  -0.13310 59  ARG A CG  
972  C CD  . ARG A 62 ? 0.58613 0.55044 0.59943 -0.16811 0.10126  -0.13639 59  ARG A CD  
973  N NE  . ARG A 62 ? 0.59470 0.53687 0.60883 -0.18887 0.11970  -0.13579 59  ARG A NE  
974  C CZ  . ARG A 62 ? 0.69539 0.65990 0.72911 -0.20542 0.12397  -0.14938 59  ARG A CZ  
975  N NH1 . ARG A 62 ? 0.65430 0.66283 0.70827 -0.20862 0.10976  -0.16600 59  ARG A NH1 
976  N NH2 . ARG A 62 ? 0.70963 0.65049 0.73968 -0.21950 0.14190  -0.14582 59  ARG A NH2 
990  N N   . LEU A 63 ? 0.33107 0.40440 0.34384 -0.08575 0.04721  -0.10716 60  LEU A N   
991  C CA  . LEU A 63 ? 0.34989 0.43691 0.35250 -0.07219 0.03719  -0.10496 60  LEU A CA  
992  C C   . LEU A 63 ? 0.34058 0.46621 0.35601 -0.06194 0.02651  -0.09529 60  LEU A C   
993  O O   . LEU A 63 ? 0.38862 0.53845 0.39843 -0.05899 0.01429  -0.09688 60  LEU A O   
994  C CB  . LEU A 63 ? 0.37533 0.43082 0.36525 -0.05749 0.04197  -0.09522 60  LEU A CB  
995  C CG  . LEU A 63 ? 0.42402 0.44297 0.40500 -0.06039 0.05021  -0.10408 60  LEU A CG  
996  C CD1 . LEU A 63 ? 0.43166 0.42734 0.41310 -0.04354 0.05193  -0.09172 60  LEU A CD1 
997  C CD2 . LEU A 63 ? 0.51956 0.54639 0.48925 -0.06626 0.05036  -0.12098 60  LEU A CD2 
1010 N N   . LEU A 64 ? 0.29923 0.42761 0.32916 -0.05641 0.03147  -0.08532 61  LEU A N   
1011 C CA  . LEU A 64 ? 0.32101 0.48127 0.36872 -0.04432 0.02404  -0.07664 61  LEU A CA  
1012 C C   . LEU A 64 ? 0.37721 0.58191 0.45128 -0.05178 0.01279  -0.08511 61  LEU A C   
1013 O O   . LEU A 64 ? 0.38020 0.61378 0.46281 -0.04018 -0.00219 -0.07834 61  LEU A O   
1014 C CB  . LEU A 64 ? 0.30441 0.45407 0.36152 -0.03934 0.03617  -0.06892 61  LEU A CB  
1015 C CG  . LEU A 64 ? 0.37204 0.48848 0.40718 -0.02847 0.04014  -0.05819 61  LEU A CG  
1016 C CD1 . LEU A 64 ? 0.31913 0.42144 0.35463 -0.02934 0.05257  -0.05482 61  LEU A CD1 
1017 C CD2 . LEU A 64 ? 0.29940 0.42430 0.33140 -0.01272 0.03142  -0.04886 61  LEU A CD2 
1029 N N   . GLN A 65 ? 0.31878 0.52976 0.40796 -0.07154 0.01862  -0.09923 62  GLN A N   
1030 C CA  . GLN A 65 ? 0.40083 0.65991 0.52186 -0.08163 0.00555  -0.11008 62  GLN A CA  
1031 C C   . GLN A 65 ? 0.49145 0.76472 0.59103 -0.08238 -0.01612 -0.11489 62  GLN A C   
1032 O O   . GLN A 65 ? 0.51659 0.83276 0.63316 -0.07681 -0.03749 -0.11259 62  GLN A O   
1033 C CB  . GLN A 65 ? 0.41560 0.67313 0.55436 -0.10754 0.01897  -0.12656 62  GLN A CB  
1034 C CG  . GLN A 65 ? 0.43203 0.68460 0.59348 -0.11081 0.04108  -0.12331 62  GLN A CG  
1035 C CD  . GLN A 65 ? 0.61529 0.87158 0.79833 -0.13989 0.05567  -0.13987 62  GLN A CD  
1036 O OE1 . GLN A 65 ? 0.57063 0.78909 0.72778 -0.15634 0.06279  -0.14735 62  GLN A OE1 
1037 N NE2 . GLN A 65 ? 0.64745 0.93460 0.86915 -0.13987 0.05970  -0.14134 62  GLN A NE2 
1046 N N   . GLN A 66 ? 0.47401 0.71101 0.53508 -0.08882 -0.01104 -0.12140 63  GLN A N   
1047 C CA  . GLN A 66 ? 0.63200 0.87561 0.66209 -0.09120 -0.02676 -0.12775 63  GLN A CA  
1048 C C   . GLN A 66 ? 0.64927 0.90727 0.66676 -0.06970 -0.04106 -0.10837 63  GLN A C   
1049 O O   . GLN A 66 ? 0.71666 1.00641 0.72793 -0.06947 -0.06391 -0.10754 63  GLN A O   
1050 C CB  . GLN A 66 ? 0.62466 0.82135 0.61870 -0.09698 -0.01169 -0.13712 63  GLN A CB  
1051 C CG  . GLN A 66 ? 0.69683 0.87158 0.69659 -0.11870 0.00098  -0.15660 63  GLN A CG  
1052 C CD  . GLN A 66 ? 0.74607 0.87222 0.71640 -0.11874 0.01667  -0.16419 63  GLN A CD  
1053 O OE1 . GLN A 66 ? 0.90723 1.02857 0.84880 -0.11960 0.01427  -0.17274 63  GLN A OE1 
1054 N NE2 . GLN A 66 ? 0.69201 0.78057 0.66972 -0.11570 0.03330  -0.15908 63  GLN A NE2 
1063 N N   . SER A 67 ? 0.57756 0.81036 0.58908 -0.05226 -0.02896 -0.09207 64  SER A N   
1064 C CA  . SER A 67 ? 0.65107 0.88749 0.64724 -0.03358 -0.03810 -0.07307 64  SER A CA  
1065 C C   . SER A 67 ? 0.70571 0.98440 0.73109 -0.02349 -0.05875 -0.06303 64  SER A C   
1066 O O   . SER A 67 ? 0.73050 1.01880 0.73640 -0.01274 -0.07578 -0.04954 64  SER A O   
1067 C CB  . SER A 67 ? 0.58565 0.79104 0.58161 -0.01982 -0.02093 -0.05998 64  SER A CB  
1068 O OG  . SER A 67 ? 0.68534 0.90157 0.71579 -0.01069 -0.01817 -0.05195 64  SER A OG  
1074 N N   . ARG A 68 ? 0.78762 1.09121 0.86037 -0.02644 -0.05678 -0.06847 65  ARG A N   
1075 C CA  . ARG A 68 ? 0.77948 1.12746 0.89475 -0.01400 -0.07410 -0.06014 65  ARG A CA  
1076 C C   . ARG A 68 ? 0.73895 1.13053 0.86071 -0.02521 -0.10261 -0.06971 65  ARG A C   
1077 O O   . ARG A 68 ? 0.75635 1.14637 0.86268 -0.04856 -0.10263 -0.08943 65  ARG A O   
1078 C CB  . ARG A 68 ? 0.80691 1.16703 0.97416 -0.01465 -0.05618 -0.06552 65  ARG A CB  
1079 C CG  . ARG A 68 ? 0.83454 1.15525 0.99411 -0.00263 -0.03231 -0.05556 65  ARG A CG  
1080 C CD  . ARG A 68 ? 0.75567 1.07414 0.94469 -0.01257 -0.00846 -0.06606 65  ARG A CD  
1081 N NE  . ARG A 68 ? 0.82296 1.10094 0.99391 -0.00420 0.01145  -0.05830 65  ARG A NE  
1082 C CZ  . ARG A 68 ? 0.76333 1.02319 0.93798 -0.01340 0.03435  -0.06473 65  ARG A CZ  
1083 N NH1 . ARG A 68 ? 0.68900 0.96496 0.88674 -0.03163 0.04468  -0.07814 65  ARG A NH1 
1084 N NH2 . ARG A 68 ? 0.59516 0.81804 0.74650 -0.00635 0.04754  -0.05790 65  ARG A NH2 
1098 O O   . HOH B .  ? 0.56744 0.43919 0.58437 0.01130  0.10167  -0.01265 101 HOH A O   
1099 O O   . HOH B .  ? 0.37141 0.37720 0.44529 0.07258  0.08960  -0.00709 102 HOH A O   
1100 O O   . HOH B .  ? 0.89058 0.56761 0.79651 0.03337  -0.04154 0.05611  103 HOH A O   
1101 O O   . HOH B .  ? 0.79132 0.56598 0.46490 -0.13625 -0.01762 -0.13308 104 HOH A O   
1102 O O   . HOH B .  ? 0.40778 0.36013 0.36719 -0.00350 -0.04946 -0.01008 105 HOH A O   
1103 O O   . HOH B .  ? 0.62365 0.35136 0.17519 -0.08954 -0.04409 0.01003  106 HOH A O   
1104 O O   . HOH B .  ? 0.64294 0.33009 0.26027 -0.05872 -0.04037 0.06310  107 HOH A O   
1105 O O   . HOH B .  ? 0.59449 0.33469 0.52292 -0.02683 0.04406  -0.01986 108 HOH A O   
1106 O O   . HOH B .  ? 0.59650 0.34797 0.33853 -0.02472 -0.05941 0.05350  109 HOH A O   
1107 O O   . HOH B .  ? 0.55008 0.37648 0.62454 0.07580  0.17361  -0.05093 110 HOH A O   
1108 O O   . HOH B .  ? 0.39791 0.47079 0.57120 -0.01624 -0.07147 -0.04051 111 HOH A O   
1109 O O   . HOH B .  ? 0.38929 0.49310 0.43351 0.08695  0.01376  0.04371  112 HOH A O   
1110 O O   . HOH B .  ? 0.83288 0.47255 0.46727 -0.08560 0.03297  0.06183  113 HOH A O   
1111 O O   . HOH B .  ? 0.59836 0.61865 0.68398 0.00320  -0.12568 -0.01357 114 HOH A O   
1112 O O   . HOH B .  ? 0.59982 0.56607 0.56240 -0.08745 -0.12823 -0.07270 115 HOH A O   
1113 O O   . HOH B .  ? 0.84300 0.62179 0.53882 -0.14218 0.17659  -0.03427 116 HOH A O   
1114 O O   . HOH B .  ? 0.57723 0.45055 0.57762 -0.24742 0.18819  -0.12845 117 HOH A O   
1115 O O   . HOH B .  ? 0.75367 0.61424 0.50129 -0.06384 -0.15944 -0.01195 118 HOH A O   
1116 O O   . HOH B .  ? 0.51967 0.43473 0.40440 -0.02320 -0.07714 -0.00899 119 HOH A O   
1117 O O   . HOH B .  ? 0.71373 0.62268 0.60059 -0.06181 0.20366  -0.09617 120 HOH A O   
1118 O O   . HOH B .  ? 0.64290 0.56243 0.55456 -0.00908 -0.12341 0.00768  121 HOH A O   
1119 O O   . HOH B .  ? 0.79321 0.57707 0.43943 -0.04977 -0.19478 0.04354  122 HOH A O   
1120 O O   . HOH B .  ? 0.58166 0.63918 0.64715 0.10616  0.03377  0.05433  123 HOH A O   
1121 O O   . HOH B .  ? 0.64008 0.34698 0.64605 0.00441  0.17234  -0.06619 124 HOH A O   
1122 O O   . HOH B .  ? 0.60729 0.69516 0.74525 -0.21051 0.25376  -0.13518 125 HOH A O   
# 
